data_3F73
#
_entry.id   3F73
#
_cell.length_a   61.162
_cell.length_b   120.527
_cell.length_c   109.085
_cell.angle_alpha   90.00
_cell.angle_beta   105.30
_cell.angle_gamma   90.00
#
_symmetry.space_group_name_H-M   'P 1 21 1'
#
loop_
_entity.id
_entity.type
_entity.pdbx_description
1 polymer ARGONAUTE
2 polymer "DNA (5'-D(P*DTP*DGP*DAP*DGP*DGP*DTP*DAP*DGP*DTP*DAP*DGP*DGP*DTP*DTP*DGP*DTP*DA*DTP*DAP*DGP*DT)-3')"
3 polymer "RNA (5'-R(*UP*AP*UP*AP*CP*AP*A*CP*UP*CP*AP*CP*UP*AP*CP*CP*UP*CP*GP*U)-3')"
4 non-polymer 'MAGNESIUM ION'
5 non-polymer 'PHOSPHATE ION'
6 water water
#
loop_
_entity_poly.entity_id
_entity_poly.type
_entity_poly.pdbx_seq_one_letter_code
_entity_poly.pdbx_strand_id
1 'polypeptide(L)'
;MNHLGKTEVFLNRFALRPLNPEELRPWRLEVVLDPPPGREEVYPLLAQVARRAGGVTVRMGDGLASWSPPEVLVLEGTLA
RMGQTYAYRLYPKGRRPLDPKDPGERSVLSALARRLLQERLRRLEGVWVEGLAVYRREHARGPGWRVLGGAVLDLWVSDS
GAFLLEVDPAYRILCEMSLEAWLAQGHPLPKRVRNAYDRRTWELLRLGEEDPKELPLPGGLSLLDYHASKGRLQGREGGR
VAWVADPKDPRKPIPHLTGLLVPVLTLEDLHEEEGSLALSLPWEERRRRTREIASWIGRRLGLGTPEAVRAQAYRLSIPK
LMGRRAVSKPADALRVGFYRAQETALALLRLDGAQGWPEFLRRALLRAFGASGASLRLHTLHAHPSQGLAFREALRKAKE
EGVQAVLVLTPPMAWEDRNRLKALLLREGLPSQILNVPLREEERHRWENALLGLLAKAGLQVVALSGAYPAELAVGFDAG
GRESFRFGGAACAVGGDGGHLLWTLPEAQAGERIPQEVVWDLLEETLWAFRRKAGRLPSRVLLLRDGRVPQDEFALALEA
LAREGIAYDLVSVRKSGGGRVYPVQGRLADGLYVPLEDKTFLLLTVHRDFRGTPRPLKLVHEAGDTPLEALAHQIFHLTR
LYPASGFAFPRLPAPLHLADRLVKEVGRLGIRHLKEVDREKLFFV
;
A,B
2 'polydeoxyribonucleotide'
;(DT)(DG)(DA)(DG)(DG)(DT)(DA)(DG)(DT)(DA)(DG)(DG)(DT)(DT)(DG)(DT)(DA)(DT)(DA)(DG)
(DT)
;
C,X
3 'polyribonucleotide' UAUACAACUCACUACCUCGU H,Y
#
loop_
_chem_comp.id
_chem_comp.type
_chem_comp.name
_chem_comp.formula
A RNA linking ADENOSINE-5'-MONOPHOSPHATE 'C10 H14 N5 O7 P'
C RNA linking CYTIDINE-5'-MONOPHOSPHATE 'C9 H14 N3 O8 P'
DA DNA linking 2'-DEOXYADENOSINE-5'-MONOPHOSPHATE 'C10 H14 N5 O6 P'
DG DNA linking 2'-DEOXYGUANOSINE-5'-MONOPHOSPHATE 'C10 H14 N5 O7 P'
DT DNA linking THYMIDINE-5'-MONOPHOSPHATE 'C10 H15 N2 O8 P'
G RNA linking GUANOSINE-5'-MONOPHOSPHATE 'C10 H14 N5 O8 P'
MG non-polymer 'MAGNESIUM ION' 'Mg 2'
PO4 non-polymer 'PHOSPHATE ION' 'O4 P -3'
U RNA linking URIDINE-5'-MONOPHOSPHATE 'C9 H13 N2 O9 P'
#
# COMPACT_ATOMS: atom_id res chain seq x y z
N GLY A 5 -48.85 -19.37 11.52
CA GLY A 5 -47.68 -20.27 11.20
C GLY A 5 -46.58 -20.13 12.26
N LYS A 6 -46.70 -20.87 13.34
CA LYS A 6 -45.73 -20.80 14.44
C LYS A 6 -44.48 -21.62 14.26
N THR A 7 -43.47 -21.22 15.01
CA THR A 7 -42.16 -21.86 15.04
C THR A 7 -41.50 -21.28 16.28
N GLU A 8 -40.42 -21.87 16.76
CA GLU A 8 -39.75 -21.30 17.90
C GLU A 8 -38.26 -21.17 17.59
N VAL A 9 -37.64 -20.14 18.17
CA VAL A 9 -36.23 -19.88 17.93
C VAL A 9 -35.40 -19.70 19.18
N PHE A 10 -34.09 -19.60 18.92
CA PHE A 10 -33.10 -19.40 19.95
C PHE A 10 -32.47 -18.01 19.84
N LEU A 11 -32.44 -17.28 20.96
CA LEU A 11 -31.84 -15.98 20.98
C LEU A 11 -30.42 -16.12 21.52
N ASN A 12 -29.54 -15.18 21.17
CA ASN A 12 -28.18 -15.19 21.66
C ASN A 12 -28.33 -14.70 23.09
N ARG A 13 -29.28 -15.30 23.80
CA ARG A 13 -29.59 -14.94 25.17
C ARG A 13 -29.69 -16.16 26.04
N PHE A 14 -29.15 -16.04 27.26
CA PHE A 14 -29.14 -17.13 28.22
C PHE A 14 -29.66 -16.71 29.59
N ALA A 15 -30.54 -17.52 30.13
CA ALA A 15 -31.13 -17.27 31.43
C ALA A 15 -30.16 -17.74 32.49
N LEU A 16 -30.20 -17.09 33.64
CA LEU A 16 -29.35 -17.44 34.76
C LEU A 16 -30.19 -17.30 36.03
N ARG A 17 -29.59 -17.58 37.19
CA ARG A 17 -30.29 -17.52 38.47
C ARG A 17 -31.05 -16.23 38.76
N PRO A 18 -32.25 -16.34 39.36
CA PRO A 18 -33.05 -15.14 39.67
C PRO A 18 -32.38 -14.39 40.82
N LEU A 19 -32.62 -13.08 40.88
CA LEU A 19 -32.00 -12.26 41.91
C LEU A 19 -32.44 -12.56 43.36
N ASN A 20 -31.53 -13.16 44.13
CA ASN A 20 -31.83 -13.50 45.53
C ASN A 20 -32.21 -12.24 46.32
N PRO A 21 -32.88 -12.41 47.48
CA PRO A 21 -33.32 -11.29 48.32
C PRO A 21 -32.31 -10.15 48.41
N GLU A 22 -31.06 -10.51 48.70
CA GLU A 22 -30.00 -9.52 48.80
C GLU A 22 -30.06 -8.64 47.55
N GLU A 23 -29.71 -9.22 46.42
CA GLU A 23 -29.71 -8.52 45.14
C GLU A 23 -31.04 -7.87 44.84
N LEU A 24 -32.11 -8.43 45.40
CA LEU A 24 -33.45 -7.90 45.18
C LEU A 24 -33.60 -6.47 45.74
N ARG A 25 -32.97 -6.19 46.86
CA ARG A 25 -33.02 -4.84 47.42
C ARG A 25 -31.63 -4.30 47.66
N PRO A 26 -31.16 -3.45 46.74
CA PRO A 26 -29.83 -2.85 46.84
C PRO A 26 -29.81 -1.86 47.96
N TRP A 27 -28.60 -1.44 48.30
CA TRP A 27 -28.40 -0.45 49.33
C TRP A 27 -28.56 0.90 48.64
N ARG A 28 -29.13 1.88 49.33
CA ARG A 28 -29.22 3.22 48.74
C ARG A 28 -28.39 4.15 49.61
N LEU A 29 -27.82 5.16 48.98
CA LEU A 29 -26.96 6.10 49.68
C LEU A 29 -27.19 7.55 49.24
N GLU A 30 -27.20 8.47 50.21
CA GLU A 30 -27.37 9.89 49.91
C GLU A 30 -25.96 10.36 49.52
N VAL A 31 -25.87 11.38 48.67
CA VAL A 31 -24.56 11.89 48.25
C VAL A 31 -24.41 13.40 48.42
N VAL A 32 -23.50 13.84 49.28
CA VAL A 32 -23.27 15.25 49.49
C VAL A 32 -21.95 15.65 48.85
N LEU A 33 -22.00 16.70 48.04
CA LEU A 33 -20.83 17.19 47.31
C LEU A 33 -20.24 18.53 47.76
N ASP A 34 -18.98 18.74 47.40
CA ASP A 34 -18.29 19.96 47.76
C ASP A 34 -17.15 20.25 46.78
N PRO A 35 -17.16 21.44 46.16
CA PRO A 35 -18.19 22.47 46.40
C PRO A 35 -19.47 22.01 45.68
N PRO A 36 -20.61 22.66 45.95
CA PRO A 36 -21.86 22.25 45.28
C PRO A 36 -21.67 22.08 43.78
N PRO A 37 -22.17 20.97 43.21
CA PRO A 37 -22.05 20.72 41.78
C PRO A 37 -23.03 21.61 41.06
N GLY A 38 -23.47 21.20 39.88
CA GLY A 38 -24.43 22.01 39.15
C GLY A 38 -25.69 21.29 38.78
N ARG A 39 -26.06 21.41 37.51
CA ARG A 39 -27.26 20.78 36.98
C ARG A 39 -26.87 20.09 35.69
N GLU A 40 -25.65 20.37 35.25
CA GLU A 40 -25.09 19.80 34.02
C GLU A 40 -23.88 18.95 34.39
N GLU A 41 -23.28 19.25 35.54
CA GLU A 41 -22.11 18.54 36.04
C GLU A 41 -22.55 17.59 37.17
N VAL A 42 -23.78 17.75 37.64
CA VAL A 42 -24.30 16.91 38.71
C VAL A 42 -24.29 15.43 38.38
N TYR A 43 -25.06 15.02 37.37
CA TYR A 43 -25.13 13.61 36.98
C TYR A 43 -23.82 13.07 36.43
N PRO A 44 -23.06 13.88 35.67
CA PRO A 44 -21.81 13.34 35.16
C PRO A 44 -20.82 13.13 36.30
N LEU A 45 -21.22 13.55 37.50
CA LEU A 45 -20.38 13.41 38.68
C LEU A 45 -20.70 12.14 39.46
N LEU A 46 -21.96 11.97 39.82
CA LEU A 46 -22.41 10.80 40.57
C LEU A 46 -21.81 9.55 39.96
N ALA A 47 -21.92 9.43 38.64
CA ALA A 47 -21.39 8.27 37.93
C ALA A 47 -19.91 8.09 38.25
N GLN A 48 -19.26 9.16 38.67
CA GLN A 48 -17.85 9.09 39.03
C GLN A 48 -17.72 8.76 40.53
N VAL A 49 -18.66 9.25 41.33
CA VAL A 49 -18.65 8.99 42.77
C VAL A 49 -18.75 7.50 43.01
N ALA A 50 -19.71 6.88 42.32
CA ALA A 50 -19.93 5.45 42.42
C ALA A 50 -18.67 4.72 42.00
N ARG A 51 -17.88 5.33 41.14
CA ARG A 51 -16.65 4.70 40.70
C ARG A 51 -15.54 4.78 41.73
N ARG A 52 -15.29 5.95 42.31
CA ARG A 52 -14.25 6.04 43.32
C ARG A 52 -14.68 5.35 44.60
N ALA A 53 -15.98 5.26 44.82
CA ALA A 53 -16.51 4.60 46.00
C ALA A 53 -16.13 3.12 45.96
N GLY A 54 -16.00 2.60 44.73
CA GLY A 54 -15.63 1.21 44.55
C GLY A 54 -16.80 0.27 44.74
N GLY A 55 -16.56 -1.02 44.52
CA GLY A 55 -17.59 -2.02 44.66
C GLY A 55 -18.57 -2.07 43.50
N VAL A 56 -19.67 -2.78 43.70
CA VAL A 56 -20.69 -2.90 42.69
C VAL A 56 -21.73 -1.83 43.01
N THR A 57 -21.43 -0.59 42.63
CA THR A 57 -22.33 0.51 42.93
C THR A 57 -22.59 1.32 41.68
N VAL A 58 -23.85 1.77 41.52
CA VAL A 58 -24.27 2.55 40.35
C VAL A 58 -25.12 3.76 40.75
N ARG A 59 -25.25 4.73 39.85
CA ARG A 59 -26.04 5.90 40.16
C ARG A 59 -27.50 5.57 40.03
N MET A 60 -28.24 5.81 41.10
CA MET A 60 -29.68 5.56 41.08
C MET A 60 -30.45 6.87 41.22
N GLY A 61 -30.51 7.62 40.13
CA GLY A 61 -31.20 8.89 40.13
C GLY A 61 -30.41 9.93 40.88
N ASP A 62 -30.98 10.39 42.00
CA ASP A 62 -30.35 11.39 42.83
C ASP A 62 -29.01 10.94 43.41
N GLY A 63 -29.00 9.79 44.10
CA GLY A 63 -27.77 9.28 44.66
C GLY A 63 -27.35 8.01 43.95
N LEU A 64 -26.65 7.11 44.63
CA LEU A 64 -26.23 5.86 44.01
C LEU A 64 -26.68 4.60 44.77
N ALA A 65 -26.83 3.50 44.02
CA ALA A 65 -27.25 2.21 44.57
C ALA A 65 -26.07 1.24 44.57
N SER A 66 -26.15 0.20 45.39
CA SER A 66 -25.06 -0.75 45.51
C SER A 66 -25.37 -2.15 46.01
N TRP A 67 -24.65 -3.12 45.47
CA TRP A 67 -24.78 -4.52 45.90
C TRP A 67 -23.62 -4.85 46.80
N SER A 68 -23.00 -3.81 47.33
CA SER A 68 -21.85 -3.93 48.21
C SER A 68 -22.14 -3.26 49.54
N PRO A 69 -21.63 -3.84 50.63
CA PRO A 69 -21.82 -3.31 51.97
C PRO A 69 -21.11 -1.98 52.10
N PRO A 70 -21.70 -1.03 52.81
CA PRO A 70 -21.07 0.27 52.98
C PRO A 70 -19.68 0.14 53.62
N GLU A 71 -19.32 -1.06 54.07
CA GLU A 71 -18.02 -1.30 54.70
C GLU A 71 -16.87 -1.24 53.70
N VAL A 72 -17.06 -1.92 52.57
CA VAL A 72 -16.06 -1.99 51.52
C VAL A 72 -16.00 -0.71 50.70
N LEU A 73 -17.01 0.14 50.88
CA LEU A 73 -17.09 1.39 50.14
C LEU A 73 -16.34 2.51 50.85
N VAL A 74 -15.70 3.35 50.05
CA VAL A 74 -14.97 4.50 50.56
C VAL A 74 -16.07 5.56 50.63
N LEU A 75 -16.66 5.73 51.81
CA LEU A 75 -17.78 6.64 52.01
C LEU A 75 -17.48 8.13 52.05
N GLU A 76 -16.25 8.51 51.69
CA GLU A 76 -15.87 9.93 51.68
C GLU A 76 -14.55 10.17 50.94
N GLY A 77 -14.51 11.21 50.12
CA GLY A 77 -13.29 11.49 49.39
C GLY A 77 -13.38 12.66 48.44
N THR A 78 -12.46 12.70 47.49
CA THR A 78 -12.39 13.75 46.48
C THR A 78 -12.38 13.16 45.07
N LEU A 79 -12.61 14.02 44.07
CA LEU A 79 -12.62 13.63 42.66
C LEU A 79 -12.40 14.84 41.74
N ALA A 80 -11.50 14.69 40.77
CA ALA A 80 -11.21 15.77 39.82
C ALA A 80 -11.98 15.51 38.53
N ARG A 81 -12.16 16.55 37.73
CA ARG A 81 -12.87 16.44 36.47
C ARG A 81 -12.65 17.69 35.63
N MET A 82 -11.73 17.58 34.67
CA MET A 82 -11.37 18.70 33.78
C MET A 82 -10.66 19.82 34.55
N GLY A 83 -9.86 19.44 35.55
CA GLY A 83 -9.14 20.43 36.35
C GLY A 83 -9.99 21.14 37.37
N GLN A 84 -10.77 20.37 38.13
CA GLN A 84 -11.65 20.92 39.16
C GLN A 84 -11.83 19.82 40.23
N THR A 85 -11.47 20.14 41.47
CA THR A 85 -11.57 19.17 42.55
C THR A 85 -12.98 19.11 43.16
N TYR A 86 -13.28 18.00 43.82
CA TYR A 86 -14.58 17.80 44.46
C TYR A 86 -14.46 16.91 45.69
N ALA A 87 -15.37 17.09 46.64
CA ALA A 87 -15.36 16.30 47.87
C ALA A 87 -16.75 15.73 48.11
N TYR A 88 -16.83 14.42 48.33
CA TYR A 88 -18.11 13.77 48.55
C TYR A 88 -18.20 13.03 49.88
N ARG A 89 -19.41 12.68 50.26
CA ARG A 89 -19.66 11.94 51.49
C ARG A 89 -20.90 11.08 51.28
N LEU A 90 -20.77 9.78 51.51
CA LEU A 90 -21.88 8.86 51.32
C LEU A 90 -22.53 8.51 52.63
N TYR A 91 -23.85 8.44 52.62
CA TYR A 91 -24.61 8.11 53.81
C TYR A 91 -25.64 7.03 53.50
N PRO A 92 -25.51 5.84 54.11
CA PRO A 92 -26.51 4.81 53.83
C PRO A 92 -27.84 5.31 54.33
N LYS A 93 -28.92 4.93 53.67
CA LYS A 93 -30.24 5.33 54.12
C LYS A 93 -30.98 3.99 54.22
N GLY A 94 -30.25 2.95 54.62
CA GLY A 94 -30.82 1.63 54.73
C GLY A 94 -31.01 1.12 53.31
N ARG A 95 -32.18 0.54 53.02
CA ARG A 95 -32.47 0.03 51.69
C ARG A 95 -33.81 0.56 51.18
N ARG A 96 -34.27 0.04 50.04
CA ARG A 96 -35.53 0.45 49.42
C ARG A 96 -35.97 -0.61 48.42
N PRO A 97 -37.21 -1.08 48.56
CA PRO A 97 -37.75 -2.08 47.66
C PRO A 97 -37.50 -1.68 46.23
N LEU A 98 -37.45 -2.65 45.33
CA LEU A 98 -37.22 -2.38 43.91
C LEU A 98 -38.07 -3.34 43.06
N ASP A 99 -38.44 -2.91 41.86
CA ASP A 99 -39.30 -3.76 41.01
C ASP A 99 -38.74 -4.27 39.67
N PRO A 100 -38.85 -5.60 39.45
CA PRO A 100 -38.35 -6.19 38.21
C PRO A 100 -39.27 -5.80 37.04
N LYS A 101 -40.56 -5.66 37.35
CA LYS A 101 -41.58 -5.29 36.37
C LYS A 101 -41.49 -3.82 35.99
N ASP A 102 -41.32 -2.99 37.01
CA ASP A 102 -41.26 -1.56 36.79
C ASP A 102 -40.19 -1.09 35.83
N PRO A 103 -40.56 -0.54 34.67
CA PRO A 103 -39.57 -0.04 33.71
C PRO A 103 -38.33 0.49 34.40
N GLY A 104 -38.51 1.56 35.15
CA GLY A 104 -37.40 2.20 35.81
C GLY A 104 -36.67 1.37 36.86
N GLU A 105 -37.42 0.74 37.77
CA GLU A 105 -36.82 -0.09 38.83
C GLU A 105 -35.95 -1.20 38.21
N ARG A 106 -36.36 -1.70 37.05
CA ARG A 106 -35.58 -2.73 36.38
C ARG A 106 -34.24 -2.13 35.99
N SER A 107 -34.31 -1.09 35.17
CA SER A 107 -33.12 -0.39 34.68
C SER A 107 -31.99 -0.26 35.70
N VAL A 108 -32.33 -0.16 36.98
CA VAL A 108 -31.29 -0.04 38.00
C VAL A 108 -30.68 -1.41 38.24
N LEU A 109 -31.54 -2.40 38.51
CA LEU A 109 -31.07 -3.76 38.75
C LEU A 109 -30.27 -4.29 37.58
N SER A 110 -30.38 -3.63 36.43
CA SER A 110 -29.65 -4.07 35.25
C SER A 110 -28.30 -3.38 35.18
N ALA A 111 -28.27 -2.13 35.63
CA ALA A 111 -27.06 -1.33 35.64
C ALA A 111 -26.13 -1.93 36.66
N LEU A 112 -26.70 -2.42 37.75
CA LEU A 112 -25.89 -3.06 38.75
C LEU A 112 -25.32 -4.32 38.09
N ALA A 113 -26.18 -4.99 37.32
CA ALA A 113 -25.80 -6.20 36.61
C ALA A 113 -24.61 -6.00 35.68
N ARG A 114 -24.61 -4.93 34.91
CA ARG A 114 -23.49 -4.71 34.02
C ARG A 114 -22.25 -4.45 34.82
N ARG A 115 -22.41 -3.77 35.95
CA ARG A 115 -21.28 -3.48 36.81
C ARG A 115 -20.76 -4.76 37.45
N LEU A 116 -21.67 -5.66 37.78
CA LEU A 116 -21.31 -6.94 38.37
C LEU A 116 -20.42 -7.65 37.37
N LEU A 117 -20.88 -7.66 36.11
CA LEU A 117 -20.14 -8.30 35.03
C LEU A 117 -18.85 -7.58 34.77
N GLN A 118 -18.90 -6.27 34.85
CA GLN A 118 -17.73 -5.43 34.62
C GLN A 118 -16.54 -5.78 35.53
N GLU A 119 -16.84 -6.00 36.81
CA GLU A 119 -15.82 -6.33 37.80
C GLU A 119 -15.28 -7.74 37.62
N ARG A 120 -16.12 -8.64 37.13
CA ARG A 120 -15.68 -10.01 36.94
C ARG A 120 -14.70 -10.11 35.76
N LEU A 121 -15.03 -9.43 34.66
CA LEU A 121 -14.18 -9.46 33.49
C LEU A 121 -12.81 -8.86 33.76
N ARG A 122 -12.76 -7.84 34.60
CA ARG A 122 -11.49 -7.18 34.92
C ARG A 122 -10.54 -8.02 35.74
N ARG A 123 -11.06 -9.04 36.43
CA ARG A 123 -10.20 -9.89 37.22
C ARG A 123 -9.83 -11.16 36.47
N LEU A 124 -10.33 -11.32 35.24
CA LEU A 124 -9.97 -12.49 34.43
C LEU A 124 -8.55 -12.29 33.94
N GLU A 125 -7.85 -13.38 33.68
CA GLU A 125 -6.48 -13.28 33.23
C GLU A 125 -6.32 -13.96 31.89
N GLY A 126 -5.34 -13.50 31.13
CA GLY A 126 -4.98 -14.05 29.82
C GLY A 126 -5.95 -13.61 28.77
N VAL A 127 -6.67 -12.54 29.06
CA VAL A 127 -7.69 -12.04 28.16
C VAL A 127 -7.60 -10.55 27.90
N TRP A 128 -7.95 -10.13 26.70
CA TRP A 128 -7.95 -8.72 26.34
C TRP A 128 -9.39 -8.26 26.56
N VAL A 129 -9.59 -7.53 27.64
CA VAL A 129 -10.91 -7.03 28.00
C VAL A 129 -11.08 -5.58 27.63
N GLU A 130 -12.12 -5.28 26.87
CA GLU A 130 -12.36 -3.90 26.50
C GLU A 130 -13.83 -3.53 26.73
N GLY A 131 -14.11 -3.05 27.93
CA GLY A 131 -15.47 -2.66 28.27
C GLY A 131 -16.21 -3.89 28.70
N LEU A 132 -17.14 -4.34 27.86
CA LEU A 132 -17.89 -5.55 28.16
C LEU A 132 -17.51 -6.61 27.16
N ALA A 133 -16.55 -6.29 26.31
CA ALA A 133 -16.09 -7.22 25.32
C ALA A 133 -14.95 -8.06 25.90
N VAL A 134 -14.89 -9.32 25.52
CA VAL A 134 -13.84 -10.22 25.97
C VAL A 134 -13.18 -10.85 24.75
N TYR A 135 -11.88 -10.62 24.56
CA TYR A 135 -11.17 -11.20 23.43
C TYR A 135 -10.14 -12.21 23.90
N ARG A 136 -10.01 -13.31 23.18
CA ARG A 136 -9.13 -14.40 23.60
C ARG A 136 -8.46 -15.25 22.52
N ARG A 137 -8.61 -14.89 21.25
CA ARG A 137 -8.01 -15.74 20.23
C ARG A 137 -7.23 -15.01 19.17
N GLU A 138 -6.19 -15.68 18.71
CA GLU A 138 -5.31 -15.15 17.67
C GLU A 138 -6.01 -15.54 16.38
N HIS A 139 -6.42 -14.54 15.59
CA HIS A 139 -7.11 -14.85 14.36
C HIS A 139 -6.36 -14.41 13.11
N ALA A 140 -5.93 -13.17 13.09
CA ALA A 140 -5.18 -12.63 11.97
C ALA A 140 -3.97 -11.94 12.56
N ARG A 141 -3.05 -11.54 11.70
CA ARG A 141 -1.83 -10.86 12.13
C ARG A 141 -1.37 -10.02 10.98
N GLY A 142 -0.17 -9.49 11.06
CA GLY A 142 0.34 -8.68 9.96
C GLY A 142 1.19 -7.53 10.52
N PRO A 143 2.09 -6.95 9.70
CA PRO A 143 2.94 -5.84 10.11
C PRO A 143 2.40 -5.10 11.34
N GLY A 144 2.67 -5.65 12.50
CA GLY A 144 2.26 -5.02 13.75
C GLY A 144 0.77 -4.89 14.09
N TRP A 145 -0.13 -5.49 13.33
CA TRP A 145 -1.54 -5.41 13.70
C TRP A 145 -2.10 -6.80 13.89
N ARG A 146 -2.99 -6.97 14.86
CA ARG A 146 -3.59 -8.28 15.12
C ARG A 146 -5.10 -8.26 15.40
N VAL A 147 -5.87 -9.07 14.68
CA VAL A 147 -7.31 -9.16 14.85
C VAL A 147 -7.70 -10.32 15.77
N LEU A 148 -8.13 -10.02 16.99
CA LEU A 148 -8.49 -11.04 17.96
C LEU A 148 -9.95 -11.44 17.97
N GLY A 149 -10.21 -12.72 18.13
CA GLY A 149 -11.59 -13.19 18.17
C GLY A 149 -12.08 -13.14 19.60
N GLY A 150 -13.35 -12.83 19.79
CA GLY A 150 -13.90 -12.74 21.13
C GLY A 150 -15.40 -12.61 21.12
N ALA A 151 -15.94 -11.96 22.14
CA ALA A 151 -17.38 -11.80 22.23
C ALA A 151 -17.76 -10.48 22.91
N VAL A 152 -18.92 -9.92 22.53
CA VAL A 152 -19.41 -8.69 23.15
C VAL A 152 -20.43 -9.21 24.15
N LEU A 153 -20.37 -8.75 25.39
CA LEU A 153 -21.26 -9.26 26.40
C LEU A 153 -22.23 -8.27 26.97
N ASP A 154 -23.16 -8.78 27.75
CA ASP A 154 -24.14 -7.96 28.46
C ASP A 154 -24.99 -8.79 29.41
N LEU A 155 -25.15 -8.27 30.61
CA LEU A 155 -25.93 -8.92 31.64
C LEU A 155 -26.94 -7.89 32.13
N TRP A 156 -28.19 -8.29 32.18
CA TRP A 156 -29.22 -7.38 32.65
C TRP A 156 -30.25 -8.21 33.38
N VAL A 157 -31.22 -7.55 34.02
CA VAL A 157 -32.25 -8.29 34.74
C VAL A 157 -33.53 -8.28 33.90
N SER A 158 -34.25 -9.41 33.93
CA SER A 158 -35.47 -9.56 33.15
C SER A 158 -36.74 -9.17 33.89
N ASP A 159 -37.88 -9.41 33.25
CA ASP A 159 -39.18 -9.12 33.84
C ASP A 159 -39.41 -10.02 35.06
N SER A 160 -39.01 -11.28 34.93
CA SER A 160 -39.14 -12.30 35.96
C SER A 160 -38.29 -12.08 37.21
N GLY A 161 -37.16 -11.40 37.03
CA GLY A 161 -36.27 -11.17 38.15
C GLY A 161 -35.20 -12.23 38.14
N ALA A 162 -34.67 -12.47 36.95
CA ALA A 162 -33.61 -13.44 36.76
C ALA A 162 -32.51 -12.75 35.98
N PHE A 163 -31.34 -13.35 35.91
CA PHE A 163 -30.24 -12.74 35.17
C PHE A 163 -30.35 -13.15 33.70
N LEU A 164 -29.94 -12.25 32.82
CA LEU A 164 -29.93 -12.54 31.39
C LEU A 164 -28.55 -12.19 30.85
N LEU A 165 -27.90 -13.19 30.27
CA LEU A 165 -26.58 -12.99 29.69
C LEU A 165 -26.77 -12.86 28.18
N GLU A 166 -26.10 -11.89 27.56
CA GLU A 166 -26.21 -11.75 26.13
C GLU A 166 -24.82 -11.95 25.54
N VAL A 167 -24.73 -12.85 24.58
CA VAL A 167 -23.46 -13.17 23.96
C VAL A 167 -23.53 -13.11 22.45
N ASP A 168 -22.51 -12.53 21.83
CA ASP A 168 -22.39 -12.50 20.36
C ASP A 168 -20.95 -12.27 19.96
N PRO A 169 -20.34 -13.30 19.36
CA PRO A 169 -18.98 -13.36 18.87
C PRO A 169 -18.59 -12.13 18.08
N ALA A 170 -17.37 -11.66 18.28
CA ALA A 170 -16.86 -10.48 17.57
C ALA A 170 -15.34 -10.43 17.45
N TYR A 171 -14.84 -9.72 16.45
CA TYR A 171 -13.42 -9.60 16.27
C TYR A 171 -12.99 -8.23 16.68
N ARG A 172 -11.86 -8.13 17.35
CA ARG A 172 -11.33 -6.85 17.79
C ARG A 172 -10.05 -6.64 16.98
N ILE A 173 -9.74 -5.39 16.68
CA ILE A 173 -8.56 -5.07 15.90
C ILE A 173 -7.55 -4.27 16.69
N LEU A 174 -6.45 -4.91 17.05
CA LEU A 174 -5.41 -4.26 17.84
C LEU A 174 -4.05 -3.99 17.19
N CYS A 175 -3.57 -2.77 17.37
CA CYS A 175 -2.27 -2.39 16.87
C CYS A 175 -1.29 -2.42 18.06
N GLU A 176 -0.24 -3.22 17.97
CA GLU A 176 0.77 -3.28 19.03
C GLU A 176 1.99 -2.57 18.47
N MET A 177 1.73 -1.46 17.83
CA MET A 177 2.74 -0.60 17.23
C MET A 177 2.47 0.68 18.03
N SER A 178 3.05 1.80 17.61
CA SER A 178 2.81 3.06 18.30
C SER A 178 2.87 4.07 17.19
N LEU A 179 2.04 5.09 17.25
CA LEU A 179 2.03 6.10 16.21
C LEU A 179 3.41 6.18 15.55
N GLU A 180 4.43 6.64 16.29
CA GLU A 180 5.78 6.72 15.72
C GLU A 180 6.14 5.49 14.89
N ALA A 181 6.18 4.33 15.54
CA ALA A 181 6.52 3.07 14.87
C ALA A 181 5.65 2.80 13.66
N TRP A 182 4.36 3.13 13.78
CA TRP A 182 3.40 2.92 12.70
C TRP A 182 3.84 3.77 11.52
N LEU A 183 3.84 5.08 11.71
CA LEU A 183 4.24 6.00 10.66
C LEU A 183 5.66 5.65 10.16
N ALA A 184 6.54 5.38 11.12
CA ALA A 184 7.93 5.05 10.83
C ALA A 184 8.14 3.95 9.79
N GLN A 185 7.06 3.30 9.35
CA GLN A 185 7.25 2.24 8.35
C GLN A 185 6.24 2.23 7.20
N GLY A 186 5.88 3.43 6.72
CA GLY A 186 4.97 3.57 5.60
C GLY A 186 3.51 3.29 5.85
N HIS A 187 2.88 4.15 6.64
CA HIS A 187 1.46 4.02 6.96
C HIS A 187 0.89 5.41 7.05
N PRO A 188 -0.35 5.61 6.58
CA PRO A 188 -0.93 6.95 6.67
C PRO A 188 -1.35 7.31 8.09
N LEU A 189 -1.55 8.59 8.36
CA LEU A 189 -1.98 9.03 9.69
C LEU A 189 -3.41 8.59 9.96
N PRO A 190 -3.62 7.82 11.03
CA PRO A 190 -4.97 7.34 11.40
C PRO A 190 -5.87 8.49 11.74
N LYS A 191 -7.16 8.28 11.57
CA LYS A 191 -8.14 9.32 11.87
C LYS A 191 -8.11 9.49 13.38
N ARG A 192 -8.24 8.37 14.09
CA ARG A 192 -8.23 8.38 15.55
C ARG A 192 -6.99 7.73 16.13
N VAL A 193 -6.74 7.99 17.41
CA VAL A 193 -5.55 7.47 18.06
C VAL A 193 -5.90 7.22 19.55
N ARG A 194 -5.13 6.36 20.22
CA ARG A 194 -5.35 6.04 21.65
C ARG A 194 -4.08 6.05 22.50
N ASN A 195 -4.20 6.42 23.76
CA ASN A 195 -3.06 6.48 24.67
C ASN A 195 -2.51 5.13 24.93
N ALA A 196 -1.19 5.04 24.96
CA ALA A 196 -0.55 3.77 25.22
C ALA A 196 -0.69 3.39 26.69
N TYR A 197 -0.80 4.40 27.54
CA TYR A 197 -0.89 4.20 28.98
C TYR A 197 -2.28 3.96 29.57
N ASP A 198 -3.33 4.30 28.83
CA ASP A 198 -4.65 4.04 29.35
C ASP A 198 -5.63 3.79 28.22
N ARG A 199 -6.92 3.81 28.54
CA ARG A 199 -7.98 3.50 27.60
C ARG A 199 -8.66 4.63 26.79
N ARG A 200 -8.38 5.91 27.09
CA ARG A 200 -9.03 7.00 26.38
C ARG A 200 -8.57 7.25 24.94
N THR A 201 -9.45 7.78 24.10
CA THR A 201 -9.10 8.04 22.72
C THR A 201 -9.17 9.52 22.36
N TRP A 202 -8.59 9.87 21.21
CA TRP A 202 -8.59 11.25 20.70
C TRP A 202 -8.63 11.28 19.19
N GLU A 203 -8.86 12.48 18.64
CA GLU A 203 -8.87 12.72 17.19
C GLU A 203 -7.50 13.32 16.85
N LEU A 204 -6.77 12.64 15.98
CA LEU A 204 -5.44 13.08 15.57
C LEU A 204 -5.50 14.15 14.48
N LEU A 205 -5.32 15.41 14.89
CA LEU A 205 -5.33 16.55 13.99
C LEU A 205 -4.13 16.53 13.05
N ARG A 206 -2.98 16.95 13.57
CA ARG A 206 -1.76 16.94 12.75
C ARG A 206 -0.49 16.76 13.59
N LEU A 207 0.58 16.31 12.95
CA LEU A 207 1.85 16.14 13.63
C LEU A 207 2.47 17.51 13.84
N GLY A 208 3.31 17.63 14.86
CA GLY A 208 3.95 18.89 15.13
C GLY A 208 5.46 18.83 14.96
N GLU A 209 6.09 20.00 15.00
CA GLU A 209 7.54 20.09 14.87
C GLU A 209 8.16 20.70 16.11
N GLU A 210 7.33 21.10 17.08
CA GLU A 210 7.82 21.69 18.31
C GLU A 210 8.65 20.65 19.04
N ASP A 211 9.63 21.11 19.82
CA ASP A 211 10.50 20.22 20.57
C ASP A 211 9.77 19.71 21.80
N PRO A 212 9.62 18.38 21.92
CA PRO A 212 8.94 17.72 23.03
C PRO A 212 9.44 18.08 24.45
N LYS A 213 10.76 18.23 24.61
CA LYS A 213 11.29 18.57 25.92
C LYS A 213 11.35 20.07 26.15
N GLU A 214 10.71 20.84 25.27
CA GLU A 214 10.71 22.30 25.39
C GLU A 214 9.29 22.88 25.42
N LEU A 215 8.36 22.26 24.68
CA LEU A 215 7.00 22.69 24.65
C LEU A 215 6.45 22.67 26.05
N PRO A 216 6.02 23.86 26.54
CA PRO A 216 5.46 24.02 27.90
C PRO A 216 3.95 23.81 27.94
N LEU A 217 3.47 23.39 29.11
CA LEU A 217 2.06 23.13 29.35
C LEU A 217 1.62 24.04 30.50
N PRO A 218 0.32 24.17 30.64
CA PRO A 218 -0.25 24.93 31.77
C PRO A 218 0.75 24.64 32.88
N GLY A 219 1.48 25.71 33.28
CA GLY A 219 2.38 25.67 34.41
C GLY A 219 3.78 26.12 34.02
N GLY A 220 4.33 25.46 33.01
CA GLY A 220 5.67 25.76 32.54
C GLY A 220 6.39 24.43 32.39
N LEU A 221 5.88 23.44 33.12
CA LEU A 221 6.38 22.08 33.08
C LEU A 221 6.44 21.56 31.66
N SER A 222 7.57 20.97 31.28
CA SER A 222 7.73 20.45 29.94
C SER A 222 6.76 19.32 29.54
N LEU A 223 6.34 19.31 28.26
CA LEU A 223 5.45 18.29 27.72
C LEU A 223 5.98 16.89 28.03
N LEU A 224 7.22 16.66 27.61
CA LEU A 224 7.91 15.41 27.83
C LEU A 224 7.91 15.18 29.35
N ASP A 225 8.67 16.00 30.05
CA ASP A 225 8.77 15.87 31.50
C ASP A 225 7.45 15.55 32.20
N TYR A 226 6.35 16.03 31.66
CA TYR A 226 5.05 15.79 32.28
C TYR A 226 4.69 14.31 32.33
N HIS A 227 4.94 13.61 31.22
CA HIS A 227 4.66 12.18 31.10
C HIS A 227 5.68 11.33 31.83
N ALA A 228 6.94 11.65 31.59
CA ALA A 228 8.03 10.93 32.21
C ALA A 228 7.82 10.89 33.71
N SER A 229 7.34 12.00 34.25
CA SER A 229 7.06 12.11 35.68
C SER A 229 6.15 10.96 36.11
N LYS A 230 5.17 10.66 35.27
CA LYS A 230 4.18 9.61 35.51
C LYS A 230 4.60 8.18 35.16
N GLY A 231 5.86 8.02 34.72
CA GLY A 231 6.35 6.70 34.39
C GLY A 231 5.87 6.06 33.11
N ARG A 232 5.05 6.76 32.31
CA ARG A 232 4.58 6.17 31.07
C ARG A 232 5.55 6.30 29.90
N LEU A 233 6.77 6.72 30.16
CA LEU A 233 7.77 6.83 29.11
C LEU A 233 8.82 5.71 29.28
N GLN A 234 8.74 5.03 30.41
CA GLN A 234 9.67 3.95 30.76
C GLN A 234 9.48 2.79 29.82
N GLY A 235 10.50 2.45 29.05
CA GLY A 235 10.36 1.31 28.16
C GLY A 235 9.71 1.72 26.87
N ARG A 236 9.43 3.00 26.76
CA ARG A 236 8.86 3.57 25.57
C ARG A 236 9.86 4.60 25.12
N GLU A 237 9.60 5.24 23.98
CA GLU A 237 10.48 6.26 23.45
C GLU A 237 9.58 7.27 22.78
N GLY A 238 9.11 8.24 23.55
CA GLY A 238 8.21 9.26 23.02
C GLY A 238 8.89 10.12 21.97
N GLY A 239 8.60 9.87 20.70
CA GLY A 239 9.22 10.61 19.63
C GLY A 239 8.63 11.98 19.43
N ARG A 240 8.29 12.27 18.17
CA ARG A 240 7.75 13.57 17.78
C ARG A 240 6.49 14.04 18.50
N VAL A 241 6.21 15.32 18.35
CA VAL A 241 5.03 15.89 18.94
C VAL A 241 3.88 15.58 18.01
N ALA A 242 2.70 15.36 18.57
CA ALA A 242 1.51 15.05 17.78
C ALA A 242 0.40 15.89 18.38
N TRP A 243 -0.46 16.41 17.53
CA TRP A 243 -1.55 17.23 18.00
C TRP A 243 -2.86 16.48 17.93
N VAL A 244 -3.59 16.45 19.04
CA VAL A 244 -4.86 15.72 19.09
C VAL A 244 -5.97 16.57 19.69
N ALA A 245 -7.18 16.03 19.74
CA ALA A 245 -8.31 16.76 20.31
C ALA A 245 -9.30 15.84 20.95
N ASP A 246 -9.92 16.32 22.01
CA ASP A 246 -10.92 15.55 22.75
C ASP A 246 -12.25 15.43 21.99
N PRO A 247 -12.86 14.23 21.97
CA PRO A 247 -14.14 14.05 21.28
C PRO A 247 -15.31 14.73 21.98
N LYS A 248 -15.11 16.00 22.31
CA LYS A 248 -16.10 16.85 22.97
C LYS A 248 -15.93 18.24 22.36
N ASP A 249 -14.68 18.57 22.02
CA ASP A 249 -14.33 19.84 21.40
C ASP A 249 -13.18 19.58 20.44
N PRO A 250 -13.46 18.90 19.30
CA PRO A 250 -12.48 18.57 18.25
C PRO A 250 -11.85 19.80 17.61
N ARG A 251 -11.93 20.93 18.32
CA ARG A 251 -11.40 22.18 17.82
C ARG A 251 -10.13 22.61 18.59
N LYS A 252 -10.11 22.35 19.91
CA LYS A 252 -8.97 22.72 20.76
C LYS A 252 -7.83 21.70 20.69
N PRO A 253 -6.77 22.01 19.93
CA PRO A 253 -5.62 21.11 19.80
C PRO A 253 -4.83 20.93 21.11
N ILE A 254 -4.54 19.67 21.45
CA ILE A 254 -3.78 19.34 22.65
C ILE A 254 -2.48 18.66 22.25
N PRO A 255 -1.38 18.97 22.95
CA PRO A 255 -0.10 18.35 22.61
C PRO A 255 0.06 16.96 23.22
N HIS A 256 0.64 16.07 22.44
CA HIS A 256 0.86 14.71 22.89
C HIS A 256 2.08 14.19 22.15
N LEU A 257 2.63 13.08 22.62
CA LEU A 257 3.80 12.52 21.98
C LEU A 257 3.43 11.33 21.10
N THR A 258 4.01 11.28 19.90
CA THR A 258 3.71 10.17 19.02
C THR A 258 4.13 8.85 19.62
N GLY A 259 5.14 8.87 20.47
CA GLY A 259 5.60 7.63 21.07
C GLY A 259 4.69 7.06 22.14
N LEU A 260 3.72 7.84 22.61
CA LEU A 260 2.81 7.41 23.65
C LEU A 260 1.38 7.23 23.17
N LEU A 261 1.22 7.20 21.86
CA LEU A 261 -0.10 7.03 21.30
C LEU A 261 -0.10 5.75 20.51
N VAL A 262 -1.27 5.18 20.28
CA VAL A 262 -1.40 3.97 19.51
C VAL A 262 -2.48 4.20 18.46
N PRO A 263 -2.17 3.96 17.18
CA PRO A 263 -3.18 4.17 16.13
C PRO A 263 -4.42 3.29 16.26
N VAL A 264 -5.59 3.91 16.08
CA VAL A 264 -6.87 3.20 16.11
C VAL A 264 -7.12 2.65 14.69
N LEU A 265 -6.70 1.40 14.48
CA LEU A 265 -6.81 0.78 13.18
C LEU A 265 -8.25 0.50 12.76
N THR A 266 -8.46 0.34 11.45
CA THR A 266 -9.79 0.08 10.88
C THR A 266 -9.72 -0.70 9.57
N LEU A 267 -9.75 -2.02 9.61
CA LEU A 267 -9.72 -2.81 8.37
C LEU A 267 -8.83 -2.18 7.29
N GLU A 268 -7.53 -2.30 7.57
CA GLU A 268 -6.46 -1.79 6.74
C GLU A 268 -5.42 -2.85 6.97
N ASP A 269 -5.92 -4.05 7.15
CA ASP A 269 -5.09 -5.21 7.32
C ASP A 269 -4.54 -5.35 5.91
N LEU A 270 -3.25 -5.05 5.71
CA LEU A 270 -2.66 -5.13 4.37
C LEU A 270 -1.67 -6.28 4.20
N HIS A 271 -1.88 -7.33 4.98
CA HIS A 271 -1.05 -8.53 4.94
C HIS A 271 -1.74 -9.52 5.88
N GLU A 272 -1.42 -10.79 5.76
CA GLU A 272 -2.04 -11.80 6.61
C GLU A 272 -1.09 -12.93 6.99
N GLU A 273 -0.43 -12.80 8.13
CA GLU A 273 0.51 -13.81 8.60
C GLU A 273 -0.19 -14.70 9.62
N GLU A 274 -1.52 -14.60 9.63
CA GLU A 274 -2.36 -15.38 10.53
C GLU A 274 -3.67 -15.78 9.81
N GLY A 275 -4.07 -15.00 8.81
CA GLY A 275 -5.29 -15.36 8.11
C GLY A 275 -5.95 -14.33 7.21
N SER A 276 -7.01 -14.78 6.56
CA SER A 276 -7.79 -13.94 5.67
C SER A 276 -8.68 -13.05 6.53
N LEU A 277 -9.12 -11.95 5.93
CA LEU A 277 -9.97 -11.00 6.63
C LEU A 277 -11.41 -11.47 6.84
N ALA A 278 -11.70 -12.72 6.47
CA ALA A 278 -13.06 -13.23 6.67
C ALA A 278 -13.40 -13.00 8.13
N LEU A 279 -14.03 -11.87 8.42
CA LEU A 279 -14.37 -11.54 9.79
C LEU A 279 -15.81 -11.93 10.06
N SER A 280 -16.45 -12.55 9.08
CA SER A 280 -17.84 -12.96 9.29
C SER A 280 -17.91 -14.43 9.67
N LEU A 281 -19.10 -14.88 10.03
CA LEU A 281 -19.30 -16.27 10.43
C LEU A 281 -20.66 -16.80 10.00
N PRO A 282 -20.78 -18.12 9.77
CA PRO A 282 -22.03 -18.79 9.36
C PRO A 282 -22.91 -18.99 10.60
N TRP A 283 -24.22 -19.07 10.43
CA TRP A 283 -25.08 -19.16 11.60
C TRP A 283 -24.97 -20.27 12.65
N GLU A 284 -24.49 -21.46 12.31
CA GLU A 284 -24.39 -22.51 13.33
C GLU A 284 -22.99 -22.66 13.90
N GLU A 285 -22.06 -21.94 13.29
CA GLU A 285 -20.68 -21.94 13.75
C GLU A 285 -20.63 -20.91 14.88
N ARG A 286 -21.22 -19.74 14.62
CA ARG A 286 -21.25 -18.66 15.59
C ARG A 286 -22.18 -19.03 16.74
N ARG A 287 -23.25 -19.73 16.41
CA ARG A 287 -24.20 -20.16 17.42
C ARG A 287 -23.45 -21.05 18.38
N ARG A 288 -22.66 -21.96 17.81
CA ARG A 288 -21.83 -22.90 18.56
C ARG A 288 -20.87 -22.09 19.44
N ARG A 289 -20.15 -21.16 18.81
CA ARG A 289 -19.22 -20.31 19.52
C ARG A 289 -19.93 -19.49 20.58
N THR A 290 -21.20 -19.18 20.35
CA THR A 290 -21.96 -18.42 21.34
C THR A 290 -22.16 -19.27 22.59
N ARG A 291 -22.80 -20.42 22.40
CA ARG A 291 -23.08 -21.34 23.50
C ARG A 291 -21.84 -21.54 24.35
N GLU A 292 -20.69 -21.70 23.69
CA GLU A 292 -19.43 -21.89 24.41
C GLU A 292 -19.15 -20.70 25.32
N ILE A 293 -18.65 -19.62 24.72
CA ILE A 293 -18.33 -18.41 25.47
C ILE A 293 -19.35 -18.18 26.57
N ALA A 294 -20.62 -18.34 26.26
CA ALA A 294 -21.65 -18.10 27.26
C ALA A 294 -21.52 -19.04 28.46
N SER A 295 -21.22 -20.30 28.16
CA SER A 295 -21.04 -21.30 29.20
C SER A 295 -19.82 -20.92 30.06
N TRP A 296 -18.73 -20.55 29.38
CA TRP A 296 -17.51 -20.12 30.06
C TRP A 296 -17.82 -18.91 30.96
N ILE A 297 -18.12 -17.77 30.35
CA ILE A 297 -18.42 -16.58 31.11
C ILE A 297 -19.32 -16.91 32.30
N GLY A 298 -20.44 -17.58 32.04
CA GLY A 298 -21.32 -17.93 33.13
C GLY A 298 -20.61 -18.76 34.17
N ARG A 299 -19.63 -19.54 33.71
CA ARG A 299 -18.85 -20.40 34.60
C ARG A 299 -18.19 -19.58 35.71
N ARG A 300 -17.40 -18.58 35.32
CA ARG A 300 -16.69 -17.74 36.27
C ARG A 300 -17.50 -16.57 36.83
N LEU A 301 -18.77 -16.50 36.44
CA LEU A 301 -19.67 -15.46 36.93
C LEU A 301 -20.24 -15.98 38.24
N GLY A 302 -20.51 -17.28 38.24
CA GLY A 302 -21.06 -17.93 39.42
C GLY A 302 -22.54 -17.65 39.51
N LEU A 303 -23.20 -17.52 38.37
CA LEU A 303 -24.62 -17.23 38.38
C LEU A 303 -25.45 -18.45 37.99
N GLY A 304 -24.78 -19.61 37.91
CA GLY A 304 -25.47 -20.83 37.56
C GLY A 304 -25.31 -21.15 36.08
N THR A 305 -25.78 -22.31 35.66
CA THR A 305 -25.68 -22.70 34.24
C THR A 305 -26.56 -21.83 33.36
N PRO A 306 -26.01 -21.38 32.21
CA PRO A 306 -26.74 -20.53 31.26
C PRO A 306 -27.75 -21.30 30.45
N GLU A 307 -28.99 -20.82 30.48
CA GLU A 307 -30.07 -21.44 29.74
C GLU A 307 -30.44 -20.56 28.55
N ALA A 308 -30.19 -21.06 27.35
CA ALA A 308 -30.52 -20.32 26.14
C ALA A 308 -32.04 -20.18 26.08
N VAL A 309 -32.53 -18.97 25.89
CA VAL A 309 -33.97 -18.71 25.84
C VAL A 309 -34.67 -19.02 24.49
N ARG A 310 -35.72 -19.85 24.56
CA ARG A 310 -36.49 -20.20 23.37
C ARG A 310 -37.50 -19.08 23.23
N ALA A 311 -37.86 -18.72 22.00
CA ALA A 311 -38.81 -17.63 21.82
C ALA A 311 -39.83 -18.01 20.78
N GLN A 312 -41.02 -17.43 20.90
CA GLN A 312 -42.08 -17.70 19.95
C GLN A 312 -41.91 -16.91 18.67
N ALA A 313 -41.83 -17.62 17.55
CA ALA A 313 -41.69 -16.99 16.26
C ALA A 313 -42.89 -17.33 15.36
N TYR A 314 -43.15 -16.46 14.40
CA TYR A 314 -44.25 -16.66 13.47
C TYR A 314 -43.69 -16.49 12.08
N ARG A 315 -44.18 -17.30 11.14
CA ARG A 315 -43.75 -17.19 9.75
C ARG A 315 -44.77 -16.35 8.97
N LEU A 316 -44.31 -15.20 8.47
CA LEU A 316 -45.14 -14.29 7.73
C LEU A 316 -45.25 -14.78 6.29
N SER A 317 -46.40 -14.54 5.68
CA SER A 317 -46.65 -14.94 4.31
C SER A 317 -45.73 -14.27 3.31
N ILE A 318 -45.23 -15.04 2.37
CA ILE A 318 -44.35 -14.49 1.34
C ILE A 318 -45.16 -13.51 0.50
N PRO A 319 -44.54 -12.37 0.11
CA PRO A 319 -45.18 -11.33 -0.70
C PRO A 319 -45.28 -11.73 -2.18
N LYS A 320 -46.33 -11.31 -2.85
CA LYS A 320 -46.50 -11.63 -4.27
C LYS A 320 -46.09 -10.41 -5.10
N LEU A 321 -44.88 -10.49 -5.66
CA LEU A 321 -44.34 -9.40 -6.47
C LEU A 321 -44.73 -9.55 -7.95
N MET A 322 -45.46 -8.55 -8.44
CA MET A 322 -45.95 -8.54 -9.80
C MET A 322 -45.38 -7.46 -10.70
N GLY A 323 -45.24 -7.81 -11.97
CA GLY A 323 -44.77 -6.89 -12.99
C GLY A 323 -45.97 -6.98 -13.91
N ARG A 324 -45.74 -7.31 -15.18
CA ARG A 324 -46.87 -7.47 -16.08
C ARG A 324 -47.52 -8.72 -15.54
N ARG A 325 -46.67 -9.67 -15.18
CA ARG A 325 -47.11 -10.93 -14.62
C ARG A 325 -46.21 -11.20 -13.41
N ALA A 326 -46.67 -12.08 -12.52
CA ALA A 326 -45.92 -12.42 -11.32
C ALA A 326 -44.42 -12.61 -11.56
N VAL A 327 -43.64 -12.29 -10.54
CA VAL A 327 -42.20 -12.39 -10.63
C VAL A 327 -41.54 -12.62 -9.25
N SER A 328 -40.23 -12.89 -9.25
CA SER A 328 -39.48 -13.11 -8.01
C SER A 328 -38.71 -11.85 -7.59
N LYS A 329 -37.72 -11.46 -8.39
CA LYS A 329 -36.91 -10.28 -8.16
C LYS A 329 -37.29 -9.19 -9.18
N PRO A 330 -36.93 -7.93 -8.92
CA PRO A 330 -37.31 -6.89 -9.89
C PRO A 330 -36.71 -7.11 -11.28
N ALA A 331 -35.46 -7.54 -11.32
CA ALA A 331 -34.78 -7.76 -12.59
C ALA A 331 -35.53 -8.62 -13.61
N ASP A 332 -36.44 -9.47 -13.14
CA ASP A 332 -37.20 -10.33 -14.06
C ASP A 332 -38.17 -9.52 -14.90
N ALA A 333 -38.75 -8.49 -14.30
CA ALA A 333 -39.70 -7.65 -15.01
C ALA A 333 -39.13 -7.14 -16.33
N LEU A 334 -37.80 -7.06 -16.42
CA LEU A 334 -37.13 -6.58 -17.63
C LEU A 334 -37.35 -7.54 -18.79
N ARG A 335 -38.11 -8.59 -18.51
CA ARG A 335 -38.44 -9.61 -19.52
C ARG A 335 -39.91 -10.01 -19.40
N VAL A 336 -40.46 -9.88 -18.20
CA VAL A 336 -41.86 -10.22 -17.97
C VAL A 336 -42.77 -9.02 -18.17
N GLY A 337 -42.16 -7.85 -18.36
CA GLY A 337 -42.93 -6.63 -18.55
C GLY A 337 -43.11 -5.92 -17.21
N PHE A 338 -43.31 -4.61 -17.26
CA PHE A 338 -43.49 -3.79 -16.04
C PHE A 338 -44.95 -3.75 -15.57
N TYR A 339 -45.16 -3.28 -14.36
CA TYR A 339 -46.50 -3.21 -13.81
C TYR A 339 -47.39 -2.17 -14.50
N ARG A 340 -46.99 -0.89 -14.41
CA ARG A 340 -47.74 0.20 -15.03
C ARG A 340 -46.85 0.80 -16.12
N ALA A 341 -47.34 0.84 -17.35
CA ALA A 341 -46.51 1.35 -18.41
C ALA A 341 -47.14 2.31 -19.40
N GLN A 342 -46.25 2.87 -20.21
CA GLN A 342 -46.52 3.78 -21.31
C GLN A 342 -45.23 4.39 -21.85
N GLU A 343 -45.36 5.04 -23.00
CA GLU A 343 -44.24 5.67 -23.64
C GLU A 343 -43.38 6.52 -22.72
N THR A 344 -42.12 6.15 -22.63
CA THR A 344 -41.14 6.91 -21.87
C THR A 344 -40.15 7.21 -22.97
N ALA A 345 -39.35 8.24 -22.80
CA ALA A 345 -38.36 8.60 -23.82
C ALA A 345 -37.01 8.72 -23.13
N LEU A 346 -36.17 7.73 -23.33
CA LEU A 346 -34.85 7.76 -22.70
C LEU A 346 -33.78 8.21 -23.66
N ALA A 347 -32.99 9.19 -23.24
CA ALA A 347 -31.91 9.71 -24.06
C ALA A 347 -30.59 9.11 -23.59
N LEU A 348 -29.61 9.09 -24.50
CA LEU A 348 -28.31 8.54 -24.17
C LEU A 348 -27.21 9.58 -24.34
N LEU A 349 -26.37 9.68 -23.32
CA LEU A 349 -25.26 10.60 -23.32
C LEU A 349 -24.01 9.75 -23.16
N ARG A 350 -23.12 9.83 -24.13
CA ARG A 350 -21.90 9.04 -24.08
C ARG A 350 -20.73 9.97 -23.82
N LEU A 351 -19.93 9.63 -22.83
CA LEU A 351 -18.79 10.46 -22.48
C LEU A 351 -17.48 9.69 -22.59
N ASP A 352 -17.42 8.76 -23.54
CA ASP A 352 -16.22 7.97 -23.74
C ASP A 352 -15.71 8.07 -25.17
N GLY A 353 -15.49 6.92 -25.82
CA GLY A 353 -14.95 6.93 -27.17
C GLY A 353 -15.80 6.91 -28.44
N ALA A 354 -17.03 6.37 -28.43
CA ALA A 354 -17.80 6.31 -29.68
C ALA A 354 -19.15 7.03 -29.79
N GLN A 355 -20.07 6.46 -30.56
CA GLN A 355 -21.36 7.10 -30.83
C GLN A 355 -22.75 6.49 -30.54
N GLY A 356 -22.93 5.18 -30.62
CA GLY A 356 -24.27 4.65 -30.39
C GLY A 356 -24.65 3.91 -29.13
N TRP A 357 -25.77 3.19 -29.21
CA TRP A 357 -26.26 2.40 -28.10
C TRP A 357 -25.64 1.01 -28.18
N PRO A 358 -24.95 0.57 -27.13
CA PRO A 358 -24.39 -0.78 -27.24
C PRO A 358 -25.57 -1.69 -27.59
N GLU A 359 -25.43 -2.43 -28.70
CA GLU A 359 -26.46 -3.34 -29.18
C GLU A 359 -27.37 -3.95 -28.12
N PHE A 360 -26.78 -4.73 -27.22
CA PHE A 360 -27.56 -5.38 -26.17
C PHE A 360 -28.50 -4.46 -25.38
N LEU A 361 -27.97 -3.33 -24.89
CA LEU A 361 -28.77 -2.38 -24.12
C LEU A 361 -30.01 -1.90 -24.88
N ARG A 362 -29.86 -1.73 -26.19
CA ARG A 362 -30.95 -1.28 -27.05
C ARG A 362 -32.01 -2.38 -27.15
N ARG A 363 -31.55 -3.61 -27.32
CA ARG A 363 -32.45 -4.76 -27.42
C ARG A 363 -33.12 -5.05 -26.07
N ALA A 364 -32.36 -4.85 -24.99
CA ALA A 364 -32.84 -5.07 -23.62
C ALA A 364 -34.09 -4.24 -23.32
N LEU A 365 -33.97 -2.93 -23.55
CA LEU A 365 -35.08 -2.01 -23.32
C LEU A 365 -36.27 -2.32 -24.25
N LEU A 366 -35.97 -2.43 -25.55
CA LEU A 366 -36.99 -2.73 -26.57
C LEU A 366 -37.84 -3.91 -26.12
N ARG A 367 -37.19 -4.96 -25.64
CA ARG A 367 -37.90 -6.15 -25.21
C ARG A 367 -38.68 -5.86 -23.93
N ALA A 368 -38.05 -5.14 -23.02
CA ALA A 368 -38.67 -4.81 -21.75
C ALA A 368 -39.95 -4.06 -22.00
N PHE A 369 -39.87 -3.04 -22.84
CA PHE A 369 -41.03 -2.25 -23.16
C PHE A 369 -41.98 -3.05 -24.02
N GLY A 370 -41.43 -3.76 -24.99
CA GLY A 370 -42.27 -4.58 -25.83
C GLY A 370 -43.06 -5.53 -24.95
N ALA A 371 -42.42 -5.99 -23.87
CA ALA A 371 -43.04 -6.91 -22.93
C ALA A 371 -44.07 -6.21 -22.04
N SER A 372 -43.91 -4.91 -21.85
CA SER A 372 -44.84 -4.16 -21.03
C SER A 372 -45.81 -3.37 -21.89
N GLY A 373 -46.90 -2.91 -21.28
CA GLY A 373 -47.90 -2.14 -22.01
C GLY A 373 -47.51 -1.51 -23.35
N ALA A 374 -46.89 -0.33 -23.28
CA ALA A 374 -46.50 0.40 -24.48
C ALA A 374 -45.05 0.27 -24.88
N SER A 375 -44.62 1.12 -25.81
CA SER A 375 -43.25 1.10 -26.29
C SER A 375 -42.56 2.44 -26.08
N LEU A 376 -41.23 2.42 -26.21
CA LEU A 376 -40.41 3.58 -25.99
C LEU A 376 -39.80 4.18 -27.27
N ARG A 377 -39.08 5.27 -27.07
CA ARG A 377 -38.37 6.01 -28.12
C ARG A 377 -36.99 6.27 -27.53
N LEU A 378 -35.94 6.17 -28.35
CA LEU A 378 -34.61 6.37 -27.82
C LEU A 378 -33.74 7.38 -28.56
N HIS A 379 -33.51 8.53 -27.92
CA HIS A 379 -32.70 9.60 -28.50
C HIS A 379 -31.27 9.45 -28.05
N THR A 380 -30.40 10.26 -28.63
CA THR A 380 -28.98 10.27 -28.28
C THR A 380 -28.68 11.74 -28.03
N LEU A 381 -27.68 12.03 -27.20
CA LEU A 381 -27.34 13.41 -26.96
C LEU A 381 -26.18 13.79 -27.86
N HIS A 382 -26.44 14.76 -28.74
CA HIS A 382 -25.46 15.23 -29.69
C HIS A 382 -24.30 16.01 -29.05
N ALA A 383 -24.63 16.86 -28.09
CA ALA A 383 -23.61 17.67 -27.43
C ALA A 383 -22.90 16.97 -26.29
N HIS A 384 -21.64 17.35 -26.09
CA HIS A 384 -20.81 16.81 -25.02
C HIS A 384 -20.89 17.87 -23.91
N PRO A 385 -20.56 17.50 -22.66
CA PRO A 385 -20.62 18.50 -21.60
C PRO A 385 -19.64 19.68 -21.78
N SER A 386 -18.47 19.42 -22.35
CA SER A 386 -17.50 20.50 -22.54
C SER A 386 -17.97 21.65 -23.45
N GLN A 387 -18.86 21.34 -24.39
CA GLN A 387 -19.41 22.35 -25.32
C GLN A 387 -20.20 23.45 -24.58
N GLY A 388 -20.15 23.39 -23.26
CA GLY A 388 -20.82 24.36 -22.44
C GLY A 388 -22.28 24.62 -22.76
N LEU A 389 -22.57 25.86 -23.14
CA LEU A 389 -23.93 26.29 -23.47
C LEU A 389 -24.55 25.47 -24.59
N ALA A 390 -23.71 25.00 -25.51
CA ALA A 390 -24.18 24.18 -26.62
C ALA A 390 -24.90 22.95 -26.07
N PHE A 391 -24.28 22.34 -25.05
CA PHE A 391 -24.81 21.14 -24.40
C PHE A 391 -26.20 21.38 -23.83
N ARG A 392 -26.34 22.37 -22.96
CA ARG A 392 -27.63 22.69 -22.37
C ARG A 392 -28.71 22.98 -23.41
N GLU A 393 -28.27 23.47 -24.58
CA GLU A 393 -29.20 23.80 -25.67
C GLU A 393 -29.90 22.52 -26.17
N ALA A 394 -29.09 21.51 -26.49
CA ALA A 394 -29.60 20.23 -26.94
C ALA A 394 -30.44 19.61 -25.83
N LEU A 395 -29.99 19.82 -24.59
CA LEU A 395 -30.67 19.30 -23.39
C LEU A 395 -32.08 19.85 -23.23
N ARG A 396 -32.19 21.17 -23.15
CA ARG A 396 -33.49 21.83 -22.97
C ARG A 396 -34.47 21.50 -24.09
N LYS A 397 -33.96 21.04 -25.21
CA LYS A 397 -34.81 20.67 -26.33
C LYS A 397 -35.30 19.23 -26.14
N ALA A 398 -34.35 18.36 -25.76
CA ALA A 398 -34.64 16.94 -25.53
C ALA A 398 -35.56 16.75 -24.32
N LYS A 399 -35.60 17.76 -23.44
CA LYS A 399 -36.45 17.73 -22.26
C LYS A 399 -37.88 17.95 -22.75
N GLU A 400 -38.00 18.68 -23.85
CA GLU A 400 -39.30 18.98 -24.47
C GLU A 400 -39.70 17.82 -25.40
N GLU A 401 -38.70 17.23 -26.06
CA GLU A 401 -38.90 16.10 -26.97
C GLU A 401 -39.36 14.85 -26.20
N GLY A 402 -39.63 15.04 -24.91
CA GLY A 402 -40.09 13.95 -24.08
C GLY A 402 -39.10 13.31 -23.12
N VAL A 403 -37.84 13.20 -23.53
CA VAL A 403 -36.83 12.56 -22.68
C VAL A 403 -37.03 12.82 -21.18
N GLN A 404 -37.35 11.76 -20.44
CA GLN A 404 -37.57 11.85 -19.01
C GLN A 404 -36.35 11.41 -18.20
N ALA A 405 -35.36 10.83 -18.87
CA ALA A 405 -34.16 10.37 -18.17
C ALA A 405 -32.99 10.09 -19.11
N VAL A 406 -31.78 10.26 -18.60
CA VAL A 406 -30.56 10.07 -19.37
C VAL A 406 -29.68 8.94 -18.86
N LEU A 407 -29.13 8.18 -19.80
CA LEU A 407 -28.27 7.07 -19.44
C LEU A 407 -26.87 7.45 -19.87
N VAL A 408 -25.98 7.62 -18.89
CA VAL A 408 -24.60 8.03 -19.13
C VAL A 408 -23.51 6.94 -19.18
N LEU A 409 -22.93 6.77 -20.36
CA LEU A 409 -21.86 5.81 -20.55
C LEU A 409 -20.56 6.59 -20.42
N THR A 410 -19.81 6.31 -19.37
CA THR A 410 -18.55 7.00 -19.14
C THR A 410 -17.62 6.24 -18.23
N PRO A 411 -16.32 6.48 -18.36
CA PRO A 411 -15.34 5.80 -17.52
C PRO A 411 -15.57 6.28 -16.09
N PRO A 412 -14.98 5.57 -15.09
CA PRO A 412 -15.17 6.03 -13.71
C PRO A 412 -14.84 7.51 -13.59
N MET A 413 -15.56 8.21 -12.72
CA MET A 413 -15.36 9.64 -12.52
C MET A 413 -15.02 9.86 -11.05
N ALA A 414 -14.18 10.86 -10.75
CA ALA A 414 -13.86 11.17 -9.36
C ALA A 414 -15.20 11.74 -8.91
N TRP A 415 -15.69 11.41 -7.71
CA TRP A 415 -16.99 11.92 -7.36
C TRP A 415 -17.04 13.44 -7.44
N GLU A 416 -15.87 14.04 -7.60
CA GLU A 416 -15.79 15.49 -7.74
C GLU A 416 -16.58 15.89 -8.99
N ASP A 417 -16.34 15.15 -10.09
CA ASP A 417 -16.98 15.38 -11.39
C ASP A 417 -18.37 14.75 -11.52
N ARG A 418 -18.47 13.53 -11.02
CA ARG A 418 -19.71 12.78 -11.05
C ARG A 418 -20.84 13.68 -10.57
N ASN A 419 -20.58 14.47 -9.53
CA ASN A 419 -21.59 15.38 -8.97
C ASN A 419 -21.89 16.56 -9.91
N ARG A 420 -20.84 17.15 -10.45
CA ARG A 420 -20.99 18.29 -11.36
C ARG A 420 -22.06 17.98 -12.42
N LEU A 421 -21.82 16.89 -13.15
CA LEU A 421 -22.70 16.39 -14.22
C LEU A 421 -24.16 16.16 -13.79
N LYS A 422 -24.36 15.30 -12.80
CA LYS A 422 -25.70 15.00 -12.32
C LYS A 422 -26.42 16.28 -11.94
N ALA A 423 -25.67 17.18 -11.31
CA ALA A 423 -26.23 18.46 -10.88
C ALA A 423 -26.78 19.22 -12.09
N LEU A 424 -25.90 19.46 -13.07
CA LEU A 424 -26.28 20.17 -14.28
C LEU A 424 -27.54 19.61 -14.93
N LEU A 425 -27.47 18.35 -15.34
CA LEU A 425 -28.58 17.64 -15.98
C LEU A 425 -29.87 17.74 -15.17
N LEU A 426 -29.74 17.58 -13.86
CA LEU A 426 -30.89 17.61 -12.94
C LEU A 426 -31.53 19.00 -12.88
N ARG A 427 -30.70 20.03 -12.77
CA ARG A 427 -31.20 21.39 -12.72
C ARG A 427 -31.91 21.64 -14.06
N GLU A 428 -31.57 20.84 -15.05
CA GLU A 428 -32.14 20.95 -16.37
C GLU A 428 -33.39 20.09 -16.47
N GLY A 429 -33.72 19.43 -15.35
CA GLY A 429 -34.90 18.58 -15.30
C GLY A 429 -34.74 17.21 -15.92
N LEU A 430 -33.54 16.66 -15.83
CA LEU A 430 -33.24 15.35 -16.41
C LEU A 430 -32.53 14.38 -15.46
N PRO A 431 -33.27 13.46 -14.83
CA PRO A 431 -32.58 12.52 -13.93
C PRO A 431 -31.53 11.74 -14.74
N SER A 432 -30.55 11.14 -14.08
CA SER A 432 -29.53 10.43 -14.83
C SER A 432 -28.93 9.23 -14.13
N GLN A 433 -28.63 8.20 -14.93
CA GLN A 433 -28.05 6.97 -14.44
C GLN A 433 -26.69 6.84 -15.10
N ILE A 434 -25.68 6.44 -14.34
CA ILE A 434 -24.35 6.29 -14.90
C ILE A 434 -24.04 4.82 -15.07
N LEU A 435 -23.16 4.52 -16.00
CA LEU A 435 -22.73 3.15 -16.27
C LEU A 435 -21.32 3.31 -16.81
N ASN A 436 -20.36 2.72 -16.12
CA ASN A 436 -18.98 2.84 -16.55
C ASN A 436 -18.67 2.17 -17.88
N VAL A 437 -18.00 2.94 -18.73
CA VAL A 437 -17.64 2.54 -20.10
C VAL A 437 -16.99 1.18 -20.36
N PRO A 438 -15.89 0.81 -19.66
CA PRO A 438 -15.43 -0.52 -20.04
C PRO A 438 -16.55 -1.50 -19.69
N LEU A 439 -17.41 -1.80 -20.67
CA LEU A 439 -18.57 -2.67 -20.46
C LEU A 439 -18.78 -3.79 -21.49
N ARG A 440 -18.86 -5.02 -21.00
CA ARG A 440 -19.10 -6.18 -21.85
C ARG A 440 -20.47 -6.73 -21.44
N GLU A 441 -21.31 -7.11 -22.42
CA GLU A 441 -22.63 -7.64 -22.10
C GLU A 441 -22.59 -9.00 -21.40
N GLU A 442 -21.46 -9.30 -20.79
CA GLU A 442 -21.30 -10.55 -20.05
C GLU A 442 -21.86 -10.22 -18.67
N GLU A 443 -21.57 -9.00 -18.24
CA GLU A 443 -22.01 -8.49 -16.94
C GLU A 443 -23.50 -8.17 -16.91
N ARG A 444 -24.31 -9.22 -16.97
CA ARG A 444 -25.76 -9.06 -16.95
C ARG A 444 -26.17 -8.15 -15.80
N HIS A 445 -25.97 -8.63 -14.58
CA HIS A 445 -26.36 -7.89 -13.39
C HIS A 445 -26.00 -6.44 -13.33
N ARG A 446 -24.86 -6.06 -13.88
CA ARG A 446 -24.47 -4.68 -13.81
C ARG A 446 -25.29 -3.76 -14.71
N TRP A 447 -25.30 -3.97 -16.02
CA TRP A 447 -26.10 -3.08 -16.86
C TRP A 447 -27.58 -3.28 -16.63
N GLU A 448 -27.95 -4.48 -16.21
CA GLU A 448 -29.33 -4.82 -15.94
C GLU A 448 -29.86 -3.92 -14.82
N ASN A 449 -29.05 -3.73 -13.78
CA ASN A 449 -29.36 -2.89 -12.63
C ASN A 449 -29.35 -1.45 -13.09
N ALA A 450 -28.35 -1.11 -13.90
CA ALA A 450 -28.23 0.24 -14.42
C ALA A 450 -29.54 0.58 -15.12
N LEU A 451 -30.04 -0.36 -15.91
CA LEU A 451 -31.29 -0.18 -16.62
C LEU A 451 -32.49 -0.02 -15.69
N LEU A 452 -32.51 -0.84 -14.65
CA LEU A 452 -33.59 -0.79 -13.68
C LEU A 452 -33.57 0.58 -13.04
N GLY A 453 -32.36 1.11 -12.88
CA GLY A 453 -32.21 2.42 -12.28
C GLY A 453 -32.81 3.46 -13.20
N LEU A 454 -32.39 3.46 -14.47
CA LEU A 454 -32.89 4.43 -15.43
C LEU A 454 -34.42 4.55 -15.41
N LEU A 455 -35.08 3.40 -15.44
CA LEU A 455 -36.53 3.36 -15.43
C LEU A 455 -37.17 3.84 -14.13
N ALA A 456 -36.47 3.68 -13.01
CA ALA A 456 -37.01 4.11 -11.75
C ALA A 456 -36.94 5.62 -11.74
N LYS A 457 -35.89 6.14 -12.36
CA LYS A 457 -35.69 7.59 -12.44
C LYS A 457 -36.55 8.13 -13.57
N ALA A 458 -36.71 7.32 -14.61
CA ALA A 458 -37.52 7.73 -15.74
C ALA A 458 -38.90 7.99 -15.15
N GLY A 459 -39.28 7.21 -14.14
CA GLY A 459 -40.57 7.40 -13.53
C GLY A 459 -41.52 6.22 -13.71
N LEU A 460 -40.97 5.02 -13.89
CA LEU A 460 -41.78 3.81 -14.06
C LEU A 460 -41.89 3.00 -12.80
N GLN A 461 -43.07 2.42 -12.59
CA GLN A 461 -43.34 1.57 -11.43
C GLN A 461 -43.08 0.16 -11.97
N VAL A 462 -41.88 -0.36 -11.69
CA VAL A 462 -41.48 -1.68 -12.18
C VAL A 462 -42.35 -2.82 -11.64
N VAL A 463 -42.42 -2.97 -10.33
CA VAL A 463 -43.24 -4.03 -9.76
C VAL A 463 -44.19 -3.40 -8.78
N ALA A 464 -45.04 -4.21 -8.14
CA ALA A 464 -46.01 -3.71 -7.15
C ALA A 464 -46.47 -4.87 -6.29
N LEU A 465 -47.15 -4.56 -5.20
CA LEU A 465 -47.63 -5.61 -4.32
C LEU A 465 -49.07 -6.00 -4.57
N SER A 466 -49.29 -7.27 -4.89
CA SER A 466 -50.63 -7.77 -5.15
C SER A 466 -51.39 -8.00 -3.85
N GLY A 467 -52.15 -6.99 -3.41
CA GLY A 467 -52.92 -7.12 -2.19
C GLY A 467 -53.18 -5.81 -1.45
N ALA A 468 -53.85 -5.90 -0.31
CA ALA A 468 -54.15 -4.73 0.51
C ALA A 468 -53.71 -4.99 1.96
N TYR A 469 -53.29 -3.92 2.65
CA TYR A 469 -52.82 -4.01 4.04
C TYR A 469 -53.56 -2.98 4.87
N PRO A 470 -53.30 -2.93 6.19
CA PRO A 470 -53.96 -1.98 7.08
C PRO A 470 -53.67 -0.52 6.74
N ALA A 471 -52.45 -0.21 6.32
CA ALA A 471 -52.09 1.16 5.95
C ALA A 471 -51.93 1.37 4.43
N GLU A 472 -52.73 2.26 3.87
CA GLU A 472 -52.67 2.52 2.44
C GLU A 472 -51.43 3.31 2.12
N LEU A 473 -50.90 3.98 3.13
CA LEU A 473 -49.71 4.79 2.95
C LEU A 473 -48.66 4.50 4.01
N ALA A 474 -47.46 4.18 3.54
CA ALA A 474 -46.33 3.92 4.41
C ALA A 474 -45.31 4.99 4.04
N VAL A 475 -44.86 5.77 5.01
CA VAL A 475 -43.87 6.79 4.70
C VAL A 475 -42.67 6.66 5.63
N GLY A 476 -41.48 6.73 5.05
CA GLY A 476 -40.26 6.61 5.84
C GLY A 476 -39.52 7.92 5.96
N PHE A 477 -39.09 8.22 7.17
CA PHE A 477 -38.36 9.44 7.45
C PHE A 477 -36.88 9.27 7.75
N ASP A 478 -36.05 10.03 7.04
CA ASP A 478 -34.62 9.99 7.28
C ASP A 478 -34.03 11.38 7.44
N ALA A 479 -33.22 11.55 8.48
CA ALA A 479 -32.59 12.85 8.76
C ALA A 479 -31.10 12.94 8.40
N GLY A 480 -30.68 14.13 7.99
CA GLY A 480 -29.30 14.40 7.63
C GLY A 480 -28.66 15.25 8.71
N GLY A 481 -28.30 14.53 9.77
CA GLY A 481 -27.67 15.02 10.98
C GLY A 481 -28.10 13.83 11.79
N ARG A 482 -27.19 12.88 12.03
CA ARG A 482 -27.56 11.66 12.71
C ARG A 482 -28.48 11.91 13.92
N GLU A 483 -28.25 13.02 14.61
CA GLU A 483 -29.02 13.36 15.80
C GLU A 483 -30.49 13.73 15.55
N SER A 484 -30.75 14.65 14.62
CA SER A 484 -32.13 15.04 14.40
C SER A 484 -32.37 15.75 13.08
N PHE A 485 -33.57 16.30 12.96
CA PHE A 485 -33.98 17.00 11.76
C PHE A 485 -33.81 18.51 11.84
N ARG A 486 -33.12 19.01 12.86
CA ARG A 486 -32.96 20.46 12.92
C ARG A 486 -32.18 20.99 11.74
N PHE A 487 -31.63 20.09 10.90
CA PHE A 487 -30.88 20.49 9.71
C PHE A 487 -31.48 19.94 8.41
N GLY A 488 -32.68 19.38 8.50
CA GLY A 488 -33.35 18.85 7.32
C GLY A 488 -33.43 17.34 7.27
N GLY A 489 -33.67 16.83 6.07
CA GLY A 489 -33.79 15.40 5.86
C GLY A 489 -34.89 15.21 4.84
N ALA A 490 -35.20 13.97 4.48
CA ALA A 490 -36.26 13.74 3.51
C ALA A 490 -37.21 12.63 3.95
N ALA A 491 -38.14 12.32 3.06
CA ALA A 491 -39.11 11.27 3.35
C ALA A 491 -39.47 10.60 2.03
N CYS A 492 -39.92 9.35 2.12
CA CYS A 492 -40.34 8.61 0.95
C CYS A 492 -41.55 7.80 1.31
N ALA A 493 -42.50 7.72 0.39
CA ALA A 493 -43.71 6.99 0.66
C ALA A 493 -44.10 6.08 -0.47
N VAL A 494 -44.88 5.06 -0.12
CA VAL A 494 -45.40 4.05 -1.03
C VAL A 494 -46.78 3.74 -0.53
N GLY A 495 -47.61 3.14 -1.37
CA GLY A 495 -48.97 2.78 -0.98
C GLY A 495 -49.99 2.98 -2.09
N GLY A 496 -50.95 2.05 -2.18
CA GLY A 496 -51.97 2.15 -3.20
C GLY A 496 -52.32 0.80 -3.79
N GLY A 498 -52.47 1.10 -7.14
CA GLY A 498 -51.28 0.61 -7.80
C GLY A 498 -50.12 0.38 -6.84
N GLY A 499 -49.59 1.47 -6.32
CA GLY A 499 -48.50 1.38 -5.37
C GLY A 499 -47.48 2.48 -5.55
N HIS A 500 -47.78 3.40 -6.46
CA HIS A 500 -46.90 4.52 -6.78
C HIS A 500 -46.05 5.11 -5.63
N LEU A 501 -44.72 5.04 -5.77
CA LEU A 501 -43.81 5.58 -4.76
C LEU A 501 -43.36 6.98 -5.10
N LEU A 502 -43.19 7.79 -4.07
CA LEU A 502 -42.80 9.18 -4.24
C LEU A 502 -41.92 9.67 -3.08
N TRP A 503 -41.11 10.69 -3.37
CA TRP A 503 -40.21 11.27 -2.38
C TRP A 503 -40.64 12.68 -2.05
N THR A 504 -40.05 13.24 -1.00
CA THR A 504 -40.36 14.59 -0.55
C THR A 504 -39.12 15.24 0.08
N LEU A 505 -38.97 16.57 -0.11
CA LEU A 505 -37.83 17.29 0.46
C LEU A 505 -38.22 18.54 1.23
N PRO A 506 -37.57 18.74 2.38
CA PRO A 506 -37.83 19.88 3.23
C PRO A 506 -37.12 21.09 2.62
N GLU A 507 -37.87 22.15 2.33
CA GLU A 507 -37.31 23.37 1.74
C GLU A 507 -36.03 23.83 2.46
N ALA A 508 -35.10 24.40 1.68
CA ALA A 508 -33.79 24.85 2.16
C ALA A 508 -33.74 25.97 3.22
N GLN A 509 -33.00 25.69 4.29
CA GLN A 509 -32.81 26.61 5.40
C GLN A 509 -31.29 26.85 5.49
N ALA A 510 -30.86 27.82 6.31
CA ALA A 510 -29.42 28.10 6.43
C ALA A 510 -28.87 27.72 7.80
N GLY A 511 -29.73 27.84 8.81
CA GLY A 511 -29.32 27.51 10.16
C GLY A 511 -30.10 26.31 10.68
N GLU A 512 -30.54 26.40 11.92
CA GLU A 512 -31.29 25.32 12.55
C GLU A 512 -32.78 25.62 12.43
N ARG A 513 -33.60 24.58 12.27
CA ARG A 513 -35.04 24.76 12.18
C ARG A 513 -35.64 23.95 13.33
N ILE A 514 -36.85 24.29 13.72
CA ILE A 514 -37.52 23.57 14.81
C ILE A 514 -37.64 22.11 14.39
N PRO A 515 -36.84 21.22 15.00
CA PRO A 515 -36.89 19.80 14.64
C PRO A 515 -38.29 19.27 14.31
N GLN A 516 -39.22 19.37 15.27
CA GLN A 516 -40.57 18.87 15.08
C GLN A 516 -41.41 19.58 14.05
N GLU A 517 -40.90 20.65 13.46
CA GLU A 517 -41.63 21.35 12.41
C GLU A 517 -41.22 20.81 11.03
N VAL A 518 -39.97 20.39 10.91
CA VAL A 518 -39.45 19.82 9.67
C VAL A 518 -40.17 18.49 9.37
N VAL A 519 -40.47 17.76 10.43
CA VAL A 519 -41.15 16.50 10.28
C VAL A 519 -42.59 16.69 9.82
N TRP A 520 -43.30 17.68 10.37
CA TRP A 520 -44.69 17.94 9.91
C TRP A 520 -44.60 18.47 8.48
N ASP A 521 -43.55 19.26 8.25
CA ASP A 521 -43.25 19.83 6.95
C ASP A 521 -43.23 18.67 5.97
N LEU A 522 -42.48 17.62 6.32
CA LEU A 522 -42.33 16.44 5.46
C LEU A 522 -43.60 15.59 5.30
N LEU A 523 -44.28 15.30 6.40
CA LEU A 523 -45.47 14.49 6.33
C LEU A 523 -46.59 15.13 5.49
N GLU A 524 -46.89 16.40 5.72
CA GLU A 524 -47.94 17.06 4.94
C GLU A 524 -47.64 17.09 3.44
N GLU A 525 -46.42 17.47 3.06
CA GLU A 525 -46.08 17.51 1.65
C GLU A 525 -46.35 16.15 1.07
N THR A 526 -46.13 15.12 1.88
CA THR A 526 -46.34 13.73 1.47
C THR A 526 -47.80 13.44 1.22
N LEU A 527 -48.66 13.92 2.11
CA LEU A 527 -50.07 13.68 1.98
C LEU A 527 -50.71 14.42 0.82
N TRP A 528 -50.11 15.55 0.45
CA TRP A 528 -50.60 16.33 -0.66
C TRP A 528 -50.28 15.60 -1.95
N ALA A 529 -49.01 15.24 -2.11
CA ALA A 529 -48.58 14.53 -3.29
C ALA A 529 -49.41 13.26 -3.48
N PHE A 530 -49.82 12.66 -2.36
CA PHE A 530 -50.61 11.44 -2.42
C PHE A 530 -52.02 11.74 -2.85
N ARG A 531 -52.68 12.65 -2.15
CA ARG A 531 -54.04 13.03 -2.47
C ARG A 531 -54.13 13.30 -3.96
N ARG A 532 -53.27 14.20 -4.37
CA ARG A 532 -53.21 14.63 -5.75
C ARG A 532 -52.79 13.53 -6.72
N LYS A 533 -52.43 12.36 -6.20
CA LYS A 533 -52.01 11.23 -7.05
C LYS A 533 -52.88 9.99 -6.95
N ALA A 534 -53.67 9.91 -5.90
CA ALA A 534 -54.56 8.78 -5.70
C ALA A 534 -55.98 9.31 -5.54
N GLY A 535 -56.09 10.64 -5.40
CA GLY A 535 -57.39 11.29 -5.24
C GLY A 535 -58.11 11.02 -3.93
N ARG A 536 -57.50 10.18 -3.11
CA ARG A 536 -58.07 9.78 -1.84
C ARG A 536 -57.15 10.28 -0.70
N LEU A 537 -57.66 10.31 0.52
CA LEU A 537 -56.81 10.71 1.65
C LEU A 537 -56.71 9.45 2.50
N PRO A 538 -55.49 8.94 2.71
CA PRO A 538 -55.24 7.71 3.50
C PRO A 538 -56.03 7.61 4.79
N SER A 539 -56.70 6.48 4.98
CA SER A 539 -57.48 6.26 6.19
C SER A 539 -56.49 6.05 7.32
N ARG A 540 -55.40 5.37 7.00
CA ARG A 540 -54.38 5.08 7.98
C ARG A 540 -53.00 5.17 7.37
N VAL A 541 -52.04 5.65 8.17
CA VAL A 541 -50.64 5.74 7.73
C VAL A 541 -49.67 4.94 8.61
N LEU A 542 -48.59 4.51 7.98
CA LEU A 542 -47.55 3.75 8.65
C LEU A 542 -46.35 4.67 8.57
N LEU A 543 -45.86 5.12 9.71
CA LEU A 543 -44.72 6.00 9.71
C LEU A 543 -43.52 5.24 10.21
N LEU A 544 -42.45 5.21 9.41
CA LEU A 544 -41.22 4.51 9.77
C LEU A 544 -40.08 5.50 10.00
N ARG A 545 -39.24 5.23 10.99
CA ARG A 545 -38.09 6.09 11.33
C ARG A 545 -36.95 5.22 11.83
N ASP A 546 -35.72 5.76 11.74
CA ASP A 546 -34.53 5.05 12.18
C ASP A 546 -34.28 5.10 13.66
N GLY A 547 -35.27 5.53 14.44
CA GLY A 547 -35.15 5.60 15.90
C GLY A 547 -33.82 6.16 16.38
N ARG A 548 -33.20 6.89 15.48
CA ARG A 548 -31.91 7.50 15.70
C ARG A 548 -32.17 8.72 16.53
N VAL A 549 -33.16 9.45 16.05
CA VAL A 549 -33.63 10.70 16.59
C VAL A 549 -34.63 10.46 17.72
N PRO A 550 -34.81 11.46 18.58
CA PRO A 550 -35.75 11.36 19.71
C PRO A 550 -37.18 11.25 19.16
N GLN A 551 -38.04 10.58 19.91
CA GLN A 551 -39.42 10.37 19.49
C GLN A 551 -40.34 11.59 19.48
N ASP A 552 -39.94 12.65 20.19
CA ASP A 552 -40.75 13.87 20.28
C ASP A 552 -40.64 14.77 19.05
N GLU A 553 -39.69 14.48 18.17
CA GLU A 553 -39.54 15.31 16.99
C GLU A 553 -40.71 14.96 16.05
N PHE A 554 -41.47 13.93 16.42
CA PHE A 554 -42.63 13.50 15.63
C PHE A 554 -43.94 13.98 16.24
N ALA A 555 -43.86 14.75 17.33
CA ALA A 555 -45.03 15.25 18.02
C ALA A 555 -46.01 16.07 17.15
N LEU A 556 -45.50 17.14 16.55
CA LEU A 556 -46.33 17.99 15.73
C LEU A 556 -47.10 17.23 14.67
N ALA A 557 -46.42 16.32 13.97
CA ALA A 557 -47.06 15.55 12.92
C ALA A 557 -48.10 14.54 13.42
N LEU A 558 -47.80 13.87 14.53
CA LEU A 558 -48.74 12.89 15.09
C LEU A 558 -50.01 13.57 15.58
N GLU A 559 -49.92 14.86 15.89
CA GLU A 559 -51.07 15.62 16.37
C GLU A 559 -51.73 16.26 15.15
N ALA A 560 -50.92 16.54 14.15
CA ALA A 560 -51.41 17.11 12.91
C ALA A 560 -52.39 16.11 12.28
N LEU A 561 -51.92 14.87 12.10
CA LEU A 561 -52.74 13.82 11.52
C LEU A 561 -53.98 13.61 12.37
N ALA A 562 -53.84 13.85 13.66
CA ALA A 562 -54.94 13.67 14.58
C ALA A 562 -56.04 14.69 14.29
N ARG A 563 -55.69 15.81 13.67
CA ARG A 563 -56.68 16.83 13.35
C ARG A 563 -57.14 16.74 11.93
N GLU A 564 -56.69 15.73 11.20
CA GLU A 564 -57.11 15.59 9.83
C GLU A 564 -58.07 14.42 9.76
N GLY A 565 -58.12 13.63 10.82
CA GLY A 565 -59.01 12.48 10.88
C GLY A 565 -58.38 11.16 10.45
N ILE A 566 -57.11 11.20 10.06
CA ILE A 566 -56.46 9.98 9.62
C ILE A 566 -55.73 9.32 10.77
N ALA A 567 -55.80 7.99 10.79
CA ALA A 567 -55.15 7.19 11.85
C ALA A 567 -53.77 6.71 11.41
N TYR A 568 -52.87 6.62 12.40
CA TYR A 568 -51.49 6.23 12.15
C TYR A 568 -50.94 5.22 13.15
N ASP A 569 -49.71 4.79 12.86
CA ASP A 569 -48.92 3.88 13.68
C ASP A 569 -47.49 4.42 13.51
N LEU A 570 -46.76 4.61 14.60
CA LEU A 570 -45.40 5.09 14.47
C LEU A 570 -44.44 3.98 14.88
N VAL A 571 -43.60 3.56 13.95
CA VAL A 571 -42.67 2.50 14.23
C VAL A 571 -41.24 2.92 14.02
N SER A 572 -40.39 2.59 14.97
CA SER A 572 -38.96 2.93 14.88
C SER A 572 -38.17 1.69 14.49
N VAL A 573 -37.38 1.80 13.43
CA VAL A 573 -36.59 0.68 12.92
C VAL A 573 -35.09 0.81 13.13
N ARG A 574 -34.52 -0.04 13.97
CA ARG A 574 -33.08 0.02 14.21
C ARG A 574 -32.37 -1.17 13.58
N LYS A 575 -31.27 -0.92 12.87
CA LYS A 575 -30.45 -1.93 12.20
C LYS A 575 -29.51 -2.71 13.13
N SER A 576 -29.28 -2.17 14.32
CA SER A 576 -28.39 -2.78 15.30
C SER A 576 -29.12 -3.09 16.59
N GLY A 577 -28.75 -4.18 17.27
CA GLY A 577 -29.37 -4.50 18.54
C GLY A 577 -30.51 -5.52 18.64
N GLY A 578 -30.74 -6.30 17.59
CA GLY A 578 -31.80 -7.29 17.66
C GLY A 578 -31.14 -8.62 17.98
N GLY A 579 -29.82 -8.57 18.22
CA GLY A 579 -29.05 -9.77 18.50
C GLY A 579 -29.15 -10.75 17.35
N ARG A 580 -29.09 -12.05 17.65
CA ARG A 580 -29.24 -13.06 16.61
C ARG A 580 -30.42 -13.94 16.93
N VAL A 581 -30.86 -14.70 15.93
CA VAL A 581 -31.97 -15.66 16.05
C VAL A 581 -31.53 -16.96 15.39
N TYR A 582 -31.66 -18.08 16.10
CA TYR A 582 -31.26 -19.38 15.54
C TYR A 582 -32.41 -20.37 15.47
N PRO A 583 -32.48 -21.16 14.39
CA PRO A 583 -33.53 -22.15 14.20
C PRO A 583 -33.31 -23.30 15.16
N VAL A 584 -34.34 -23.69 15.90
CA VAL A 584 -34.20 -24.81 16.83
C VAL A 584 -33.70 -26.03 16.07
N GLN A 585 -34.50 -26.43 15.10
CA GLN A 585 -34.16 -27.55 14.23
C GLN A 585 -34.75 -27.14 12.87
N GLY A 586 -34.09 -27.54 11.78
CA GLY A 586 -34.58 -27.16 10.48
C GLY A 586 -33.90 -25.86 10.13
N ARG A 587 -34.18 -25.32 8.94
CA ARG A 587 -33.57 -24.06 8.55
C ARG A 587 -34.58 -22.95 8.79
N LEU A 588 -34.11 -21.72 8.70
CA LEU A 588 -34.97 -20.55 8.89
C LEU A 588 -35.44 -20.02 7.55
N ALA A 589 -36.56 -19.32 7.55
CA ALA A 589 -37.10 -18.78 6.32
C ALA A 589 -37.24 -17.28 6.43
N ASP A 590 -37.50 -16.64 5.30
CA ASP A 590 -37.65 -15.20 5.29
C ASP A 590 -38.99 -14.81 5.88
N GLY A 591 -39.04 -13.66 6.53
CA GLY A 591 -40.29 -13.19 7.12
C GLY A 591 -40.60 -13.84 8.44
N LEU A 592 -39.58 -14.03 9.25
CA LEU A 592 -39.78 -14.63 10.56
C LEU A 592 -40.05 -13.46 11.50
N TYR A 593 -41.18 -13.52 12.18
CA TYR A 593 -41.61 -12.47 13.09
C TYR A 593 -41.46 -12.91 14.56
N VAL A 594 -40.54 -12.26 15.28
CA VAL A 594 -40.25 -12.60 16.67
C VAL A 594 -40.61 -11.52 17.74
N PRO A 595 -41.83 -11.57 18.32
CA PRO A 595 -42.21 -10.60 19.35
C PRO A 595 -41.41 -10.77 20.65
N LEU A 596 -41.01 -9.66 21.27
CA LEU A 596 -40.18 -9.68 22.49
C LEU A 596 -40.89 -8.85 23.54
N GLU A 597 -40.12 -8.12 24.34
CA GLU A 597 -40.70 -7.20 25.34
C GLU A 597 -41.88 -6.53 24.61
N ASP A 598 -42.92 -6.13 25.34
CA ASP A 598 -44.19 -5.60 24.78
C ASP A 598 -44.46 -4.61 23.64
N LYS A 599 -43.51 -3.87 23.09
CA LYS A 599 -43.93 -3.02 21.97
C LYS A 599 -42.89 -3.19 20.90
N THR A 600 -42.15 -4.26 21.10
CA THR A 600 -41.03 -4.56 20.26
C THR A 600 -41.02 -5.97 19.68
N PHE A 601 -40.31 -6.12 18.58
CA PHE A 601 -40.15 -7.40 17.90
C PHE A 601 -38.95 -7.43 16.97
N LEU A 602 -38.63 -8.60 16.49
CA LEU A 602 -37.49 -8.76 15.60
C LEU A 602 -38.01 -9.23 14.26
N LEU A 603 -37.39 -8.74 13.18
CA LEU A 603 -37.79 -9.14 11.83
C LEU A 603 -36.57 -9.61 11.05
N LEU A 604 -36.63 -10.84 10.55
CA LEU A 604 -35.54 -11.39 9.78
C LEU A 604 -35.97 -11.36 8.33
N THR A 605 -36.11 -10.14 7.83
CA THR A 605 -36.53 -9.81 6.47
C THR A 605 -35.75 -10.50 5.39
N VAL A 606 -34.49 -10.77 5.68
CA VAL A 606 -33.64 -11.44 4.72
C VAL A 606 -32.70 -12.47 5.31
N HIS A 607 -32.15 -13.20 4.36
CA HIS A 607 -31.16 -14.25 4.44
C HIS A 607 -31.08 -14.35 2.92
N ARG A 608 -30.32 -15.27 2.33
CA ARG A 608 -30.23 -15.37 0.86
C ARG A 608 -30.83 -14.14 0.16
N ARG A 611 -24.08 -16.61 3.73
CA ARG A 611 -22.66 -16.30 3.91
C ARG A 611 -22.32 -16.15 5.39
N GLY A 612 -22.88 -15.12 6.02
CA GLY A 612 -22.63 -14.91 7.43
C GLY A 612 -23.84 -15.33 8.26
N THR A 613 -24.22 -14.47 9.19
CA THR A 613 -25.38 -14.72 10.05
C THR A 613 -26.33 -13.57 9.88
N PRO A 614 -27.61 -13.87 9.60
CA PRO A 614 -28.53 -12.75 9.45
C PRO A 614 -28.63 -11.88 10.71
N ARG A 615 -28.58 -10.56 10.49
CA ARG A 615 -28.67 -9.60 11.56
C ARG A 615 -30.10 -9.09 11.52
N PRO A 616 -30.96 -9.63 12.40
CA PRO A 616 -32.36 -9.25 12.48
C PRO A 616 -32.61 -7.77 12.78
N LEU A 617 -33.76 -7.25 12.36
CA LEU A 617 -34.11 -5.86 12.62
C LEU A 617 -34.90 -5.77 13.91
N LYS A 618 -34.66 -4.74 14.70
CA LYS A 618 -35.41 -4.57 15.94
C LYS A 618 -36.33 -3.37 15.73
N LEU A 619 -37.65 -3.60 15.84
CA LEU A 619 -38.61 -2.52 15.65
C LEU A 619 -39.43 -2.25 16.90
N VAL A 620 -39.84 -1.00 17.07
CA VAL A 620 -40.64 -0.63 18.22
C VAL A 620 -41.86 0.16 17.76
N HIS A 621 -43.01 -0.27 18.25
CA HIS A 621 -44.29 0.37 17.95
C HIS A 621 -44.39 1.48 19.00
N GLU A 622 -44.05 2.71 18.61
CA GLU A 622 -44.10 3.82 19.54
C GLU A 622 -45.48 4.50 19.63
N ALA A 623 -46.35 4.23 18.68
CA ALA A 623 -47.68 4.83 18.69
C ALA A 623 -48.59 4.13 17.69
N GLY A 624 -49.89 4.15 17.98
CA GLY A 624 -50.87 3.51 17.12
C GLY A 624 -51.60 2.44 17.91
N ASP A 625 -52.39 1.61 17.23
CA ASP A 625 -53.10 0.55 17.93
C ASP A 625 -53.24 -0.71 17.09
N THR A 626 -52.81 -0.67 15.83
CA THR A 626 -52.93 -1.87 15.03
C THR A 626 -51.95 -2.86 15.66
N PRO A 627 -52.28 -4.17 15.63
CA PRO A 627 -51.41 -5.19 16.22
C PRO A 627 -50.09 -5.47 15.51
N LEU A 628 -49.06 -5.67 16.32
CA LEU A 628 -47.69 -5.94 15.85
C LEU A 628 -47.64 -6.87 14.64
N GLU A 629 -48.52 -7.87 14.65
CA GLU A 629 -48.58 -8.84 13.58
C GLU A 629 -48.80 -8.14 12.25
N ALA A 630 -49.85 -7.33 12.17
CA ALA A 630 -50.14 -6.64 10.93
C ALA A 630 -49.05 -5.63 10.61
N LEU A 631 -48.42 -5.08 11.65
CA LEU A 631 -47.37 -4.11 11.38
C LEU A 631 -46.22 -4.81 10.65
N ALA A 632 -45.68 -5.86 11.28
CA ALA A 632 -44.56 -6.59 10.72
C ALA A 632 -44.88 -7.17 9.38
N HIS A 633 -46.08 -7.72 9.24
CA HIS A 633 -46.44 -8.29 7.96
C HIS A 633 -46.24 -7.28 6.85
N GLN A 634 -46.75 -6.06 7.07
CA GLN A 634 -46.65 -4.99 6.10
C GLN A 634 -45.22 -4.49 5.90
N ILE A 635 -44.54 -4.19 7.00
CA ILE A 635 -43.16 -3.72 6.93
C ILE A 635 -42.35 -4.74 6.12
N PHE A 636 -42.49 -6.02 6.46
CA PHE A 636 -41.80 -7.08 5.74
C PHE A 636 -42.08 -7.03 4.24
N HIS A 637 -43.35 -6.94 3.87
CA HIS A 637 -43.71 -6.86 2.46
C HIS A 637 -43.07 -5.64 1.79
N LEU A 638 -42.99 -4.52 2.49
CA LEU A 638 -42.40 -3.29 1.93
C LEU A 638 -40.94 -3.51 1.58
N THR A 639 -40.40 -4.60 2.09
CA THR A 639 -39.02 -4.97 1.86
C THR A 639 -38.73 -5.26 0.38
N ARG A 640 -39.76 -5.62 -0.39
CA ARG A 640 -39.57 -5.93 -1.81
C ARG A 640 -39.81 -4.79 -2.80
N LEU A 641 -40.33 -3.67 -2.34
CA LEU A 641 -40.60 -2.56 -3.24
C LEU A 641 -39.42 -1.70 -3.60
N TYR A 642 -38.20 -2.15 -3.41
CA TYR A 642 -37.08 -1.29 -3.79
C TYR A 642 -36.70 -1.40 -5.27
N PRO A 643 -37.05 -0.38 -6.07
CA PRO A 643 -36.82 -0.25 -7.52
C PRO A 643 -35.47 -0.64 -8.12
N ALA A 644 -34.38 -0.14 -7.56
CA ALA A 644 -33.06 -0.40 -8.13
C ALA A 644 -32.30 -1.63 -7.66
N SER A 645 -32.98 -2.60 -7.06
CA SER A 645 -32.31 -3.82 -6.61
C SER A 645 -32.28 -4.82 -7.77
N GLY A 646 -33.43 -5.40 -8.06
CA GLY A 646 -33.49 -6.33 -9.17
C GLY A 646 -32.91 -7.69 -8.88
N PHE A 647 -31.77 -7.74 -8.18
CA PHE A 647 -31.15 -9.03 -7.89
C PHE A 647 -31.08 -9.42 -6.42
N ALA A 648 -31.66 -8.58 -5.57
CA ALA A 648 -31.67 -8.86 -4.14
C ALA A 648 -32.40 -7.76 -3.41
N PHE A 649 -33.19 -8.15 -2.41
CA PHE A 649 -33.98 -7.23 -1.60
C PHE A 649 -33.20 -6.64 -0.42
N PRO A 650 -33.36 -5.33 -0.17
CA PRO A 650 -32.67 -4.68 0.94
C PRO A 650 -33.17 -5.20 2.29
N ARG A 651 -32.48 -4.84 3.37
CA ARG A 651 -32.88 -5.29 4.69
C ARG A 651 -34.01 -4.40 5.25
N LEU A 652 -33.91 -3.10 4.99
CA LEU A 652 -34.90 -2.13 5.43
C LEU A 652 -36.05 -1.91 4.43
N PRO A 653 -37.24 -1.50 4.93
CA PRO A 653 -38.42 -1.24 4.08
C PRO A 653 -38.14 -0.14 3.05
N ALA A 654 -38.60 -0.35 1.82
CA ALA A 654 -38.39 0.59 0.72
C ALA A 654 -38.42 2.08 1.11
N PRO A 655 -39.44 2.53 1.88
CA PRO A 655 -39.53 3.93 2.30
C PRO A 655 -38.28 4.43 3.06
N LEU A 656 -37.82 3.65 4.03
CA LEU A 656 -36.62 3.96 4.80
C LEU A 656 -35.39 3.86 3.94
N HIS A 657 -35.28 2.77 3.21
CA HIS A 657 -34.13 2.59 2.36
C HIS A 657 -34.08 3.69 1.30
N LEU A 658 -35.24 4.18 0.91
CA LEU A 658 -35.26 5.22 -0.10
C LEU A 658 -34.82 6.54 0.48
N ALA A 659 -35.42 6.94 1.59
CA ALA A 659 -35.07 8.19 2.24
C ALA A 659 -33.59 8.24 2.57
N ASP A 660 -33.04 7.09 2.99
CA ASP A 660 -31.61 7.01 3.32
C ASP A 660 -30.74 7.44 2.16
N ARG A 661 -31.09 7.00 0.96
CA ARG A 661 -30.31 7.34 -0.22
C ARG A 661 -30.71 8.66 -0.86
N LEU A 662 -31.83 9.23 -0.43
CA LEU A 662 -32.25 10.53 -0.96
C LEU A 662 -31.61 11.63 -0.11
N VAL A 663 -31.34 11.33 1.14
CA VAL A 663 -30.70 12.29 2.03
C VAL A 663 -29.21 12.30 1.72
N LYS A 664 -28.71 11.22 1.15
CA LYS A 664 -27.30 11.16 0.80
C LYS A 664 -27.06 11.85 -0.54
N GLU A 665 -28.11 12.05 -1.32
CA GLU A 665 -27.97 12.70 -2.61
C GLU A 665 -28.08 14.20 -2.48
N VAL A 666 -29.14 14.66 -1.83
CA VAL A 666 -29.35 16.08 -1.61
C VAL A 666 -28.11 16.62 -0.92
N GLY A 667 -27.48 15.76 -0.12
CA GLY A 667 -26.28 16.15 0.57
C GLY A 667 -25.19 16.57 -0.39
N ARG A 668 -24.79 15.68 -1.27
CA ARG A 668 -23.71 15.98 -2.21
C ARG A 668 -24.06 16.49 -3.61
N LEU A 669 -25.28 16.97 -3.84
CA LEU A 669 -25.61 17.48 -5.16
C LEU A 669 -25.95 18.96 -5.15
N GLY A 670 -26.86 19.33 -4.24
CA GLY A 670 -27.28 20.72 -4.13
C GLY A 670 -28.80 20.77 -4.21
N ILE A 671 -29.46 20.92 -3.07
CA ILE A 671 -30.92 20.93 -3.05
C ILE A 671 -31.55 21.94 -4.02
N ARG A 672 -30.85 23.03 -4.30
CA ARG A 672 -31.38 24.03 -5.23
C ARG A 672 -31.83 23.45 -6.57
N HIS A 673 -30.88 22.85 -7.29
CA HIS A 673 -31.14 22.25 -8.60
C HIS A 673 -32.35 21.30 -8.68
N LEU A 674 -32.91 20.96 -7.52
CA LEU A 674 -34.06 20.06 -7.45
C LEU A 674 -35.35 20.84 -7.74
N LYS A 675 -35.25 21.67 -8.77
CA LYS A 675 -36.33 22.54 -9.22
C LYS A 675 -37.63 21.83 -9.60
N GLU A 676 -37.75 21.52 -10.89
CA GLU A 676 -38.94 20.88 -11.41
C GLU A 676 -39.00 19.37 -11.25
N VAL A 677 -37.87 18.74 -10.92
CA VAL A 677 -37.88 17.29 -10.80
C VAL A 677 -39.15 16.75 -10.17
N ASP A 678 -39.91 16.01 -10.98
CA ASP A 678 -41.15 15.41 -10.53
C ASP A 678 -40.85 14.64 -9.27
N ARG A 679 -41.70 14.82 -8.26
CA ARG A 679 -41.50 14.14 -6.99
C ARG A 679 -41.82 12.65 -7.10
N GLU A 680 -42.09 12.20 -8.33
CA GLU A 680 -42.41 10.81 -8.60
C GLU A 680 -41.33 10.12 -9.47
N LYS A 681 -40.23 10.83 -9.74
CA LYS A 681 -39.12 10.28 -10.53
C LYS A 681 -37.92 10.17 -9.60
N LEU A 682 -37.72 8.97 -9.05
CA LEU A 682 -36.63 8.67 -8.09
C LEU A 682 -35.20 8.86 -8.60
N PHE A 683 -34.86 10.10 -8.90
CA PHE A 683 -33.55 10.48 -9.42
C PHE A 683 -32.36 10.10 -8.56
N PHE A 684 -32.59 9.92 -7.26
CA PHE A 684 -31.52 9.61 -6.31
C PHE A 684 -31.05 8.16 -6.19
N VAL A 685 -31.87 7.21 -6.62
CA VAL A 685 -31.50 5.80 -6.54
C VAL A 685 -30.11 5.43 -7.09
N LEU B 4 8.61 -12.35 10.75
CA LEU B 4 8.46 -10.99 10.19
C LEU B 4 8.68 -9.93 11.27
N GLY B 5 8.76 -8.67 10.85
CA GLY B 5 8.92 -7.57 11.78
C GLY B 5 10.28 -7.23 12.34
N LYS B 6 11.00 -8.21 12.86
CA LYS B 6 12.31 -7.96 13.46
C LYS B 6 13.14 -9.22 13.58
N THR B 7 14.46 -9.06 13.58
CA THR B 7 15.41 -10.18 13.69
C THR B 7 16.80 -9.63 13.94
N GLU B 8 17.79 -10.48 13.67
CA GLU B 8 19.17 -10.08 13.79
C GLU B 8 19.96 -10.92 12.80
N VAL B 9 21.03 -10.34 12.27
CA VAL B 9 21.85 -11.00 11.26
C VAL B 9 23.34 -10.90 11.48
N PHE B 10 24.05 -11.59 10.62
CA PHE B 10 25.50 -11.59 10.61
C PHE B 10 25.92 -10.86 9.33
N LEU B 11 27.11 -10.29 9.37
CA LEU B 11 27.67 -9.57 8.25
C LEU B 11 29.00 -10.27 7.99
N ASN B 12 29.57 -10.06 6.82
CA ASN B 12 30.86 -10.66 6.49
C ASN B 12 31.96 -9.83 7.17
N ARG B 13 31.67 -9.32 8.36
CA ARG B 13 32.60 -8.47 9.12
C ARG B 13 32.98 -9.08 10.46
N PHE B 14 34.24 -8.86 10.84
CA PHE B 14 34.72 -9.37 12.11
C PHE B 14 35.40 -8.28 12.93
N ALA B 15 35.05 -8.20 14.22
CA ALA B 15 35.63 -7.20 15.11
C ALA B 15 36.90 -7.73 15.73
N LEU B 16 37.85 -6.83 15.94
CA LEU B 16 39.12 -7.17 16.53
C LEU B 16 39.38 -6.20 17.67
N ARG B 17 40.57 -6.29 18.26
CA ARG B 17 40.96 -5.41 19.35
C ARG B 17 40.77 -3.90 19.06
N PRO B 18 40.84 -3.04 20.09
CA PRO B 18 40.68 -1.58 19.90
C PRO B 18 42.07 -0.95 19.76
N LEU B 19 42.17 0.11 18.96
CA LEU B 19 43.45 0.78 18.74
C LEU B 19 44.15 1.36 19.96
N ASN B 20 45.12 0.63 20.51
CA ASN B 20 45.85 1.12 21.68
C ASN B 20 46.37 2.55 21.50
N PRO B 21 46.80 3.20 22.59
CA PRO B 21 47.32 4.58 22.56
C PRO B 21 48.36 4.98 21.49
N GLU B 22 49.34 4.13 21.18
CA GLU B 22 50.33 4.50 20.16
C GLU B 22 49.71 4.50 18.79
N GLU B 23 48.70 3.67 18.61
CA GLU B 23 48.03 3.58 17.33
C GLU B 23 47.11 4.79 17.15
N LEU B 24 46.54 5.31 18.23
CA LEU B 24 45.68 6.49 18.12
C LEU B 24 46.53 7.75 18.01
N ARG B 25 47.84 7.60 18.14
CA ARG B 25 48.79 8.71 18.04
C ARG B 25 49.85 8.34 17.00
N PRO B 26 49.51 8.43 15.71
CA PRO B 26 50.53 8.08 14.70
C PRO B 26 51.51 9.22 14.44
N TRP B 27 52.74 8.88 14.07
CA TRP B 27 53.77 9.87 13.77
C TRP B 27 53.30 10.75 12.63
N ARG B 28 53.79 11.97 12.59
CA ARG B 28 53.41 12.89 11.52
C ARG B 28 54.69 13.38 10.87
N LEU B 29 54.77 13.34 9.53
CA LEU B 29 55.97 13.79 8.83
C LEU B 29 55.71 14.84 7.76
N GLU B 30 56.61 15.82 7.69
CA GLU B 30 56.52 16.86 6.68
C GLU B 30 57.40 16.35 5.52
N VAL B 31 57.04 16.71 4.31
CA VAL B 31 57.80 16.28 3.14
C VAL B 31 58.27 17.47 2.31
N VAL B 32 59.53 17.44 1.89
CA VAL B 32 60.07 18.48 1.04
C VAL B 32 60.49 17.81 -0.26
N LEU B 33 59.96 18.32 -1.36
CA LEU B 33 60.25 17.76 -2.66
C LEU B 33 61.03 18.72 -3.52
N ASP B 34 61.85 18.15 -4.38
CA ASP B 34 62.67 18.92 -5.30
C ASP B 34 62.79 18.11 -6.59
N PRO B 35 62.39 18.72 -7.71
CA PRO B 35 61.87 20.08 -7.75
C PRO B 35 60.41 20.11 -7.27
N PRO B 36 59.87 21.31 -7.00
CA PRO B 36 58.48 21.41 -6.54
C PRO B 36 57.58 20.64 -7.49
N PRO B 37 56.52 20.01 -6.96
CA PRO B 37 55.57 19.22 -7.77
C PRO B 37 54.58 20.12 -8.47
N GLY B 38 53.54 19.50 -9.03
CA GLY B 38 52.47 20.26 -9.67
C GLY B 38 51.36 20.27 -8.64
N ARG B 39 50.17 20.77 -8.99
CA ARG B 39 49.06 20.75 -8.04
C ARG B 39 48.28 19.48 -8.34
N GLU B 40 48.63 18.87 -9.47
CA GLU B 40 47.98 17.64 -9.93
C GLU B 40 48.81 16.40 -9.56
N GLU B 41 50.13 16.51 -9.63
CA GLU B 41 51.01 15.39 -9.33
C GLU B 41 51.41 15.31 -7.86
N VAL B 42 50.94 16.26 -7.06
CA VAL B 42 51.28 16.30 -5.64
C VAL B 42 50.81 15.08 -4.86
N TYR B 43 49.50 14.91 -4.71
CA TYR B 43 48.98 13.77 -3.97
C TYR B 43 49.44 12.45 -4.57
N PRO B 44 49.53 12.36 -5.91
CA PRO B 44 50.00 11.12 -6.55
C PRO B 44 51.45 10.80 -6.13
N LEU B 45 52.26 11.84 -6.00
CA LEU B 45 53.65 11.68 -5.62
C LEU B 45 53.78 11.29 -4.18
N LEU B 46 53.08 12.01 -3.30
CA LEU B 46 53.13 11.73 -1.88
C LEU B 46 52.95 10.26 -1.55
N ALA B 47 51.94 9.66 -2.17
CA ALA B 47 51.62 8.26 -1.97
C ALA B 47 52.82 7.40 -2.33
N GLN B 48 53.58 7.84 -3.33
CA GLN B 48 54.74 7.09 -3.73
C GLN B 48 55.87 7.25 -2.73
N VAL B 49 55.92 8.39 -2.05
CA VAL B 49 56.95 8.65 -1.04
C VAL B 49 56.72 7.72 0.12
N ALA B 50 55.46 7.58 0.49
CA ALA B 50 55.06 6.72 1.60
C ALA B 50 55.40 5.26 1.31
N ARG B 51 55.61 4.93 0.04
CA ARG B 51 55.93 3.58 -0.35
C ARG B 51 57.46 3.40 -0.34
N ARG B 52 58.19 4.43 -0.79
CA ARG B 52 59.64 4.36 -0.77
C ARG B 52 60.12 4.47 0.68
N ALA B 53 59.34 5.19 1.49
CA ALA B 53 59.63 5.37 2.92
C ALA B 53 59.64 4.02 3.61
N GLY B 54 58.71 3.17 3.20
CA GLY B 54 58.61 1.85 3.78
C GLY B 54 57.75 1.91 5.01
N GLY B 55 57.70 0.81 5.74
CA GLY B 55 56.91 0.78 6.95
C GLY B 55 55.44 1.00 6.68
N VAL B 56 54.68 1.10 7.77
CA VAL B 56 53.25 1.32 7.72
C VAL B 56 52.98 2.82 7.71
N THR B 57 53.04 3.43 6.52
CA THR B 57 52.81 4.85 6.40
C THR B 57 51.94 5.20 5.19
N VAL B 58 51.15 6.27 5.31
CA VAL B 58 50.27 6.68 4.24
C VAL B 58 50.18 8.20 4.11
N ARG B 59 49.73 8.67 2.96
CA ARG B 59 49.61 10.10 2.78
C ARG B 59 48.52 10.64 3.70
N MET B 60 48.83 11.65 4.49
CA MET B 60 47.83 12.27 5.37
C MET B 60 47.70 13.74 4.97
N GLY B 61 46.88 14.02 3.96
CA GLY B 61 46.69 15.39 3.53
C GLY B 61 47.91 16.05 2.92
N ASP B 62 48.54 16.95 3.67
CA ASP B 62 49.73 17.67 3.20
C ASP B 62 50.93 16.75 3.05
N GLY B 63 51.28 16.07 4.13
CA GLY B 63 52.40 15.15 4.12
C GLY B 63 51.86 13.77 4.42
N LEU B 64 52.62 12.93 5.12
CA LEU B 64 52.11 11.60 5.40
C LEU B 64 52.16 11.16 6.87
N ALA B 65 51.25 10.26 7.23
CA ALA B 65 51.14 9.71 8.59
C ALA B 65 51.76 8.30 8.64
N SER B 66 52.23 7.87 9.80
CA SER B 66 52.84 6.56 9.89
C SER B 66 52.70 5.87 11.24
N TRP B 67 52.68 4.54 11.26
CA TRP B 67 52.60 3.80 12.51
C TRP B 67 53.98 3.26 12.82
N SER B 68 54.91 3.58 11.95
CA SER B 68 56.26 3.10 12.14
C SER B 68 57.16 4.21 12.63
N PRO B 69 58.04 3.89 13.58
CA PRO B 69 58.93 4.93 14.08
C PRO B 69 59.83 5.45 12.97
N PRO B 70 60.24 6.72 13.05
CA PRO B 70 61.12 7.32 12.03
C PRO B 70 62.38 6.54 11.72
N GLU B 71 62.91 5.83 12.70
CA GLU B 71 64.12 5.05 12.52
C GLU B 71 64.06 4.03 11.39
N VAL B 72 62.99 3.24 11.37
CA VAL B 72 62.81 2.22 10.33
C VAL B 72 62.51 2.77 8.95
N LEU B 73 62.03 4.00 8.85
CA LEU B 73 61.73 4.57 7.54
C LEU B 73 62.99 5.05 6.84
N VAL B 74 62.88 5.27 5.53
CA VAL B 74 63.98 5.81 4.72
C VAL B 74 63.57 7.28 4.54
N LEU B 75 63.98 8.10 5.50
CA LEU B 75 63.63 9.51 5.53
C LEU B 75 64.14 10.41 4.41
N GLU B 76 64.97 9.88 3.51
CA GLU B 76 65.49 10.67 2.39
C GLU B 76 65.82 9.84 1.16
N GLY B 77 65.45 10.36 -0.01
CA GLY B 77 65.72 9.66 -1.26
C GLY B 77 65.13 10.28 -2.53
N THR B 78 64.99 9.43 -3.57
CA THR B 78 64.44 9.85 -4.85
C THR B 78 63.40 8.87 -5.35
N LEU B 79 62.67 9.30 -6.37
CA LEU B 79 61.62 8.52 -6.99
C LEU B 79 61.39 9.12 -8.37
N ALA B 80 61.04 8.28 -9.33
CA ALA B 80 60.78 8.72 -10.71
C ALA B 80 59.29 8.70 -11.00
N ARG B 81 58.80 9.65 -11.78
CA ARG B 81 57.39 9.69 -12.14
C ARG B 81 57.19 9.79 -13.66
N MET B 82 57.05 8.62 -14.28
CA MET B 82 56.88 8.44 -15.73
C MET B 82 57.86 9.33 -16.48
N GLY B 83 59.02 9.57 -15.87
CA GLY B 83 60.01 10.39 -16.50
C GLY B 83 60.86 11.26 -15.58
N GLN B 84 60.22 12.16 -14.84
CA GLN B 84 60.97 13.05 -13.96
C GLN B 84 61.38 12.48 -12.62
N THR B 85 62.65 12.70 -12.29
CA THR B 85 63.21 12.25 -11.03
C THR B 85 63.01 13.33 -9.99
N TYR B 86 62.57 12.91 -8.81
CA TYR B 86 62.32 13.81 -7.70
C TYR B 86 63.14 13.39 -6.47
N ALA B 87 63.46 14.35 -5.62
CA ALA B 87 64.22 14.09 -4.40
C ALA B 87 63.30 14.50 -3.26
N TYR B 88 63.25 13.68 -2.22
CA TYR B 88 62.39 13.99 -1.09
C TYR B 88 63.14 13.87 0.21
N ARG B 89 62.55 14.46 1.25
CA ARG B 89 63.13 14.42 2.58
C ARG B 89 61.98 14.50 3.57
N LEU B 90 61.91 13.52 4.47
CA LEU B 90 60.85 13.49 5.47
C LEU B 90 61.37 14.01 6.80
N TYR B 91 60.50 14.71 7.53
CA TYR B 91 60.89 15.25 8.82
C TYR B 91 59.84 14.88 9.85
N PRO B 92 60.21 14.06 10.84
CA PRO B 92 59.24 13.66 11.88
C PRO B 92 58.77 14.90 12.63
N LYS B 93 57.51 15.25 12.48
CA LYS B 93 56.97 16.41 13.16
C LYS B 93 56.09 15.97 14.32
N GLY B 94 56.46 14.85 14.93
CA GLY B 94 55.75 14.28 16.07
C GLY B 94 54.25 14.04 16.00
N ARG B 95 53.80 13.08 16.81
CA ARG B 95 52.39 12.69 16.87
C ARG B 95 51.39 13.52 17.64
N ARG B 96 50.28 13.85 16.99
CA ARG B 96 49.19 14.56 17.65
C ARG B 96 48.26 13.41 18.02
N PRO B 97 46.97 13.68 18.15
CA PRO B 97 46.04 12.63 18.48
C PRO B 97 44.92 12.63 17.42
N LEU B 98 44.54 11.43 16.99
CA LEU B 98 43.51 11.22 15.98
C LEU B 98 42.21 10.67 16.59
N ASP B 99 41.11 11.38 16.39
CA ASP B 99 39.84 10.95 16.95
C ASP B 99 38.95 10.12 16.02
N PRO B 100 38.72 8.85 16.37
CA PRO B 100 37.90 7.88 15.64
C PRO B 100 36.47 8.38 15.44
N LYS B 101 36.05 9.26 16.34
CA LYS B 101 34.73 9.87 16.29
C LYS B 101 34.63 10.86 15.12
N ASP B 102 35.77 11.43 14.72
CA ASP B 102 35.80 12.39 13.61
C ASP B 102 35.84 11.56 12.30
N PRO B 103 34.95 11.87 11.35
CA PRO B 103 34.88 11.12 10.10
C PRO B 103 36.17 11.28 9.35
N GLY B 104 36.77 12.47 9.43
CA GLY B 104 37.98 12.75 8.72
C GLY B 104 39.21 12.12 9.34
N GLU B 105 39.22 12.03 10.67
CA GLU B 105 40.35 11.43 11.39
C GLU B 105 40.35 9.92 11.22
N ARG B 106 39.18 9.33 11.30
CA ARG B 106 39.04 7.87 11.15
C ARG B 106 39.48 7.45 9.74
N SER B 107 39.38 8.39 8.81
CA SER B 107 39.79 8.13 7.43
C SER B 107 41.28 7.82 7.36
N VAL B 108 42.12 8.67 7.96
CA VAL B 108 43.57 8.43 7.97
C VAL B 108 43.92 7.24 8.86
N LEU B 109 43.06 6.94 9.84
CA LEU B 109 43.34 5.79 10.69
C LEU B 109 43.11 4.50 9.90
N SER B 110 42.00 4.43 9.16
CA SER B 110 41.67 3.25 8.35
C SER B 110 42.69 3.03 7.23
N ALA B 111 43.33 4.09 6.79
CA ALA B 111 44.35 3.97 5.76
C ALA B 111 45.52 3.18 6.37
N LEU B 112 45.94 3.56 7.56
CA LEU B 112 47.03 2.83 8.19
C LEU B 112 46.58 1.40 8.42
N ALA B 113 45.28 1.24 8.71
CA ALA B 113 44.73 -0.08 8.95
C ALA B 113 44.98 -0.96 7.73
N ARG B 114 44.67 -0.45 6.55
CA ARG B 114 44.90 -1.24 5.35
C ARG B 114 46.37 -1.43 5.07
N ARG B 115 47.15 -0.36 5.18
CA ARG B 115 48.57 -0.48 4.91
C ARG B 115 49.17 -1.57 5.76
N LEU B 116 48.60 -1.74 6.95
CA LEU B 116 49.05 -2.75 7.90
C LEU B 116 48.67 -4.16 7.45
N LEU B 117 47.51 -4.28 6.83
CA LEU B 117 47.06 -5.58 6.35
C LEU B 117 47.91 -5.93 5.14
N GLN B 118 48.09 -4.96 4.27
CA GLN B 118 48.87 -5.11 3.05
C GLN B 118 50.25 -5.73 3.37
N GLU B 119 50.97 -5.08 4.26
CA GLU B 119 52.29 -5.53 4.69
C GLU B 119 52.25 -6.92 5.25
N ARG B 120 51.21 -7.25 6.02
CA ARG B 120 51.09 -8.58 6.59
C ARG B 120 50.98 -9.61 5.48
N LEU B 121 50.14 -9.29 4.49
CA LEU B 121 49.89 -10.16 3.37
C LEU B 121 51.10 -10.38 2.48
N ARG B 122 51.76 -9.29 2.10
CA ARG B 122 52.93 -9.39 1.24
C ARG B 122 54.07 -10.21 1.81
N ARG B 123 54.00 -10.57 3.08
CA ARG B 123 55.06 -11.37 3.67
C ARG B 123 54.64 -12.84 3.82
N LEU B 124 53.38 -13.12 3.57
CA LEU B 124 52.91 -14.50 3.66
C LEU B 124 53.61 -15.26 2.56
N GLU B 125 53.76 -16.58 2.74
CA GLU B 125 54.42 -17.43 1.73
C GLU B 125 53.43 -18.42 1.13
N GLY B 126 53.67 -18.81 -0.12
CA GLY B 126 52.83 -19.76 -0.82
C GLY B 126 51.38 -19.31 -0.98
N VAL B 127 51.17 -18.01 -1.18
CA VAL B 127 49.82 -17.49 -1.38
C VAL B 127 49.90 -16.61 -2.59
N TRP B 128 48.80 -16.48 -3.33
CA TRP B 128 48.82 -15.62 -4.49
C TRP B 128 48.17 -14.30 -4.08
N VAL B 129 48.99 -13.33 -3.69
CA VAL B 129 48.47 -12.07 -3.23
C VAL B 129 48.35 -10.99 -4.28
N GLU B 130 47.14 -10.46 -4.42
CA GLU B 130 46.86 -9.40 -5.37
C GLU B 130 46.04 -8.28 -4.75
N GLY B 131 46.70 -7.22 -4.30
CA GLY B 131 45.99 -6.13 -3.68
C GLY B 131 45.59 -6.64 -2.32
N LEU B 132 44.39 -6.27 -1.87
CA LEU B 132 43.91 -6.75 -0.60
C LEU B 132 43.24 -8.13 -0.73
N ALA B 133 43.55 -8.87 -1.80
CA ALA B 133 42.97 -10.18 -2.01
C ALA B 133 44.02 -11.28 -1.79
N VAL B 134 43.56 -12.46 -1.41
CA VAL B 134 44.43 -13.61 -1.16
C VAL B 134 43.81 -14.90 -1.68
N TYR B 135 44.51 -15.54 -2.60
CA TYR B 135 44.02 -16.79 -3.19
C TYR B 135 44.99 -17.85 -2.77
N ARG B 136 44.46 -18.97 -2.30
CA ARG B 136 45.31 -20.00 -1.73
C ARG B 136 44.82 -21.41 -2.04
N ARG B 137 44.09 -21.59 -3.12
CA ARG B 137 43.55 -22.90 -3.46
C ARG B 137 43.16 -23.00 -4.90
N GLU B 138 43.42 -24.13 -5.51
CA GLU B 138 43.05 -24.31 -6.88
C GLU B 138 41.63 -24.81 -6.93
N HIS B 139 40.82 -24.18 -7.77
CA HIS B 139 39.44 -24.58 -7.88
C HIS B 139 39.07 -25.23 -9.20
N ALA B 140 39.74 -24.83 -10.27
CA ALA B 140 39.44 -25.40 -11.58
C ALA B 140 40.58 -25.08 -12.52
N ARG B 141 40.82 -25.94 -13.51
CA ARG B 141 41.89 -25.69 -14.47
C ARG B 141 41.53 -26.11 -15.90
N GLY B 142 42.17 -25.45 -16.85
CA GLY B 142 41.94 -25.74 -18.26
C GLY B 142 43.29 -25.56 -18.91
N PRO B 143 43.48 -25.97 -20.16
CA PRO B 143 44.75 -25.85 -20.89
C PRO B 143 45.76 -24.78 -20.43
N GLY B 144 45.59 -23.55 -20.89
CA GLY B 144 46.54 -22.53 -20.50
C GLY B 144 46.09 -21.71 -19.31
N TRP B 145 45.16 -22.25 -18.52
CA TRP B 145 44.65 -21.51 -17.37
C TRP B 145 44.32 -22.32 -16.12
N ARG B 146 43.84 -21.60 -15.12
CA ARG B 146 43.43 -22.17 -13.86
C ARG B 146 42.79 -21.11 -12.96
N VAL B 147 41.74 -21.49 -12.24
CA VAL B 147 41.02 -20.60 -11.35
C VAL B 147 41.37 -20.85 -9.89
N LEU B 148 41.72 -19.79 -9.15
CA LEU B 148 42.08 -19.93 -7.73
C LEU B 148 41.02 -19.35 -6.81
N GLY B 149 40.97 -19.89 -5.60
CA GLY B 149 40.00 -19.44 -4.62
C GLY B 149 40.61 -18.96 -3.34
N GLY B 150 40.01 -17.90 -2.80
CA GLY B 150 40.43 -17.27 -1.56
C GLY B 150 39.36 -16.27 -1.17
N ALA B 151 39.79 -15.06 -0.83
CA ALA B 151 38.86 -14.02 -0.46
C ALA B 151 39.37 -12.58 -0.60
N VAL B 152 38.44 -11.65 -0.69
CA VAL B 152 38.76 -10.24 -0.78
C VAL B 152 38.64 -9.65 0.63
N LEU B 153 39.79 -9.28 1.18
CA LEU B 153 39.84 -8.72 2.52
C LEU B 153 39.79 -7.20 2.57
N ASP B 154 39.78 -6.69 3.80
CA ASP B 154 39.81 -5.26 4.05
C ASP B 154 39.80 -5.08 5.55
N LEU B 155 40.54 -4.08 6.03
CA LEU B 155 40.63 -3.84 7.45
C LEU B 155 40.57 -2.33 7.63
N TRP B 156 39.61 -1.85 8.42
CA TRP B 156 39.49 -0.42 8.67
C TRP B 156 39.28 -0.11 10.15
N VAL B 157 38.84 1.10 10.46
CA VAL B 157 38.65 1.46 11.85
C VAL B 157 37.25 1.97 12.15
N SER B 158 36.67 1.41 13.20
CA SER B 158 35.33 1.75 13.67
C SER B 158 35.32 3.08 14.37
N ASP B 159 34.12 3.55 14.69
CA ASP B 159 33.99 4.82 15.38
C ASP B 159 34.18 4.58 16.88
N SER B 160 34.22 3.31 17.27
CA SER B 160 34.41 2.93 18.66
C SER B 160 35.91 2.70 18.93
N GLY B 161 36.74 3.09 17.97
CA GLY B 161 38.18 2.95 18.09
C GLY B 161 38.81 1.56 18.03
N ALA B 162 38.09 0.55 17.56
CA ALA B 162 38.67 -0.79 17.47
C ALA B 162 38.83 -1.16 16.00
N PHE B 163 39.40 -2.33 15.71
CA PHE B 163 39.59 -2.74 14.32
C PHE B 163 38.37 -3.46 13.72
N LEU B 164 38.42 -3.71 12.41
CA LEU B 164 37.33 -4.39 11.75
C LEU B 164 37.74 -5.04 10.45
N LEU B 165 37.74 -6.35 10.47
CA LEU B 165 38.09 -7.15 9.32
C LEU B 165 36.82 -7.42 8.54
N GLU B 166 36.95 -7.42 7.22
CA GLU B 166 35.84 -7.71 6.34
C GLU B 166 36.36 -8.79 5.44
N VAL B 167 35.55 -9.82 5.24
CA VAL B 167 35.98 -10.96 4.44
C VAL B 167 34.94 -11.51 3.47
N ASP B 168 35.33 -11.72 2.23
CA ASP B 168 34.42 -12.36 1.30
C ASP B 168 35.09 -13.17 0.23
N PRO B 169 34.81 -14.49 0.21
CA PRO B 169 35.32 -15.51 -0.71
C PRO B 169 35.18 -15.09 -2.15
N ALA B 170 36.18 -15.38 -2.96
CA ALA B 170 36.17 -15.02 -4.37
C ALA B 170 37.07 -15.92 -5.19
N TYR B 171 36.91 -15.86 -6.51
CA TYR B 171 37.73 -16.67 -7.41
C TYR B 171 38.62 -15.81 -8.28
N ARG B 172 39.87 -16.21 -8.45
CA ARG B 172 40.75 -15.43 -9.29
C ARG B 172 41.03 -16.24 -10.53
N ILE B 173 41.17 -15.57 -11.66
CA ILE B 173 41.43 -16.25 -12.91
C ILE B 173 42.89 -16.04 -13.35
N LEU B 174 43.69 -17.09 -13.29
CA LEU B 174 45.08 -16.96 -13.67
C LEU B 174 45.52 -17.78 -14.86
N CYS B 175 46.26 -17.13 -15.76
CA CYS B 175 46.82 -17.74 -16.96
C CYS B 175 48.33 -17.94 -16.65
N GLU B 176 48.90 -19.08 -17.05
CA GLU B 176 50.33 -19.32 -16.80
C GLU B 176 51.01 -19.54 -18.13
N MET B 177 50.37 -19.03 -19.17
CA MET B 177 50.87 -19.11 -20.52
C MET B 177 51.53 -17.75 -20.63
N SER B 178 51.61 -17.22 -21.84
CA SER B 178 52.17 -15.88 -22.07
C SER B 178 51.55 -15.46 -23.41
N LEU B 179 51.35 -14.16 -23.62
CA LEU B 179 50.74 -13.68 -24.85
C LEU B 179 51.16 -14.51 -26.05
N GLU B 180 52.47 -14.67 -26.27
CA GLU B 180 52.94 -15.47 -27.39
C GLU B 180 52.25 -16.82 -27.36
N ALA B 181 52.65 -17.69 -26.43
CA ALA B 181 52.07 -19.02 -26.29
C ALA B 181 50.53 -19.07 -26.49
N TRP B 182 49.82 -18.29 -25.68
CA TRP B 182 48.37 -18.23 -25.76
C TRP B 182 47.91 -18.15 -27.21
N LEU B 183 48.46 -17.19 -27.95
CA LEU B 183 48.11 -16.97 -29.36
C LEU B 183 48.60 -18.10 -30.27
N ALA B 184 49.83 -18.52 -30.02
CA ALA B 184 50.43 -19.59 -30.80
C ALA B 184 49.59 -20.85 -30.79
N GLN B 185 48.53 -20.86 -30.00
CA GLN B 185 47.70 -22.05 -29.94
C GLN B 185 46.21 -21.78 -30.04
N GLY B 186 45.84 -20.91 -30.96
CA GLY B 186 44.44 -20.61 -31.17
C GLY B 186 43.61 -19.98 -30.06
N HIS B 187 43.66 -18.65 -29.99
CA HIS B 187 42.92 -17.87 -29.00
C HIS B 187 42.85 -16.43 -29.50
N PRO B 188 41.69 -15.78 -29.35
CA PRO B 188 41.63 -14.40 -29.82
C PRO B 188 42.63 -13.56 -29.04
N LEU B 189 42.74 -12.29 -29.40
CA LEU B 189 43.65 -11.41 -28.69
C LEU B 189 42.91 -10.77 -27.53
N PRO B 190 43.44 -10.90 -26.30
CA PRO B 190 42.85 -10.35 -25.09
C PRO B 190 42.66 -8.85 -25.14
N LYS B 191 41.63 -8.37 -24.43
CA LYS B 191 41.35 -6.96 -24.39
C LYS B 191 42.52 -6.33 -23.64
N ARG B 192 42.81 -6.85 -22.45
CA ARG B 192 43.93 -6.37 -21.65
C ARG B 192 45.02 -7.42 -21.45
N VAL B 193 46.23 -6.94 -21.20
CA VAL B 193 47.39 -7.81 -21.01
C VAL B 193 48.20 -7.36 -19.79
N ARG B 194 49.07 -8.23 -19.28
CA ARG B 194 49.88 -7.94 -18.10
C ARG B 194 51.35 -8.35 -18.19
N ASN B 195 52.23 -7.49 -17.66
CA ASN B 195 53.65 -7.78 -17.64
C ASN B 195 53.79 -9.13 -16.99
N ALA B 196 54.85 -9.84 -17.33
CA ALA B 196 55.10 -11.13 -16.72
C ALA B 196 56.05 -10.86 -15.54
N TYR B 197 56.95 -9.91 -15.72
CA TYR B 197 57.92 -9.59 -14.69
C TYR B 197 57.35 -8.88 -13.48
N ASP B 198 56.19 -8.25 -13.63
CA ASP B 198 55.54 -7.57 -12.51
C ASP B 198 54.02 -7.57 -12.59
N ARG B 199 53.38 -6.64 -11.90
CA ARG B 199 51.91 -6.62 -11.86
C ARG B 199 51.16 -5.52 -12.59
N ARG B 200 51.87 -4.56 -13.14
CA ARG B 200 51.19 -3.48 -13.86
C ARG B 200 50.46 -4.12 -15.06
N THR B 201 49.43 -3.45 -15.58
CA THR B 201 48.63 -3.99 -16.69
C THR B 201 48.40 -2.99 -17.83
N TRP B 202 48.27 -3.50 -19.05
CA TRP B 202 48.06 -2.61 -20.18
C TRP B 202 46.93 -3.03 -21.10
N GLU B 203 46.47 -2.07 -21.90
CA GLU B 203 45.43 -2.30 -22.89
C GLU B 203 46.19 -2.84 -24.10
N LEU B 204 45.78 -3.98 -24.63
CA LEU B 204 46.47 -4.54 -25.81
C LEU B 204 45.89 -4.06 -27.13
N LEU B 205 46.44 -2.97 -27.65
CA LEU B 205 45.96 -2.40 -28.91
C LEU B 205 46.10 -3.36 -30.08
N ARG B 206 47.34 -3.60 -30.50
CA ARG B 206 47.58 -4.49 -31.64
C ARG B 206 48.96 -5.13 -31.66
N LEU B 207 49.14 -6.12 -32.55
CA LEU B 207 50.42 -6.81 -32.75
C LEU B 207 51.14 -6.12 -33.91
N GLY B 208 52.45 -5.97 -33.81
CA GLY B 208 53.20 -5.35 -34.90
C GLY B 208 54.14 -6.41 -35.44
N GLU B 209 55.01 -6.06 -36.38
CA GLU B 209 55.97 -7.05 -36.88
C GLU B 209 57.34 -6.45 -37.10
N GLU B 210 57.60 -5.34 -36.43
CA GLU B 210 58.90 -4.68 -36.49
C GLU B 210 59.84 -5.68 -35.82
N ASP B 211 61.14 -5.53 -36.01
CA ASP B 211 62.05 -6.46 -35.37
C ASP B 211 62.24 -6.00 -33.93
N PRO B 212 62.03 -6.91 -32.97
CA PRO B 212 62.20 -6.51 -31.57
C PRO B 212 63.65 -6.11 -31.26
N LYS B 213 64.59 -6.57 -32.08
CA LYS B 213 66.01 -6.27 -31.89
C LYS B 213 66.44 -5.02 -32.67
N GLU B 214 65.49 -4.39 -33.34
CA GLU B 214 65.78 -3.20 -34.11
C GLU B 214 64.89 -2.03 -33.69
N LEU B 215 63.67 -2.33 -33.21
CA LEU B 215 62.74 -1.27 -32.76
C LEU B 215 63.37 -0.50 -31.59
N PRO B 216 63.78 0.75 -31.83
CA PRO B 216 64.41 1.57 -30.79
C PRO B 216 63.51 2.36 -29.86
N LEU B 217 64.04 2.68 -28.67
CA LEU B 217 63.33 3.44 -27.64
C LEU B 217 63.93 4.84 -27.46
N PRO B 218 63.13 5.79 -26.93
CA PRO B 218 63.59 7.17 -26.71
C PRO B 218 64.95 7.18 -26.00
N GLY B 219 66.01 7.17 -26.79
CA GLY B 219 67.37 7.17 -26.26
C GLY B 219 68.23 6.40 -27.24
N GLY B 220 67.58 5.57 -28.05
CA GLY B 220 68.29 4.79 -29.05
C GLY B 220 68.45 3.33 -28.69
N LEU B 221 68.37 3.01 -27.41
CA LEU B 221 68.52 1.64 -26.94
C LEU B 221 67.45 0.73 -27.55
N SER B 222 67.82 -0.50 -27.87
CA SER B 222 66.88 -1.46 -28.44
C SER B 222 65.77 -1.86 -27.47
N LEU B 223 64.63 -2.28 -28.01
CA LEU B 223 63.47 -2.69 -27.19
C LEU B 223 63.84 -3.98 -26.45
N LEU B 224 64.29 -4.94 -27.23
CA LEU B 224 64.68 -6.23 -26.71
C LEU B 224 65.81 -6.06 -25.72
N ASP B 225 66.84 -5.35 -26.11
CA ASP B 225 67.96 -5.21 -25.21
C ASP B 225 67.55 -4.45 -23.98
N TYR B 226 66.55 -3.59 -24.13
CA TYR B 226 66.06 -2.84 -22.99
C TYR B 226 65.65 -3.86 -21.93
N HIS B 227 64.68 -4.71 -22.25
CA HIS B 227 64.20 -5.72 -21.31
C HIS B 227 65.26 -6.68 -20.87
N ALA B 228 66.10 -7.08 -21.81
CA ALA B 228 67.17 -8.03 -21.55
C ALA B 228 68.14 -7.46 -20.57
N SER B 229 68.35 -6.15 -20.64
CA SER B 229 69.27 -5.50 -19.73
C SER B 229 68.72 -5.67 -18.32
N LYS B 230 67.40 -5.53 -18.19
CA LYS B 230 66.78 -5.68 -16.88
C LYS B 230 66.63 -7.12 -16.45
N GLY B 231 67.30 -8.04 -17.16
CA GLY B 231 67.24 -9.47 -16.85
C GLY B 231 65.85 -10.13 -16.82
N ARG B 232 64.85 -9.52 -17.45
CA ARG B 232 63.53 -10.13 -17.43
C ARG B 232 63.27 -11.06 -18.62
N LEU B 233 64.33 -11.29 -19.42
CA LEU B 233 64.26 -12.19 -20.58
C LEU B 233 64.88 -13.56 -20.28
N GLN B 234 65.29 -13.72 -19.03
CA GLN B 234 65.90 -14.94 -18.52
C GLN B 234 64.81 -15.98 -18.39
N GLY B 235 64.84 -17.06 -19.14
CA GLY B 235 63.82 -18.06 -18.91
C GLY B 235 62.53 -17.88 -19.64
N ARG B 236 62.50 -16.88 -20.49
CA ARG B 236 61.35 -16.61 -21.32
C ARG B 236 61.97 -16.51 -22.70
N GLU B 237 61.24 -15.91 -23.64
CA GLU B 237 61.70 -15.72 -25.02
C GLU B 237 60.78 -14.69 -25.63
N GLY B 238 61.01 -13.41 -25.35
CA GLY B 238 60.14 -12.36 -25.87
C GLY B 238 59.94 -12.32 -27.38
N GLY B 239 58.95 -13.08 -27.87
CA GLY B 239 58.69 -13.15 -29.30
C GLY B 239 58.43 -11.88 -30.10
N ARG B 240 57.23 -11.78 -30.66
CA ARG B 240 56.86 -10.62 -31.48
C ARG B 240 56.57 -9.35 -30.71
N VAL B 241 56.59 -8.24 -31.45
CA VAL B 241 56.32 -6.95 -30.85
C VAL B 241 54.84 -6.88 -30.55
N ALA B 242 54.48 -6.05 -29.58
CA ALA B 242 53.08 -5.90 -29.21
C ALA B 242 52.83 -4.51 -28.69
N TRP B 243 52.02 -3.74 -29.42
CA TRP B 243 51.70 -2.38 -29.03
C TRP B 243 50.60 -2.36 -27.99
N VAL B 244 50.90 -1.79 -26.85
CA VAL B 244 49.95 -1.71 -25.77
C VAL B 244 49.84 -0.25 -25.36
N ALA B 245 48.91 0.04 -24.47
CA ALA B 245 48.72 1.40 -24.02
C ALA B 245 48.43 1.49 -22.52
N ASP B 246 48.84 2.60 -21.92
CA ASP B 246 48.62 2.84 -20.50
C ASP B 246 47.16 3.22 -20.35
N PRO B 247 46.39 2.49 -19.52
CA PRO B 247 44.98 2.84 -19.36
C PRO B 247 44.72 4.25 -18.81
N LYS B 248 45.75 5.10 -18.90
CA LYS B 248 45.67 6.49 -18.47
C LYS B 248 45.47 7.29 -19.75
N ASP B 249 46.07 6.78 -20.82
CA ASP B 249 45.99 7.39 -22.14
C ASP B 249 46.06 6.28 -23.21
N PRO B 250 44.96 5.53 -23.39
CA PRO B 250 44.93 4.44 -24.38
C PRO B 250 45.09 4.96 -25.81
N ARG B 251 45.56 6.19 -25.93
CA ARG B 251 45.77 6.80 -27.24
C ARG B 251 47.19 6.55 -27.72
N LYS B 252 48.17 6.88 -26.88
CA LYS B 252 49.59 6.70 -27.23
C LYS B 252 50.06 5.25 -27.12
N PRO B 253 50.53 4.67 -28.23
CA PRO B 253 51.02 3.29 -28.21
C PRO B 253 52.42 3.17 -27.63
N ILE B 254 52.66 2.08 -26.90
CA ILE B 254 53.96 1.81 -26.29
C ILE B 254 54.30 0.41 -26.78
N PRO B 255 55.54 0.19 -27.26
CA PRO B 255 55.92 -1.15 -27.74
C PRO B 255 56.23 -2.11 -26.61
N HIS B 256 56.08 -3.40 -26.90
CA HIS B 256 56.35 -4.44 -25.91
C HIS B 256 56.59 -5.74 -26.64
N LEU B 257 56.87 -6.79 -25.88
CA LEU B 257 57.15 -8.10 -26.45
C LEU B 257 56.10 -9.08 -25.95
N THR B 258 55.64 -9.93 -26.85
CA THR B 258 54.62 -10.93 -26.54
C THR B 258 55.14 -11.99 -25.58
N GLY B 259 56.43 -12.28 -25.66
CA GLY B 259 56.98 -13.29 -24.78
C GLY B 259 57.03 -12.77 -23.36
N LEU B 260 56.90 -11.46 -23.20
CA LEU B 260 56.95 -10.85 -21.90
C LEU B 260 55.62 -10.40 -21.37
N LEU B 261 54.54 -10.78 -22.04
CA LEU B 261 53.22 -10.39 -21.57
C LEU B 261 52.40 -11.64 -21.21
N VAL B 262 51.33 -11.44 -20.45
CA VAL B 262 50.44 -12.52 -20.03
C VAL B 262 49.01 -12.00 -20.25
N PRO B 263 48.18 -12.72 -21.01
CA PRO B 263 46.80 -12.24 -21.23
C PRO B 263 45.91 -12.31 -20.01
N VAL B 264 45.09 -11.28 -19.82
CA VAL B 264 44.13 -11.28 -18.71
C VAL B 264 42.90 -12.02 -19.23
N LEU B 265 42.54 -13.13 -18.59
CA LEU B 265 41.41 -13.92 -19.06
C LEU B 265 40.02 -13.51 -18.54
N THR B 266 38.95 -14.00 -19.17
CA THR B 266 37.59 -13.60 -18.79
C THR B 266 36.47 -14.64 -18.81
N LEU B 267 36.13 -15.09 -20.02
CA LEU B 267 35.05 -16.04 -20.24
C LEU B 267 35.55 -17.05 -21.29
N GLU B 268 36.77 -17.54 -21.11
CA GLU B 268 37.35 -18.46 -22.07
C GLU B 268 37.96 -19.65 -21.37
N ASP B 269 37.47 -19.90 -20.17
CA ASP B 269 37.93 -21.01 -19.37
C ASP B 269 37.20 -22.25 -19.91
N LEU B 270 37.72 -22.84 -20.98
CA LEU B 270 37.06 -24.01 -21.55
C LEU B 270 37.70 -25.34 -21.19
N HIS B 271 36.94 -26.12 -20.41
CA HIS B 271 37.28 -27.47 -19.90
C HIS B 271 37.66 -27.39 -18.42
N GLY B 275 37.78 -28.80 -12.93
CA GLY B 275 36.54 -28.90 -13.68
C GLY B 275 35.30 -28.54 -12.88
N SER B 276 34.98 -27.24 -12.84
CA SER B 276 33.82 -26.75 -12.12
C SER B 276 33.08 -25.69 -12.92
N LEU B 277 33.66 -24.50 -12.98
CA LEU B 277 33.07 -23.37 -13.70
C LEU B 277 31.93 -22.81 -12.87
N ALA B 278 31.77 -23.39 -11.68
CA ALA B 278 30.74 -22.99 -10.73
C ALA B 278 31.34 -21.95 -9.79
N LEU B 279 31.60 -20.78 -10.33
CA LEU B 279 32.22 -19.71 -9.56
C LEU B 279 31.32 -19.09 -8.48
N SER B 280 30.11 -19.62 -8.31
CA SER B 280 29.17 -19.10 -7.30
C SER B 280 29.18 -19.94 -6.04
N LEU B 281 28.47 -19.48 -5.02
CA LEU B 281 28.42 -20.21 -3.76
C LEU B 281 27.08 -20.13 -3.01
N PRO B 282 26.64 -21.25 -2.43
CA PRO B 282 25.38 -21.29 -1.67
C PRO B 282 25.73 -20.65 -0.33
N TRP B 283 24.81 -19.82 0.18
CA TRP B 283 25.08 -19.05 1.39
C TRP B 283 25.57 -19.67 2.69
N GLU B 284 25.33 -20.94 2.94
CA GLU B 284 25.81 -21.52 4.18
C GLU B 284 27.26 -21.91 3.88
N GLU B 285 27.50 -22.20 2.61
CA GLU B 285 28.81 -22.60 2.11
C GLU B 285 29.78 -21.46 2.20
N ARG B 286 29.33 -20.29 1.74
CA ARG B 286 30.14 -19.09 1.74
C ARG B 286 30.29 -18.49 3.13
N ARG B 287 29.25 -18.66 3.93
CA ARG B 287 29.26 -18.17 5.31
C ARG B 287 30.35 -18.90 6.09
N ARG B 288 30.66 -20.12 5.68
CA ARG B 288 31.68 -20.92 6.35
C ARG B 288 33.08 -20.51 5.89
N ARG B 289 33.32 -20.47 4.58
CA ARG B 289 34.64 -20.09 4.07
C ARG B 289 35.04 -18.76 4.67
N THR B 290 34.05 -17.89 4.86
CA THR B 290 34.29 -16.57 5.43
C THR B 290 34.96 -16.74 6.77
N ARG B 291 34.26 -17.42 7.69
CA ARG B 291 34.78 -17.63 9.02
C ARG B 291 36.10 -18.35 8.98
N GLU B 292 36.18 -19.39 8.17
CA GLU B 292 37.41 -20.15 8.05
C GLU B 292 38.55 -19.18 7.77
N ILE B 293 38.41 -18.47 6.65
CA ILE B 293 39.40 -17.50 6.21
C ILE B 293 39.62 -16.37 7.22
N ALA B 294 38.53 -15.84 7.72
CA ALA B 294 38.54 -14.77 8.70
C ALA B 294 39.49 -15.13 9.82
N SER B 295 39.24 -16.30 10.42
CA SER B 295 40.07 -16.83 11.50
C SER B 295 41.55 -16.92 11.08
N TRP B 296 41.80 -17.52 9.91
CA TRP B 296 43.15 -17.68 9.37
C TRP B 296 43.87 -16.34 9.34
N ILE B 297 43.27 -15.36 8.66
CA ILE B 297 43.87 -14.04 8.58
C ILE B 297 44.13 -13.50 9.97
N GLY B 298 43.07 -13.36 10.76
CA GLY B 298 43.21 -12.84 12.10
C GLY B 298 44.36 -13.46 12.84
N ARG B 299 44.54 -14.76 12.63
CA ARG B 299 45.61 -15.51 13.27
C ARG B 299 46.96 -14.82 13.09
N ARG B 300 47.30 -14.50 11.84
CA ARG B 300 48.57 -13.88 11.50
C ARG B 300 48.60 -12.37 11.33
N LEU B 301 47.58 -11.69 11.84
CA LEU B 301 47.51 -10.23 11.77
C LEU B 301 47.99 -9.67 13.12
N GLY B 302 47.85 -10.49 14.16
CA GLY B 302 48.27 -10.11 15.50
C GLY B 302 47.40 -9.11 16.22
N LEU B 303 46.10 -9.10 15.94
CA LEU B 303 45.22 -8.14 16.58
C LEU B 303 44.06 -8.78 17.35
N GLY B 304 44.17 -10.07 17.65
CA GLY B 304 43.12 -10.74 18.41
C GLY B 304 42.15 -11.56 17.58
N THR B 305 41.34 -12.38 18.25
CA THR B 305 40.36 -13.23 17.58
C THR B 305 39.22 -12.45 16.95
N PRO B 306 38.97 -12.66 15.65
CA PRO B 306 37.87 -11.93 15.02
C PRO B 306 36.50 -12.47 15.47
N GLU B 307 35.63 -11.57 15.92
CA GLU B 307 34.28 -11.93 16.38
C GLU B 307 33.26 -11.42 15.37
N ALA B 308 32.65 -12.31 14.59
CA ALA B 308 31.65 -11.87 13.61
C ALA B 308 30.72 -10.88 14.29
N VAL B 309 30.26 -9.87 13.57
CA VAL B 309 29.37 -8.88 14.17
C VAL B 309 27.90 -9.13 13.82
N ARG B 310 27.06 -9.15 14.86
CA ARG B 310 25.63 -9.35 14.69
C ARG B 310 25.03 -8.02 14.38
N ALA B 311 23.90 -8.00 13.68
CA ALA B 311 23.23 -6.75 13.30
C ALA B 311 21.71 -6.83 13.42
N GLN B 312 21.08 -5.73 13.77
CA GLN B 312 19.64 -5.71 13.90
C GLN B 312 18.98 -5.65 12.54
N ALA B 313 18.23 -6.69 12.18
CA ALA B 313 17.56 -6.70 10.88
C ALA B 313 16.05 -6.83 11.02
N TYR B 314 15.34 -6.33 10.00
CA TYR B 314 13.90 -6.38 10.00
C TYR B 314 13.43 -7.07 8.74
N ARG B 315 12.38 -7.88 8.85
CA ARG B 315 11.82 -8.59 7.71
C ARG B 315 10.64 -7.76 7.20
N LEU B 316 10.77 -7.22 6.00
CA LEU B 316 9.71 -6.39 5.42
C LEU B 316 8.59 -7.19 4.77
N SER B 317 7.38 -6.70 5.00
CA SER B 317 6.15 -7.31 4.47
C SER B 317 6.25 -7.62 2.99
N ILE B 318 5.72 -8.77 2.58
CA ILE B 318 5.72 -9.15 1.17
C ILE B 318 4.65 -8.35 0.41
N PRO B 319 4.91 -7.99 -0.87
CA PRO B 319 3.91 -7.22 -1.59
C PRO B 319 2.75 -8.06 -2.09
N LYS B 320 1.60 -7.42 -2.26
CA LYS B 320 0.40 -8.09 -2.75
C LYS B 320 0.30 -7.73 -4.24
N LEU B 321 0.74 -8.65 -5.09
CA LEU B 321 0.70 -8.39 -6.53
C LEU B 321 -0.71 -8.63 -7.07
N MET B 322 -1.24 -7.63 -7.76
CA MET B 322 -2.59 -7.69 -8.32
C MET B 322 -2.70 -7.57 -9.84
N GLY B 323 -3.62 -8.35 -10.39
CA GLY B 323 -3.89 -8.35 -11.82
C GLY B 323 -5.40 -8.27 -11.90
N ARG B 324 -6.05 -9.39 -12.21
CA ARG B 324 -7.50 -9.41 -12.22
C ARG B 324 -7.85 -9.56 -10.75
N ARG B 325 -7.41 -10.69 -10.18
CA ARG B 325 -7.60 -11.00 -8.77
C ARG B 325 -6.17 -11.10 -8.24
N ALA B 326 -6.00 -11.60 -7.02
CA ALA B 326 -4.66 -11.74 -6.45
C ALA B 326 -3.74 -12.57 -7.36
N VAL B 327 -2.43 -12.47 -7.13
CA VAL B 327 -1.45 -13.20 -7.95
C VAL B 327 -0.04 -13.17 -7.37
N SER B 328 0.76 -14.19 -7.70
CA SER B 328 2.14 -14.28 -7.22
C SER B 328 3.19 -13.68 -8.17
N LYS B 329 3.13 -14.05 -9.45
CA LYS B 329 4.06 -13.53 -10.43
C LYS B 329 3.26 -12.89 -11.58
N PRO B 330 3.87 -11.96 -12.32
CA PRO B 330 3.18 -11.31 -13.43
C PRO B 330 2.61 -12.25 -14.48
N ALA B 331 3.35 -13.32 -14.78
CA ALA B 331 2.91 -14.29 -15.79
C ALA B 331 1.54 -14.87 -15.52
N ASP B 332 1.19 -15.04 -14.25
CA ASP B 332 -0.12 -15.61 -13.92
C ASP B 332 -1.27 -14.79 -14.46
N ALA B 333 -1.11 -13.48 -14.53
CA ALA B 333 -2.19 -12.62 -15.02
C ALA B 333 -2.69 -13.04 -16.40
N LEU B 334 -1.86 -13.73 -17.17
CA LEU B 334 -2.28 -14.16 -18.49
C LEU B 334 -3.44 -15.17 -18.43
N ARG B 335 -3.78 -15.60 -17.21
CA ARG B 335 -4.86 -16.55 -16.99
C ARG B 335 -5.87 -15.97 -16.00
N VAL B 336 -5.35 -15.25 -15.02
CA VAL B 336 -6.21 -14.61 -14.03
C VAL B 336 -6.84 -13.36 -14.65
N GLY B 337 -6.03 -12.59 -15.37
CA GLY B 337 -6.50 -11.36 -15.99
C GLY B 337 -5.67 -10.17 -15.58
N PHE B 338 -5.72 -9.11 -16.37
CA PHE B 338 -4.94 -7.90 -16.11
C PHE B 338 -5.60 -6.96 -15.10
N TYR B 339 -4.81 -6.07 -14.54
CA TYR B 339 -5.32 -5.11 -13.56
C TYR B 339 -6.26 -4.16 -14.29
N ARG B 340 -5.67 -3.22 -15.03
CA ARG B 340 -6.44 -2.26 -15.81
C ARG B 340 -6.37 -2.71 -17.25
N ALA B 341 -7.45 -3.32 -17.73
CA ALA B 341 -7.53 -3.80 -19.10
C ALA B 341 -8.00 -2.66 -20.03
N GLN B 342 -7.18 -2.33 -21.02
CA GLN B 342 -7.51 -1.28 -21.98
C GLN B 342 -8.20 -2.04 -23.12
N GLU B 343 -7.77 -1.78 -24.35
CA GLU B 343 -8.33 -2.41 -25.53
C GLU B 343 -7.18 -2.22 -26.48
N THR B 344 -6.71 -3.32 -27.07
CA THR B 344 -5.58 -3.20 -27.94
C THR B 344 -5.67 -3.99 -29.23
N ALA B 345 -4.74 -3.70 -30.12
CA ALA B 345 -4.64 -4.34 -31.42
C ALA B 345 -3.18 -4.73 -31.58
N LEU B 346 -2.90 -6.00 -31.79
CA LEU B 346 -1.53 -6.42 -31.94
C LEU B 346 -1.27 -6.99 -33.33
N ALA B 347 -0.06 -6.78 -33.82
CA ALA B 347 0.33 -7.26 -35.14
C ALA B 347 1.46 -8.28 -35.06
N LEU B 348 1.38 -9.27 -35.94
CA LEU B 348 2.38 -10.33 -36.00
C LEU B 348 3.19 -10.29 -37.30
N LEU B 349 4.49 -10.07 -37.18
CA LEU B 349 5.37 -10.07 -38.33
C LEU B 349 6.27 -11.31 -38.27
N ARG B 350 6.12 -12.22 -39.24
CA ARG B 350 6.93 -13.44 -39.27
C ARG B 350 8.05 -13.33 -40.32
N LEU B 351 9.28 -13.67 -39.94
CA LEU B 351 10.39 -13.56 -40.89
C LEU B 351 11.04 -14.89 -41.21
N ASP B 352 10.27 -15.96 -41.06
CA ASP B 352 10.73 -17.31 -41.36
C ASP B 352 9.89 -17.73 -42.57
N GLY B 353 9.61 -19.02 -42.71
CA GLY B 353 8.83 -19.44 -43.87
C GLY B 353 7.35 -19.71 -43.68
N ALA B 354 6.75 -19.31 -42.56
CA ALA B 354 5.33 -19.59 -42.32
C ALA B 354 4.37 -18.40 -42.55
N GLN B 355 3.15 -18.47 -41.98
CA GLN B 355 2.17 -17.41 -42.22
C GLN B 355 1.18 -16.94 -41.14
N GLY B 356 1.06 -17.67 -40.03
CA GLY B 356 0.13 -17.21 -39.01
C GLY B 356 0.56 -17.25 -37.55
N TRP B 357 -0.41 -17.09 -36.65
CA TRP B 357 -0.13 -17.11 -35.21
C TRP B 357 -0.05 -18.54 -34.69
N PRO B 358 1.05 -18.91 -34.01
CA PRO B 358 1.12 -20.28 -33.50
C PRO B 358 -0.09 -20.43 -32.57
N GLU B 359 -1.00 -21.32 -32.94
CA GLU B 359 -2.23 -21.55 -32.20
C GLU B 359 -2.16 -21.17 -30.73
N PHE B 360 -1.16 -21.70 -30.04
CA PHE B 360 -1.01 -21.41 -28.62
C PHE B 360 -0.86 -19.93 -28.34
N LEU B 361 0.10 -19.29 -29.01
CA LEU B 361 0.31 -17.85 -28.81
C LEU B 361 -1.01 -17.09 -28.87
N ARG B 362 -1.75 -17.29 -29.95
CA ARG B 362 -3.03 -16.63 -30.16
C ARG B 362 -4.02 -16.86 -29.01
N ARG B 363 -4.28 -18.12 -28.71
CA ARG B 363 -5.20 -18.47 -27.66
C ARG B 363 -4.86 -17.88 -26.30
N ALA B 364 -3.58 -17.91 -25.94
CA ALA B 364 -3.15 -17.39 -24.64
C ALA B 364 -3.56 -15.92 -24.50
N LEU B 365 -3.36 -15.18 -25.58
CA LEU B 365 -3.70 -13.77 -25.62
C LEU B 365 -5.19 -13.59 -25.51
N LEU B 366 -5.94 -14.30 -26.33
CA LEU B 366 -7.39 -14.21 -26.28
C LEU B 366 -7.88 -14.55 -24.88
N ARG B 367 -7.37 -15.64 -24.32
CA ARG B 367 -7.75 -16.04 -22.98
C ARG B 367 -7.40 -14.89 -22.04
N ALA B 368 -6.19 -14.37 -22.24
CA ALA B 368 -5.68 -13.26 -21.43
C ALA B 368 -6.72 -12.15 -21.31
N PHE B 369 -7.04 -11.54 -22.44
CA PHE B 369 -8.02 -10.46 -22.47
C PHE B 369 -9.40 -10.99 -22.11
N GLY B 370 -9.71 -12.20 -22.54
CA GLY B 370 -11.01 -12.78 -22.20
C GLY B 370 -11.28 -12.54 -20.72
N ALA B 371 -10.58 -13.28 -19.87
CA ALA B 371 -10.76 -13.15 -18.43
C ALA B 371 -10.33 -11.80 -17.94
N SER B 372 -10.08 -10.87 -18.86
CA SER B 372 -9.60 -9.55 -18.48
C SER B 372 -10.18 -8.39 -19.26
N GLY B 373 -11.30 -7.85 -18.78
CA GLY B 373 -11.90 -6.71 -19.45
C GLY B 373 -12.08 -6.82 -20.97
N ALA B 374 -12.21 -5.67 -21.63
CA ALA B 374 -12.44 -5.59 -23.07
C ALA B 374 -11.61 -6.58 -23.91
N SER B 375 -12.01 -6.73 -25.17
CA SER B 375 -11.34 -7.64 -26.10
C SER B 375 -10.24 -6.96 -26.93
N LEU B 376 -9.48 -7.77 -27.65
CA LEU B 376 -8.39 -7.30 -28.50
C LEU B 376 -8.64 -7.82 -29.91
N ARG B 377 -7.88 -7.31 -30.86
CA ARG B 377 -7.99 -7.72 -32.25
C ARG B 377 -6.58 -8.03 -32.73
N LEU B 378 -6.43 -9.15 -33.41
CA LEU B 378 -5.12 -9.57 -33.90
C LEU B 378 -4.99 -9.44 -35.40
N HIS B 379 -4.15 -8.50 -35.82
CA HIS B 379 -3.90 -8.25 -37.23
C HIS B 379 -2.57 -8.87 -37.64
N THR B 380 -2.34 -8.93 -38.95
CA THR B 380 -1.10 -9.50 -39.51
C THR B 380 -0.48 -8.52 -40.48
N LEU B 381 0.82 -8.65 -40.66
CA LEU B 381 1.53 -7.81 -41.60
C LEU B 381 1.49 -8.52 -42.93
N HIS B 382 0.88 -7.87 -43.92
CA HIS B 382 0.75 -8.39 -45.25
C HIS B 382 2.14 -8.69 -45.81
N ALA B 383 2.84 -7.59 -46.08
CA ALA B 383 4.19 -7.50 -46.67
C ALA B 383 5.40 -7.98 -45.83
N HIS B 384 6.47 -8.37 -46.53
CA HIS B 384 7.72 -8.84 -45.90
C HIS B 384 8.60 -7.62 -45.54
N PRO B 385 9.62 -7.78 -44.70
CA PRO B 385 10.46 -6.62 -44.35
C PRO B 385 11.22 -5.95 -45.50
N SER B 386 11.75 -6.74 -46.41
CA SER B 386 12.54 -6.27 -47.57
C SER B 386 12.00 -5.30 -48.60
N GLN B 387 10.83 -5.59 -49.15
CA GLN B 387 10.21 -4.72 -50.18
C GLN B 387 10.07 -3.22 -49.91
N GLY B 388 10.87 -2.72 -49.00
CA GLY B 388 10.88 -1.31 -48.63
C GLY B 388 9.51 -0.61 -48.62
N LEU B 389 9.23 0.19 -49.65
CA LEU B 389 7.97 0.93 -49.73
C LEU B 389 6.76 0.08 -49.33
N ALA B 390 6.64 -1.11 -49.93
CA ALA B 390 5.53 -2.02 -49.65
C ALA B 390 5.43 -2.35 -48.16
N PHE B 391 6.57 -2.65 -47.54
CA PHE B 391 6.61 -2.99 -46.11
C PHE B 391 6.07 -1.84 -45.28
N ARG B 392 6.79 -0.71 -45.29
CA ARG B 392 6.39 0.48 -44.54
C ARG B 392 4.97 0.91 -44.89
N GLU B 393 4.39 0.31 -45.93
CA GLU B 393 3.03 0.64 -46.36
C GLU B 393 2.03 0.09 -45.35
N ALA B 394 2.09 -1.21 -45.10
CA ALA B 394 1.19 -1.84 -44.15
C ALA B 394 1.42 -1.27 -42.75
N LEU B 395 2.61 -0.72 -42.50
CA LEU B 395 2.94 -0.15 -41.20
C LEU B 395 1.95 0.93 -40.81
N ARG B 396 1.89 2.01 -41.58
CA ARG B 396 0.95 3.08 -41.30
C ARG B 396 -0.45 2.49 -41.52
N LYS B 397 -0.55 1.56 -42.47
CA LYS B 397 -1.81 0.89 -42.78
C LYS B 397 -2.31 0.17 -41.52
N ALA B 398 -1.37 -0.43 -40.79
CA ALA B 398 -1.65 -1.17 -39.57
C ALA B 398 -1.85 -0.23 -38.39
N LYS B 399 -1.13 0.89 -38.40
CA LYS B 399 -1.25 1.86 -37.32
C LYS B 399 -2.63 2.50 -37.42
N GLU B 400 -3.04 2.79 -38.65
CA GLU B 400 -4.33 3.40 -38.92
C GLU B 400 -5.49 2.43 -38.65
N GLU B 401 -5.17 1.24 -38.18
CA GLU B 401 -6.22 0.27 -37.87
C GLU B 401 -6.11 -0.07 -36.40
N GLY B 402 -5.34 0.73 -35.65
CA GLY B 402 -5.21 0.52 -34.21
C GLY B 402 -3.95 -0.09 -33.63
N VAL B 403 -3.36 -1.07 -34.32
CA VAL B 403 -2.16 -1.76 -33.88
C VAL B 403 -1.27 -0.88 -33.00
N GLN B 404 -1.10 -1.32 -31.75
CA GLN B 404 -0.28 -0.59 -30.81
C GLN B 404 1.11 -1.19 -30.64
N ALA B 405 1.26 -2.47 -30.97
CA ALA B 405 2.55 -3.16 -30.85
C ALA B 405 2.70 -4.32 -31.83
N VAL B 406 3.92 -4.76 -32.08
CA VAL B 406 4.15 -5.86 -33.02
C VAL B 406 4.92 -7.05 -32.43
N LEU B 407 4.52 -8.25 -32.82
CA LEU B 407 5.21 -9.45 -32.36
C LEU B 407 6.02 -9.88 -33.57
N VAL B 408 7.31 -10.14 -33.38
CA VAL B 408 8.15 -10.54 -34.50
C VAL B 408 8.75 -11.93 -34.33
N LEU B 409 8.24 -12.91 -35.08
CA LEU B 409 8.76 -14.27 -35.02
C LEU B 409 9.83 -14.44 -36.09
N THR B 410 11.09 -14.55 -35.68
CA THR B 410 12.22 -14.67 -36.60
C THR B 410 13.39 -15.52 -36.11
N PRO B 411 14.30 -15.93 -37.01
CA PRO B 411 15.43 -16.71 -36.51
C PRO B 411 16.33 -15.72 -35.81
N PRO B 412 17.27 -16.20 -35.00
CA PRO B 412 18.12 -15.20 -34.34
C PRO B 412 18.69 -14.20 -35.34
N MET B 413 18.83 -12.95 -34.91
CA MET B 413 19.34 -11.91 -35.78
C MET B 413 20.55 -11.21 -35.18
N ALA B 414 21.61 -11.03 -35.96
CA ALA B 414 22.80 -10.32 -35.46
C ALA B 414 22.26 -8.93 -35.14
N TRP B 415 22.58 -8.41 -33.96
CA TRP B 415 22.04 -7.11 -33.56
C TRP B 415 22.24 -6.01 -34.59
N GLU B 416 23.09 -6.25 -35.57
CA GLU B 416 23.29 -5.24 -36.61
C GLU B 416 21.95 -5.13 -37.34
N ASP B 417 21.36 -6.27 -37.67
CA ASP B 417 20.07 -6.32 -38.37
C ASP B 417 18.93 -6.10 -37.37
N ARG B 418 19.13 -6.58 -36.15
CA ARG B 418 18.15 -6.47 -35.07
C ARG B 418 17.78 -5.01 -34.77
N ASN B 419 18.78 -4.16 -34.67
CA ASN B 419 18.55 -2.76 -34.38
C ASN B 419 17.87 -1.98 -35.48
N ARG B 420 18.21 -2.29 -36.73
CA ARG B 420 17.62 -1.58 -37.85
C ARG B 420 16.12 -1.78 -37.87
N LEU B 421 15.70 -3.03 -37.66
CA LEU B 421 14.29 -3.40 -37.63
C LEU B 421 13.56 -2.63 -36.54
N LYS B 422 14.08 -2.71 -35.32
CA LYS B 422 13.50 -2.03 -34.17
C LYS B 422 13.53 -0.53 -34.34
N ALA B 423 14.64 0.01 -34.81
CA ALA B 423 14.74 1.43 -35.01
C ALA B 423 13.70 1.87 -36.04
N LEU B 424 13.56 1.09 -37.10
CA LEU B 424 12.62 1.38 -38.19
C LEU B 424 11.15 1.41 -37.72
N LEU B 425 10.66 0.27 -37.28
CA LEU B 425 9.29 0.13 -36.80
C LEU B 425 8.99 1.24 -35.81
N LEU B 426 9.84 1.34 -34.80
CA LEU B 426 9.71 2.33 -33.75
C LEU B 426 9.58 3.72 -34.37
N ARG B 427 10.42 4.01 -35.36
CA ARG B 427 10.36 5.30 -36.03
C ARG B 427 8.99 5.43 -36.71
N GLU B 428 8.39 4.29 -37.08
CA GLU B 428 7.07 4.33 -37.71
C GLU B 428 5.98 4.42 -36.63
N GLY B 429 6.40 4.45 -35.37
CA GLY B 429 5.47 4.56 -34.25
C GLY B 429 5.07 3.26 -33.55
N LEU B 430 5.61 2.13 -34.00
CA LEU B 430 5.26 0.81 -33.45
C LEU B 430 6.29 0.08 -32.58
N PRO B 431 6.02 -0.03 -31.27
CA PRO B 431 7.00 -0.73 -30.45
C PRO B 431 7.07 -2.17 -30.97
N SER B 432 8.15 -2.89 -30.65
CA SER B 432 8.27 -4.24 -31.16
C SER B 432 8.85 -5.25 -30.19
N GLN B 433 8.33 -6.46 -30.25
CA GLN B 433 8.77 -7.55 -29.39
C GLN B 433 9.29 -8.73 -30.20
N ILE B 434 10.58 -9.08 -30.03
CA ILE B 434 11.20 -10.18 -30.77
C ILE B 434 11.10 -11.55 -30.07
N LEU B 435 10.75 -12.59 -30.83
CA LEU B 435 10.64 -13.96 -30.32
C LEU B 435 11.25 -14.92 -31.34
N ASN B 436 12.33 -15.61 -30.98
CA ASN B 436 13.01 -16.50 -31.92
C ASN B 436 12.27 -17.72 -32.40
N VAL B 437 12.15 -17.78 -33.74
CA VAL B 437 11.41 -18.78 -34.48
C VAL B 437 11.42 -20.25 -34.08
N PRO B 438 12.61 -20.86 -33.84
CA PRO B 438 12.36 -22.26 -33.46
C PRO B 438 11.72 -22.21 -32.08
N LEU B 439 10.40 -22.33 -32.05
CA LEU B 439 9.64 -22.27 -30.81
C LEU B 439 8.66 -23.43 -30.65
N ARG B 440 8.63 -24.00 -29.46
CA ARG B 440 7.75 -25.11 -29.15
C ARG B 440 6.76 -24.62 -28.11
N GLU B 441 5.51 -25.06 -28.17
CA GLU B 441 4.51 -24.62 -27.20
C GLU B 441 5.07 -24.93 -25.82
N GLU B 442 5.86 -25.98 -25.79
CA GLU B 442 6.47 -26.51 -24.58
C GLU B 442 7.38 -25.55 -23.81
N GLU B 443 7.96 -24.57 -24.50
CA GLU B 443 8.84 -23.57 -23.90
C GLU B 443 8.00 -22.40 -23.40
N ARG B 444 7.04 -22.72 -22.53
CA ARG B 444 6.14 -21.74 -21.98
C ARG B 444 6.90 -20.53 -21.45
N HIS B 445 7.79 -20.77 -20.49
CA HIS B 445 8.61 -19.73 -19.86
C HIS B 445 9.09 -18.63 -20.84
N ARG B 446 9.60 -19.04 -21.98
CA ARG B 446 10.10 -18.11 -22.98
C ARG B 446 9.01 -17.29 -23.67
N TRP B 447 8.06 -17.92 -24.37
CA TRP B 447 7.03 -17.12 -25.05
C TRP B 447 6.05 -16.41 -24.11
N GLU B 448 5.96 -16.87 -22.87
CA GLU B 448 5.10 -16.23 -21.88
C GLU B 448 5.72 -14.86 -21.60
N ASN B 449 7.05 -14.86 -21.42
CA ASN B 449 7.78 -13.61 -21.17
C ASN B 449 7.67 -12.73 -22.39
N ALA B 450 7.73 -13.34 -23.58
CA ALA B 450 7.62 -12.61 -24.85
C ALA B 450 6.29 -11.90 -24.94
N LEU B 451 5.22 -12.60 -24.59
CA LEU B 451 3.89 -12.02 -24.63
C LEU B 451 3.68 -10.99 -23.53
N LEU B 452 4.19 -11.28 -22.35
CA LEU B 452 4.02 -10.35 -21.25
C LEU B 452 4.70 -9.00 -21.57
N GLY B 453 5.82 -9.07 -22.26
CA GLY B 453 6.56 -7.88 -22.63
C GLY B 453 5.88 -7.11 -23.74
N LEU B 454 5.44 -7.84 -24.76
CA LEU B 454 4.74 -7.26 -25.90
C LEU B 454 3.53 -6.44 -25.45
N LEU B 455 2.81 -6.92 -24.45
CA LEU B 455 1.66 -6.19 -23.93
C LEU B 455 2.10 -4.93 -23.23
N ALA B 456 3.19 -5.01 -22.48
CA ALA B 456 3.71 -3.86 -21.76
C ALA B 456 4.02 -2.75 -22.76
N LYS B 457 4.56 -3.14 -23.91
CA LYS B 457 4.92 -2.20 -24.96
C LYS B 457 3.69 -1.60 -25.64
N ALA B 458 2.57 -2.30 -25.54
CA ALA B 458 1.32 -1.84 -26.13
C ALA B 458 0.55 -1.00 -25.11
N GLY B 459 1.27 -0.55 -24.08
CA GLY B 459 0.67 0.27 -23.04
C GLY B 459 -0.19 -0.37 -21.97
N LEU B 460 -0.30 -1.70 -21.93
CA LEU B 460 -1.13 -2.34 -20.89
C LEU B 460 -0.48 -2.42 -19.51
N GLN B 461 -1.30 -2.32 -18.47
CA GLN B 461 -0.82 -2.37 -17.09
C GLN B 461 -1.15 -3.73 -16.46
N VAL B 462 -0.44 -4.77 -16.88
CA VAL B 462 -0.66 -6.12 -16.41
C VAL B 462 -0.87 -6.28 -14.91
N VAL B 463 0.02 -5.72 -14.10
CA VAL B 463 -0.14 -5.84 -12.64
C VAL B 463 0.07 -4.52 -11.91
N ALA B 464 -0.22 -4.52 -10.61
CA ALA B 464 -0.05 -3.33 -9.80
C ALA B 464 -0.20 -3.71 -8.33
N LEU B 465 0.12 -2.76 -7.45
CA LEU B 465 0.05 -3.02 -6.01
C LEU B 465 -1.18 -2.41 -5.35
N SER B 466 -1.49 -2.85 -4.13
CA SER B 466 -2.65 -2.35 -3.39
C SER B 466 -2.58 -0.85 -3.06
N GLY B 467 -1.38 -0.35 -2.74
CA GLY B 467 -1.21 1.06 -2.45
C GLY B 467 -1.14 1.45 -0.99
N TYR B 469 1.74 3.98 -0.04
CA TYR B 469 3.13 4.40 0.21
C TYR B 469 3.36 5.88 0.44
N PRO B 470 4.42 6.19 1.20
CA PRO B 470 4.85 7.55 1.56
C PRO B 470 5.18 8.46 0.37
N ALA B 471 5.05 7.95 -0.85
CA ALA B 471 5.33 8.76 -2.04
C ALA B 471 4.49 8.25 -3.22
N GLU B 472 3.53 9.08 -3.62
CA GLU B 472 2.63 8.77 -4.72
C GLU B 472 3.36 8.65 -6.07
N LEU B 473 4.58 9.17 -6.11
CA LEU B 473 5.39 9.15 -7.33
C LEU B 473 6.87 8.81 -7.07
N ALA B 474 7.27 7.61 -7.47
CA ALA B 474 8.65 7.18 -7.32
C ALA B 474 9.31 7.36 -8.69
N VAL B 475 10.49 7.97 -8.72
CA VAL B 475 11.16 8.17 -10.01
C VAL B 475 12.62 7.75 -10.01
N GLY B 476 13.01 7.06 -11.08
CA GLY B 476 14.37 6.58 -11.21
C GLY B 476 15.15 7.30 -12.29
N PHE B 477 16.45 7.50 -12.03
CA PHE B 477 17.33 8.21 -12.96
C PHE B 477 18.62 7.43 -13.27
N ASP B 478 18.88 7.19 -14.54
CA ASP B 478 20.09 6.48 -14.97
C ASP B 478 20.80 7.40 -15.95
N ALA B 479 22.09 7.17 -16.17
CA ALA B 479 22.85 8.01 -17.08
C ALA B 479 23.95 7.32 -17.89
N GLY B 480 24.27 7.93 -19.02
CA GLY B 480 25.32 7.43 -19.89
C GLY B 480 26.65 8.10 -19.57
N GLY B 481 27.68 7.28 -19.34
CA GLY B 481 28.99 7.81 -19.02
C GLY B 481 29.54 7.06 -17.81
N ARG B 482 28.63 6.45 -17.05
CA ARG B 482 28.97 5.68 -15.86
C ARG B 482 29.38 6.59 -14.71
N GLU B 483 29.41 7.90 -14.95
CA GLU B 483 29.82 8.83 -13.89
C GLU B 483 29.39 10.28 -14.07
N SER B 484 28.40 10.55 -14.92
CA SER B 484 27.96 11.93 -15.13
C SER B 484 26.79 12.11 -16.09
N PHE B 485 26.06 13.20 -15.92
CA PHE B 485 24.93 13.51 -16.80
C PHE B 485 25.35 14.47 -17.91
N ARG B 486 26.65 14.78 -17.95
CA ARG B 486 27.18 15.68 -18.96
C ARG B 486 27.32 14.92 -20.27
N PHE B 487 26.34 14.06 -20.54
CA PHE B 487 26.32 13.27 -21.77
C PHE B 487 24.87 12.89 -22.06
N GLY B 488 24.01 13.03 -21.06
CA GLY B 488 22.61 12.70 -21.24
C GLY B 488 22.19 11.54 -20.34
N GLY B 489 20.88 11.29 -20.27
CA GLY B 489 20.38 10.21 -19.44
C GLY B 489 18.90 10.00 -19.70
N ALA B 490 18.24 9.29 -18.80
CA ALA B 490 16.81 9.01 -18.91
C ALA B 490 16.17 8.71 -17.56
N ALA B 491 14.84 8.76 -17.50
CA ALA B 491 14.14 8.49 -16.26
C ALA B 491 12.88 7.68 -16.54
N CYS B 492 12.34 7.02 -15.51
CA CYS B 492 11.13 6.21 -15.59
C CYS B 492 10.44 6.38 -14.25
N ALA B 493 9.12 6.49 -14.22
CA ALA B 493 8.42 6.65 -12.95
C ALA B 493 7.11 5.88 -12.84
N VAL B 494 6.75 5.58 -11.59
CA VAL B 494 5.54 4.83 -11.28
C VAL B 494 4.94 5.39 -9.99
N GLY B 495 3.75 4.89 -9.63
CA GLY B 495 3.10 5.35 -8.40
C GLY B 495 2.04 4.44 -7.78
N GLY B 496 2.39 3.19 -7.52
CA GLY B 496 1.46 2.25 -6.92
C GLY B 496 0.55 1.51 -7.90
N GLY B 499 -1.32 1.75 -10.40
CA GLY B 499 -0.09 2.49 -10.60
C GLY B 499 0.59 2.25 -11.95
N HIS B 500 0.32 3.16 -12.89
CA HIS B 500 0.87 3.11 -14.25
C HIS B 500 2.27 3.68 -14.28
N LEU B 501 3.09 3.19 -15.21
CA LEU B 501 4.46 3.66 -15.34
C LEU B 501 4.71 4.28 -16.69
N LEU B 502 5.68 5.21 -16.72
CA LEU B 502 6.02 5.95 -17.94
C LEU B 502 7.50 6.33 -18.07
N TRP B 503 7.96 6.51 -19.30
CA TRP B 503 9.35 6.89 -19.54
C TRP B 503 9.49 8.31 -20.05
N THR B 504 10.72 8.81 -19.96
CA THR B 504 11.07 10.16 -20.37
C THR B 504 12.47 10.22 -20.98
N LEU B 505 12.76 11.30 -21.70
CA LEU B 505 14.08 11.47 -22.29
C LEU B 505 14.59 12.90 -22.23
N PRO B 506 15.83 13.05 -21.78
CA PRO B 506 16.44 14.35 -21.67
C PRO B 506 16.08 15.09 -22.95
N GLU B 507 15.85 16.40 -22.87
CA GLU B 507 15.51 17.19 -24.06
C GLU B 507 16.77 17.76 -24.75
N ALA B 508 17.31 18.87 -24.25
CA ALA B 508 18.52 19.49 -24.86
C ALA B 508 19.68 19.57 -23.87
N GLN B 509 20.82 20.11 -24.30
CA GLN B 509 21.98 20.19 -23.42
C GLN B 509 22.75 21.52 -23.32
N ALA B 510 22.05 22.58 -22.91
CA ALA B 510 22.67 23.91 -22.77
C ALA B 510 23.69 24.21 -23.86
N ILE B 514 26.62 21.26 -18.29
CA ILE B 514 25.70 21.72 -17.25
C ILE B 514 24.67 20.62 -16.91
N PRO B 515 25.12 19.54 -16.25
CA PRO B 515 24.25 18.43 -15.86
C PRO B 515 23.11 18.67 -14.85
N GLN B 516 23.14 19.75 -14.09
CA GLN B 516 22.06 19.98 -13.11
C GLN B 516 20.70 20.21 -13.76
N GLU B 517 20.69 20.50 -15.06
CA GLU B 517 19.43 20.75 -15.77
C GLU B 517 18.90 19.50 -16.44
N VAL B 518 19.80 18.61 -16.86
CA VAL B 518 19.40 17.36 -17.49
C VAL B 518 18.38 16.73 -16.57
N VAL B 519 18.71 16.71 -15.29
CA VAL B 519 17.87 16.11 -14.28
C VAL B 519 16.52 16.79 -14.03
N TRP B 520 16.52 18.09 -13.73
CA TRP B 520 15.24 18.77 -13.47
C TRP B 520 14.29 18.71 -14.68
N ASP B 521 14.85 18.52 -15.87
CA ASP B 521 14.04 18.45 -17.07
C ASP B 521 13.28 17.12 -17.09
N LEU B 522 13.99 16.06 -16.75
CA LEU B 522 13.45 14.71 -16.71
C LEU B 522 12.34 14.62 -15.66
N LEU B 523 12.68 14.99 -14.44
CA LEU B 523 11.71 14.98 -13.36
C LEU B 523 10.49 15.81 -13.78
N GLU B 524 10.75 16.95 -14.41
CA GLU B 524 9.69 17.84 -14.86
C GLU B 524 8.75 17.17 -15.87
N GLU B 525 9.28 16.74 -17.01
CA GLU B 525 8.47 16.09 -18.05
C GLU B 525 7.70 14.88 -17.49
N THR B 526 7.91 14.62 -16.21
CA THR B 526 7.25 13.53 -15.50
C THR B 526 6.15 14.15 -14.66
N LEU B 527 6.54 15.08 -13.79
CA LEU B 527 5.56 15.78 -12.95
C LEU B 527 4.43 16.19 -13.88
N TRP B 528 4.80 16.53 -15.12
CA TRP B 528 3.83 16.94 -16.14
C TRP B 528 2.82 15.80 -16.30
N ALA B 529 3.28 14.69 -16.86
CA ALA B 529 2.42 13.52 -17.09
C ALA B 529 1.60 13.14 -15.85
N PHE B 530 2.05 13.57 -14.67
CA PHE B 530 1.36 13.28 -13.41
C PHE B 530 0.34 14.38 -13.11
N ARG B 531 0.44 15.48 -13.86
CA ARG B 531 -0.47 16.62 -13.71
C ARG B 531 -1.68 16.41 -14.61
N ARG B 532 -1.51 15.60 -15.64
CA ARG B 532 -2.59 15.31 -16.59
C ARG B 532 -3.06 13.87 -16.49
N ALA B 534 -3.54 12.10 -14.51
CA ALA B 534 -4.43 11.88 -13.37
C ALA B 534 -4.91 13.15 -12.66
N GLY B 535 -4.14 14.24 -12.70
CA GLY B 535 -4.64 15.43 -12.03
C GLY B 535 -3.82 16.62 -11.59
N ARG B 536 -3.39 16.62 -10.32
CA ARG B 536 -2.67 17.76 -9.79
C ARG B 536 -1.19 17.57 -9.51
N LEU B 537 -0.77 18.13 -8.37
CA LEU B 537 0.62 18.07 -7.91
C LEU B 537 0.90 16.78 -7.12
N PRO B 538 2.19 16.39 -7.04
CA PRO B 538 2.66 15.20 -6.34
C PRO B 538 2.72 15.35 -4.82
N SER B 539 2.02 14.47 -4.11
CA SER B 539 2.02 14.52 -2.65
C SER B 539 3.47 14.48 -2.20
N ARG B 540 4.14 13.38 -2.56
CA ARG B 540 5.54 13.15 -2.22
C ARG B 540 6.25 12.53 -3.43
N VAL B 541 7.58 12.69 -3.50
CA VAL B 541 8.35 12.12 -4.60
C VAL B 541 9.60 11.40 -4.11
N LEU B 542 9.76 10.16 -4.57
CA LEU B 542 10.90 9.32 -4.22
C LEU B 542 11.83 9.29 -5.42
N LEU B 543 12.98 9.93 -5.29
CA LEU B 543 13.95 9.99 -6.37
C LEU B 543 15.05 8.97 -6.14
N LEU B 544 15.16 8.02 -7.07
CA LEU B 544 16.15 6.97 -6.97
C LEU B 544 17.26 7.18 -8.00
N ARG B 545 18.45 6.67 -7.73
CA ARG B 545 19.53 6.87 -8.66
C ARG B 545 20.71 5.91 -8.45
N ASP B 546 21.39 5.55 -9.54
CA ASP B 546 22.53 4.65 -9.50
C ASP B 546 23.70 5.27 -8.75
N GLY B 547 23.45 6.42 -8.13
CA GLY B 547 24.43 7.17 -7.35
C GLY B 547 25.93 7.10 -7.59
N ARG B 548 26.33 6.74 -8.81
CA ARG B 548 27.74 6.66 -9.16
C ARG B 548 28.11 7.98 -9.81
N VAL B 549 27.43 9.04 -9.39
CA VAL B 549 27.67 10.36 -9.95
C VAL B 549 27.54 11.42 -8.87
N PRO B 550 28.41 12.45 -8.89
CA PRO B 550 28.35 13.52 -7.88
C PRO B 550 26.92 13.98 -7.56
N GLN B 551 26.59 14.02 -6.27
CA GLN B 551 25.25 14.40 -5.83
C GLN B 551 24.69 15.67 -6.48
N ASP B 552 25.35 16.79 -6.21
CA ASP B 552 24.97 18.12 -6.71
C ASP B 552 24.10 18.19 -7.97
N GLU B 553 24.29 17.25 -8.88
CA GLU B 553 23.53 17.25 -10.11
C GLU B 553 22.01 17.17 -9.93
N PHE B 554 21.55 17.18 -8.68
CA PHE B 554 20.11 17.14 -8.41
C PHE B 554 19.65 18.45 -7.76
N ALA B 555 20.60 19.35 -7.54
CA ALA B 555 20.30 20.65 -6.95
C ALA B 555 19.02 21.23 -7.55
N LEU B 556 19.11 21.64 -8.81
CA LEU B 556 17.96 22.22 -9.53
C LEU B 556 16.61 21.54 -9.28
N ALA B 557 16.56 20.22 -9.40
CA ALA B 557 15.31 19.51 -9.19
C ALA B 557 14.89 19.58 -7.72
N LEU B 558 15.86 19.49 -6.83
CA LEU B 558 15.54 19.57 -5.41
C LEU B 558 15.09 21.00 -5.14
N GLU B 559 15.94 21.95 -5.51
CA GLU B 559 15.67 23.37 -5.33
C GLU B 559 14.27 23.67 -5.86
N ALA B 560 14.08 23.41 -7.15
CA ALA B 560 12.80 23.65 -7.80
C ALA B 560 11.67 22.94 -7.06
N LEU B 561 11.88 21.67 -6.75
CA LEU B 561 10.87 20.85 -6.06
C LEU B 561 10.34 21.56 -4.80
N ALA B 562 11.26 22.16 -4.04
CA ALA B 562 10.86 22.89 -2.83
C ALA B 562 10.02 24.06 -3.30
N ARG B 563 10.51 24.78 -4.30
CA ARG B 563 9.82 25.93 -4.87
C ARG B 563 8.43 25.53 -5.35
N GLU B 564 8.16 24.22 -5.39
CA GLU B 564 6.86 23.71 -5.83
C GLU B 564 5.97 23.41 -4.62
N GLY B 565 6.61 23.31 -3.45
CA GLY B 565 5.87 23.01 -2.24
C GLY B 565 5.86 21.52 -1.94
N ILE B 566 5.95 20.69 -2.98
CA ILE B 566 5.94 19.23 -2.86
C ILE B 566 7.15 18.71 -2.07
N ALA B 567 6.94 17.63 -1.31
CA ALA B 567 8.00 17.04 -0.51
C ALA B 567 8.68 15.93 -1.29
N TYR B 568 10.00 15.85 -1.12
CA TYR B 568 10.81 14.86 -1.82
C TYR B 568 11.65 13.98 -0.90
N ASP B 569 12.35 13.04 -1.53
CA ASP B 569 13.24 12.09 -0.86
C ASP B 569 14.25 11.66 -1.91
N LEU B 570 15.54 11.77 -1.58
CA LEU B 570 16.59 11.40 -2.54
C LEU B 570 17.39 10.22 -2.01
N VAL B 571 17.22 9.07 -2.64
CA VAL B 571 17.90 7.85 -2.25
C VAL B 571 18.84 7.37 -3.35
N SER B 572 20.06 6.99 -2.97
CA SER B 572 21.01 6.50 -3.96
C SER B 572 21.15 5.01 -3.73
N VAL B 573 20.78 4.23 -4.74
CA VAL B 573 20.86 2.78 -4.68
C VAL B 573 22.11 2.31 -5.39
N ARG B 574 22.89 1.46 -4.74
CA ARG B 574 24.10 0.95 -5.37
C ARG B 574 23.98 -0.53 -5.58
N LYS B 575 24.36 -0.99 -6.76
CA LYS B 575 24.24 -2.40 -7.08
C LYS B 575 25.26 -3.27 -6.36
N SER B 576 26.25 -2.67 -5.71
CA SER B 576 27.25 -3.47 -5.00
C SER B 576 28.12 -2.67 -4.02
N GLY B 577 28.44 -3.27 -2.88
CA GLY B 577 29.26 -2.61 -1.88
C GLY B 577 28.90 -2.96 -0.45
N GLY B 578 27.68 -3.44 -0.22
CA GLY B 578 27.26 -3.79 1.13
C GLY B 578 27.56 -5.21 1.60
N GLY B 579 28.70 -5.75 1.18
CA GLY B 579 29.10 -7.09 1.59
C GLY B 579 28.06 -8.20 1.53
N ARG B 580 28.07 -9.06 2.55
CA ARG B 580 27.14 -10.18 2.64
C ARG B 580 26.33 -10.21 3.97
N VAL B 581 25.15 -10.80 3.92
CA VAL B 581 24.29 -10.94 5.11
C VAL B 581 23.98 -12.41 5.32
N TYR B 582 24.01 -12.84 6.57
CA TYR B 582 23.74 -14.23 6.90
C TYR B 582 22.83 -14.25 8.10
N PRO B 583 21.88 -15.19 8.13
CA PRO B 583 20.95 -15.30 9.25
C PRO B 583 21.61 -15.93 10.47
N VAL B 584 21.43 -15.32 11.63
CA VAL B 584 22.02 -15.86 12.85
C VAL B 584 21.63 -17.33 12.94
N GLN B 585 20.33 -17.58 12.90
CA GLN B 585 19.79 -18.94 12.97
C GLN B 585 18.50 -18.99 12.17
N GLY B 586 18.38 -19.97 11.29
CA GLY B 586 17.17 -20.07 10.51
C GLY B 586 17.44 -20.06 9.03
N ARG B 587 16.59 -19.38 8.28
CA ARG B 587 16.76 -19.30 6.84
C ARG B 587 16.62 -17.86 6.37
N LEU B 588 17.37 -17.50 5.33
CA LEU B 588 17.29 -16.15 4.76
C LEU B 588 15.85 -15.95 4.25
N ALA B 589 15.29 -14.76 4.42
CA ALA B 589 13.95 -14.50 3.90
C ALA B 589 14.10 -13.49 2.78
N ASP B 590 13.00 -13.05 2.22
CA ASP B 590 13.12 -12.04 1.19
C ASP B 590 12.62 -10.77 1.84
N GLY B 591 13.07 -9.64 1.32
CA GLY B 591 12.65 -8.37 1.88
C GLY B 591 13.22 -8.17 3.26
N LEU B 592 14.53 -8.29 3.37
CA LEU B 592 15.20 -8.10 4.65
C LEU B 592 15.89 -6.73 4.63
N TYR B 593 15.64 -5.95 5.67
CA TYR B 593 16.20 -4.61 5.77
C TYR B 593 17.18 -4.52 6.94
N VAL B 594 18.37 -3.99 6.67
CA VAL B 594 19.43 -3.85 7.67
C VAL B 594 20.04 -2.46 7.79
N PRO B 595 19.82 -1.77 8.93
CA PRO B 595 20.40 -0.43 9.12
C PRO B 595 21.89 -0.57 9.46
N LEU B 596 22.68 0.42 9.07
CA LEU B 596 24.11 0.41 9.33
C LEU B 596 24.44 1.83 9.76
N GLU B 597 25.66 2.28 9.52
CA GLU B 597 26.02 3.64 9.92
C GLU B 597 24.78 4.38 9.39
N ASP B 598 24.32 5.42 10.09
CA ASP B 598 23.11 6.15 9.70
C ASP B 598 23.12 6.89 8.36
N LYS B 599 21.90 7.01 7.79
CA LYS B 599 21.64 7.62 6.49
C LYS B 599 21.84 6.51 5.45
N THR B 600 22.38 5.37 5.89
CA THR B 600 22.63 4.26 4.99
C THR B 600 22.10 2.92 5.52
N PHE B 601 21.76 2.02 4.61
CA PHE B 601 21.25 0.69 4.98
C PHE B 601 21.33 -0.32 3.83
N LEU B 602 21.38 -1.60 4.17
CA LEU B 602 21.42 -2.68 3.17
C LEU B 602 20.01 -3.19 2.92
N LEU B 603 19.77 -3.73 1.74
CA LEU B 603 18.45 -4.26 1.45
C LEU B 603 18.51 -5.56 0.64
N LEU B 604 18.36 -6.70 1.31
CA LEU B 604 18.35 -7.97 0.63
C LEU B 604 16.95 -8.00 0.08
N THR B 605 16.81 -8.07 -1.23
CA THR B 605 15.49 -8.04 -1.85
C THR B 605 15.00 -9.36 -2.41
N VAL B 606 15.91 -10.08 -3.05
CA VAL B 606 15.54 -11.35 -3.63
C VAL B 606 16.49 -12.48 -3.27
N HIS B 607 15.90 -13.65 -3.16
CA HIS B 607 16.56 -14.90 -2.87
C HIS B 607 15.52 -15.72 -3.61
N ARG B 608 15.90 -16.69 -4.42
CA ARG B 608 14.86 -17.43 -5.15
C ARG B 608 15.20 -18.87 -5.45
N ARG B 611 20.40 -19.98 -6.58
CA ARG B 611 20.92 -20.87 -5.55
C ARG B 611 22.26 -20.38 -4.98
N GLY B 612 22.73 -19.22 -5.45
CA GLY B 612 23.98 -18.66 -4.97
C GLY B 612 23.75 -17.78 -3.74
N THR B 613 24.66 -16.86 -3.48
CA THR B 613 24.49 -16.01 -2.32
C THR B 613 23.93 -14.66 -2.68
N PRO B 614 22.77 -14.28 -2.12
CA PRO B 614 22.19 -12.97 -2.44
C PRO B 614 23.13 -11.81 -2.12
N ARG B 615 23.27 -10.90 -3.06
CA ARG B 615 24.13 -9.74 -2.89
C ARG B 615 23.23 -8.58 -2.54
N PRO B 616 23.18 -8.19 -1.25
CA PRO B 616 22.33 -7.10 -0.82
C PRO B 616 22.57 -5.77 -1.52
N LEU B 617 21.59 -4.88 -1.45
CA LEU B 617 21.72 -3.55 -2.05
C LEU B 617 22.21 -2.64 -0.94
N LYS B 618 22.79 -1.50 -1.32
CA LYS B 618 23.33 -0.53 -0.37
C LYS B 618 22.79 0.84 -0.73
N LEU B 619 21.75 1.25 -0.03
CA LEU B 619 21.14 2.53 -0.30
C LEU B 619 21.61 3.53 0.73
N VAL B 620 21.53 4.80 0.37
CA VAL B 620 21.91 5.90 1.24
C VAL B 620 20.88 7.00 1.13
N HIS B 621 20.33 7.42 2.26
CA HIS B 621 19.32 8.48 2.32
C HIS B 621 20.08 9.81 2.33
N GLU B 622 20.16 10.42 1.15
CA GLU B 622 20.89 11.66 0.95
C GLU B 622 20.11 12.91 1.29
N ALA B 623 18.85 12.96 0.89
CA ALA B 623 18.01 14.13 1.16
C ALA B 623 16.58 13.73 1.42
N GLY B 624 16.02 14.23 2.51
CA GLY B 624 14.65 13.90 2.86
C GLY B 624 14.55 13.66 4.34
N ASP B 625 13.32 13.51 4.84
CA ASP B 625 13.11 13.30 6.27
C ASP B 625 12.49 11.97 6.65
N THR B 626 11.64 11.41 5.78
CA THR B 626 11.00 10.14 6.07
C THR B 626 12.04 9.18 6.66
N PRO B 627 11.61 8.24 7.52
CA PRO B 627 12.51 7.25 8.14
C PRO B 627 12.95 6.13 7.20
N LEU B 628 14.18 5.66 7.36
CA LEU B 628 14.75 4.60 6.53
C LEU B 628 13.80 3.44 6.34
N GLU B 629 13.28 2.95 7.45
CA GLU B 629 12.36 1.82 7.46
C GLU B 629 11.26 1.97 6.41
N ALA B 630 10.68 3.17 6.29
CA ALA B 630 9.59 3.39 5.33
C ALA B 630 10.03 3.48 3.86
N LEU B 631 11.29 3.85 3.64
CA LEU B 631 11.82 3.93 2.30
C LEU B 631 12.06 2.49 1.87
N ALA B 632 12.91 1.83 2.64
CA ALA B 632 13.27 0.43 2.42
C ALA B 632 12.03 -0.36 2.09
N HIS B 633 10.93 -0.08 2.80
CA HIS B 633 9.69 -0.80 2.56
C HIS B 633 9.17 -0.52 1.16
N GLN B 634 9.05 0.76 0.80
CA GLN B 634 8.54 1.12 -0.51
C GLN B 634 9.49 0.71 -1.62
N ILE B 635 10.78 0.99 -1.42
CA ILE B 635 11.77 0.62 -2.40
C ILE B 635 11.66 -0.90 -2.64
N PHE B 636 11.55 -1.66 -1.57
CA PHE B 636 11.41 -3.11 -1.71
C PHE B 636 10.18 -3.49 -2.51
N HIS B 637 9.06 -2.82 -2.25
CA HIS B 637 7.83 -3.12 -2.99
C HIS B 637 7.96 -2.82 -4.48
N LEU B 638 8.64 -1.73 -4.82
CA LEU B 638 8.85 -1.32 -6.22
C LEU B 638 9.59 -2.37 -7.04
N THR B 639 10.04 -3.42 -6.36
CA THR B 639 10.75 -4.52 -6.98
C THR B 639 9.83 -5.44 -7.78
N ARG B 640 8.56 -5.46 -7.42
CA ARG B 640 7.62 -6.31 -8.12
C ARG B 640 6.90 -5.62 -9.28
N LEU B 641 7.14 -4.33 -9.44
CA LEU B 641 6.50 -3.58 -10.50
C LEU B 641 7.06 -3.72 -11.89
N TYR B 642 8.14 -4.49 -12.05
CA TYR B 642 8.69 -4.65 -13.38
C TYR B 642 7.76 -5.49 -14.27
N PRO B 643 7.38 -4.94 -15.42
CA PRO B 643 6.50 -5.53 -16.45
C PRO B 643 6.97 -6.74 -17.24
N ALA B 644 8.22 -6.76 -17.67
CA ALA B 644 8.70 -7.87 -18.49
C ALA B 644 9.51 -8.96 -17.80
N SER B 645 9.16 -9.26 -16.55
CA SER B 645 9.85 -10.30 -15.80
C SER B 645 8.92 -11.50 -15.85
N GLY B 646 7.74 -11.34 -15.29
CA GLY B 646 6.78 -12.42 -15.30
C GLY B 646 7.13 -13.70 -14.58
N PHE B 647 8.41 -14.00 -14.46
CA PHE B 647 8.80 -15.23 -13.78
C PHE B 647 9.81 -15.02 -12.67
N ALA B 648 10.21 -13.79 -12.45
CA ALA B 648 11.19 -13.51 -11.41
C ALA B 648 11.31 -12.02 -11.22
N PHE B 649 11.54 -11.60 -9.99
CA PHE B 649 11.66 -10.20 -9.71
C PHE B 649 13.11 -9.74 -9.80
N PRO B 650 13.34 -8.52 -10.31
CA PRO B 650 14.69 -7.97 -10.43
C PRO B 650 15.14 -7.47 -9.05
N ARG B 651 16.44 -7.29 -8.85
CA ARG B 651 16.99 -6.86 -7.56
C ARG B 651 16.76 -5.37 -7.29
N LEU B 652 16.78 -4.57 -8.36
CA LEU B 652 16.58 -3.13 -8.28
C LEU B 652 15.12 -2.73 -8.42
N PRO B 653 14.78 -1.59 -7.82
CA PRO B 653 13.40 -1.10 -7.91
C PRO B 653 13.04 -0.73 -9.36
N ALA B 654 11.94 -1.30 -9.86
CA ALA B 654 11.45 -1.06 -11.23
C ALA B 654 11.88 0.27 -11.83
N PRO B 655 11.63 1.41 -11.11
CA PRO B 655 12.02 2.72 -11.63
C PRO B 655 13.44 2.74 -12.20
N LEU B 656 14.40 2.26 -11.40
CA LEU B 656 15.79 2.20 -11.80
C LEU B 656 16.07 1.08 -12.82
N HIS B 657 15.62 -0.13 -12.54
CA HIS B 657 15.86 -1.25 -13.45
C HIS B 657 15.36 -0.86 -14.83
N LEU B 658 14.28 -0.09 -14.85
CA LEU B 658 13.68 0.37 -16.10
C LEU B 658 14.60 1.37 -16.79
N ALA B 659 14.81 2.54 -16.17
CA ALA B 659 15.69 3.54 -16.77
C ALA B 659 16.96 2.91 -17.34
N ASP B 660 17.59 2.04 -16.56
CA ASP B 660 18.82 1.36 -16.99
C ASP B 660 18.66 0.68 -18.35
N ARG B 661 17.51 0.08 -18.62
CA ARG B 661 17.27 -0.59 -19.89
C ARG B 661 16.92 0.45 -20.94
N LEU B 662 16.34 1.56 -20.51
CA LEU B 662 15.97 2.63 -21.44
C LEU B 662 17.20 3.35 -21.97
N VAL B 663 18.18 3.58 -21.10
CA VAL B 663 19.39 4.25 -21.54
C VAL B 663 20.17 3.33 -22.49
N LYS B 664 20.07 2.03 -22.26
CA LYS B 664 20.76 1.04 -23.09
C LYS B 664 20.14 0.98 -24.49
N GLU B 665 18.83 1.19 -24.58
CA GLU B 665 18.12 1.15 -25.86
C GLU B 665 18.44 2.35 -26.73
N VAL B 666 18.14 3.55 -26.23
CA VAL B 666 18.40 4.79 -26.97
C VAL B 666 19.84 4.75 -27.47
N GLY B 667 20.70 4.02 -26.77
CA GLY B 667 22.09 3.91 -27.16
C GLY B 667 22.23 2.98 -28.35
N ARG B 668 21.83 1.73 -28.15
CA ARG B 668 21.91 0.71 -29.20
C ARG B 668 21.18 1.05 -30.52
N LEU B 669 19.91 1.46 -30.46
CA LEU B 669 19.18 1.79 -31.68
C LEU B 669 19.63 3.13 -32.23
N GLY B 670 20.23 3.95 -31.37
CA GLY B 670 20.70 5.25 -31.81
C GLY B 670 19.59 6.28 -31.87
N ILE B 671 19.05 6.67 -30.70
CA ILE B 671 17.98 7.67 -30.67
C ILE B 671 17.94 8.56 -29.42
N ARG B 672 17.52 9.83 -29.59
CA ARG B 672 17.39 10.78 -28.47
C ARG B 672 16.23 11.72 -28.76
N HIS B 673 15.36 11.19 -29.58
CA HIS B 673 14.12 11.75 -30.04
C HIS B 673 13.35 10.46 -30.30
N LEU B 674 12.40 10.22 -29.40
CA LEU B 674 11.50 9.04 -29.47
C LEU B 674 10.14 9.63 -29.72
N LYS B 675 10.21 10.62 -30.62
CA LYS B 675 9.06 11.45 -31.06
C LYS B 675 7.66 10.74 -31.29
N GLU B 676 7.57 9.51 -31.87
CA GLU B 676 6.24 8.91 -32.12
C GLU B 676 5.64 7.92 -31.09
N VAL B 677 6.39 7.55 -30.05
CA VAL B 677 5.91 6.60 -29.07
C VAL B 677 5.25 7.24 -27.85
N ASP B 678 4.04 6.80 -27.49
CA ASP B 678 3.36 7.31 -26.30
C ASP B 678 4.35 7.15 -25.17
N ARG B 679 4.64 8.23 -24.44
CA ARG B 679 5.59 8.13 -23.34
C ARG B 679 5.20 7.06 -22.33
N GLU B 680 4.02 6.46 -22.50
CA GLU B 680 3.54 5.41 -21.59
C GLU B 680 3.64 4.00 -22.19
N LYS B 681 4.29 3.88 -23.34
CA LYS B 681 4.49 2.59 -23.99
C LYS B 681 5.96 2.15 -23.82
N LEU B 682 6.22 1.35 -22.81
CA LEU B 682 7.57 0.88 -22.51
C LEU B 682 8.18 0.08 -23.64
N PHE B 683 8.62 0.78 -24.69
CA PHE B 683 9.22 0.12 -25.84
C PHE B 683 10.58 -0.52 -25.57
N PHE B 684 11.19 -0.15 -24.45
CA PHE B 684 12.52 -0.64 -24.07
C PHE B 684 12.60 -1.93 -23.24
N VAL B 685 11.46 -2.41 -22.72
CA VAL B 685 11.48 -3.61 -21.92
C VAL B 685 11.87 -4.84 -22.76
MG MG G . -31.54 6.64 7.75
MG MG H . -27.81 4.33 -8.68
P PO4 I . -24.14 10.17 28.30
O1 PO4 I . -23.15 9.82 29.34
O2 PO4 I . -24.30 11.65 28.25
O3 PO4 I . -23.66 9.69 26.98
O4 PO4 I . -25.44 9.54 28.61
MG MG J . 12.97 -7.11 -24.23
#